data_6ES5
#
_entry.id   6ES5
#
loop_
_entity.id
_entity.type
_entity.pdbx_description
1 polymer CID
2 polymer NCBD
#
loop_
_entity_poly.entity_id
_entity_poly.type
_entity_poly.pdbx_seq_one_letter_code
_entity_poly.pdbx_strand_id
1 'polypeptide(L)' GSESQNDEKALLDQLDSLLSSTDEMELAEIDRALGIDKLVSQQGG A
2 'polypeptide(L)' GSTPPQALQQLLQTLKSPSSPQQQQQVLQILKSNPQLMAAFIKQRSQHQQ B
#
# COMPACT_ATOMS: atom_id res chain seq x y z
N GLY A 1 3.90 -19.13 -1.32
CA GLY A 1 4.17 -20.55 -1.38
C GLY A 1 5.35 -20.96 -0.53
N SER A 2 6.54 -20.51 -0.92
CA SER A 2 7.76 -20.84 -0.19
C SER A 2 7.97 -19.87 0.98
N GLU A 3 8.65 -20.36 2.02
CA GLU A 3 8.91 -19.53 3.19
C GLU A 3 10.04 -18.54 2.92
N SER A 4 9.87 -17.32 3.42
CA SER A 4 10.86 -16.26 3.23
C SER A 4 11.00 -15.91 1.75
N GLN A 5 12.02 -15.13 1.43
CA GLN A 5 12.27 -14.72 0.05
C GLN A 5 11.05 -14.00 -0.52
N ASN A 6 11.05 -12.69 -0.44
CA ASN A 6 9.95 -11.88 -0.95
C ASN A 6 10.11 -11.60 -2.44
N ASP A 7 11.18 -10.89 -2.79
CA ASP A 7 11.46 -10.56 -4.17
C ASP A 7 10.45 -9.56 -4.71
N GLU A 8 9.25 -10.05 -5.02
CA GLU A 8 8.19 -9.19 -5.54
C GLU A 8 7.98 -7.98 -4.65
N LYS A 9 7.68 -8.23 -3.38
CA LYS A 9 7.46 -7.16 -2.41
C LYS A 9 8.60 -6.16 -2.43
N ALA A 10 9.83 -6.67 -2.50
CA ALA A 10 11.02 -5.82 -2.53
C ALA A 10 10.99 -4.89 -3.74
N LEU A 11 10.40 -5.36 -4.83
CA LEU A 11 10.31 -4.56 -6.05
C LEU A 11 9.44 -3.34 -5.84
N LEU A 12 8.44 -3.47 -4.97
CA LEU A 12 7.54 -2.36 -4.67
C LEU A 12 8.26 -1.25 -3.91
N ASP A 13 9.00 -1.64 -2.88
CA ASP A 13 9.75 -0.69 -2.06
C ASP A 13 10.56 0.26 -2.94
N GLN A 14 10.99 -0.24 -4.09
CA GLN A 14 11.78 0.56 -5.03
C GLN A 14 10.94 1.70 -5.62
N LEU A 15 9.83 1.33 -6.25
CA LEU A 15 8.94 2.31 -6.85
C LEU A 15 8.25 3.15 -5.79
N ASP A 16 8.12 2.60 -4.59
CA ASP A 16 7.48 3.30 -3.48
C ASP A 16 8.03 4.72 -3.36
N SER A 17 9.32 4.87 -3.62
CA SER A 17 9.98 6.18 -3.52
C SER A 17 9.21 7.22 -4.33
N LEU A 18 8.53 6.78 -5.37
CA LEU A 18 7.76 7.68 -6.22
C LEU A 18 6.72 8.44 -5.40
N LEU A 19 6.27 7.83 -4.32
CA LEU A 19 5.28 8.46 -3.45
C LEU A 19 5.68 9.88 -3.10
N SER A 20 6.96 10.07 -2.76
CA SER A 20 7.48 11.38 -2.41
C SER A 20 7.46 12.32 -3.61
N SER A 21 7.64 11.75 -4.79
CA SER A 21 7.65 12.53 -6.03
C SER A 21 6.23 12.91 -6.44
N THR A 22 5.29 11.99 -6.24
CA THR A 22 3.90 12.23 -6.58
C THR A 22 3.14 12.84 -5.42
N ASP A 23 2.16 13.69 -5.74
CA ASP A 23 1.35 14.35 -4.72
C ASP A 23 0.60 13.33 -3.89
N GLU A 24 0.48 13.61 -2.59
CA GLU A 24 -0.23 12.71 -1.68
C GLU A 24 -1.67 12.50 -2.13
N MET A 25 -2.16 13.43 -2.95
CA MET A 25 -3.53 13.34 -3.45
C MET A 25 -3.69 12.17 -4.41
N GLU A 26 -2.63 11.88 -5.16
CA GLU A 26 -2.65 10.79 -6.13
C GLU A 26 -3.06 9.48 -5.45
N LEU A 27 -2.61 9.29 -4.22
CA LEU A 27 -2.93 8.07 -3.47
C LEU A 27 -4.02 8.34 -2.45
N ALA A 28 -4.23 9.62 -2.13
CA ALA A 28 -5.25 10.02 -1.16
C ALA A 28 -6.60 9.43 -1.53
N GLU A 29 -6.89 9.36 -2.82
CA GLU A 29 -8.15 8.82 -3.30
C GLU A 29 -8.38 7.41 -2.76
N ILE A 30 -7.42 6.52 -3.02
CA ILE A 30 -7.52 5.14 -2.56
C ILE A 30 -7.20 5.04 -1.07
N ASP A 31 -6.29 5.89 -0.61
CA ASP A 31 -5.90 5.89 0.80
C ASP A 31 -7.12 5.95 1.71
N ARG A 32 -7.92 7.00 1.54
CA ARG A 32 -9.12 7.18 2.35
C ARG A 32 -10.02 5.96 2.25
N ALA A 33 -9.94 5.25 1.13
CA ALA A 33 -10.74 4.06 0.92
C ALA A 33 -10.41 2.97 1.93
N LEU A 34 -9.13 2.85 2.25
CA LEU A 34 -8.67 1.85 3.21
C LEU A 34 -8.70 2.40 4.64
N GLY A 35 -8.61 3.73 4.76
CA GLY A 35 -8.64 4.36 6.06
C GLY A 35 -7.26 4.49 6.66
N ILE A 36 -6.28 4.87 5.84
CA ILE A 36 -4.91 5.03 6.30
C ILE A 36 -4.72 6.37 7.00
N ASP A 37 -5.66 7.28 6.81
CA ASP A 37 -5.61 8.60 7.42
C ASP A 37 -5.89 8.52 8.91
N LYS A 38 -6.98 7.87 9.27
CA LYS A 38 -7.37 7.72 10.67
C LYS A 38 -6.73 6.47 11.27
N LEU A 39 -5.73 5.92 10.59
CA LEU A 39 -5.03 4.74 11.06
C LEU A 39 -4.21 5.05 12.30
N VAL A 40 -3.46 6.14 12.25
CA VAL A 40 -2.63 6.56 13.38
C VAL A 40 -3.33 7.59 14.25
N SER A 41 -3.29 8.84 13.81
CA SER A 41 -3.94 9.93 14.55
C SER A 41 -3.23 10.18 15.88
N GLN A 42 -3.38 9.24 16.81
CA GLN A 42 -2.75 9.35 18.12
C GLN A 42 -2.23 8.00 18.60
N GLN A 43 -1.63 7.24 17.67
CA GLN A 43 -1.09 5.93 17.99
C GLN A 43 0.38 6.04 18.40
N GLY A 44 1.23 6.34 17.42
CA GLY A 44 2.66 6.45 17.69
C GLY A 44 3.30 5.12 18.03
N GLY A 45 3.85 4.46 17.01
CA GLY A 45 4.50 3.18 17.22
C GLY A 45 4.25 2.21 16.08
N GLY B 1 1.03 -19.75 1.29
CA GLY B 1 -0.06 -20.68 1.49
C GLY B 1 -1.14 -20.13 2.41
N SER B 2 -0.71 -19.51 3.49
CA SER B 2 -1.65 -18.94 4.46
C SER B 2 -1.11 -17.64 5.04
N THR B 3 -1.07 -16.60 4.22
CA THR B 3 -0.58 -15.29 4.66
C THR B 3 -1.50 -14.17 4.18
N PRO B 4 -2.41 -13.75 5.08
CA PRO B 4 -3.36 -12.67 4.78
C PRO B 4 -2.68 -11.31 4.66
N PRO B 5 -1.53 -11.16 5.33
CA PRO B 5 -0.76 -9.92 5.31
C PRO B 5 -0.11 -9.65 3.96
N GLN B 6 0.55 -10.65 3.40
CA GLN B 6 1.21 -10.51 2.11
C GLN B 6 0.19 -10.20 1.02
N ALA B 7 -1.08 -10.46 1.31
CA ALA B 7 -2.15 -10.19 0.35
C ALA B 7 -2.08 -8.76 -0.18
N LEU B 8 -1.58 -7.86 0.66
CA LEU B 8 -1.46 -6.45 0.28
C LEU B 8 -0.36 -6.25 -0.76
N GLN B 9 0.70 -7.06 -0.64
CA GLN B 9 1.82 -6.97 -1.57
C GLN B 9 1.37 -7.27 -3.00
N GLN B 10 0.64 -8.36 -3.16
CA GLN B 10 0.15 -8.76 -4.47
C GLN B 10 -0.62 -7.62 -5.13
N LEU B 11 -1.65 -7.13 -4.45
CA LEU B 11 -2.47 -6.04 -4.98
C LEU B 11 -1.65 -4.77 -5.10
N LEU B 12 -0.82 -4.49 -4.10
CA LEU B 12 0.01 -3.31 -4.10
C LEU B 12 0.81 -3.19 -5.39
N GLN B 13 1.07 -4.33 -6.02
CA GLN B 13 1.82 -4.36 -7.27
C GLN B 13 1.12 -3.53 -8.34
N THR B 14 -0.21 -3.59 -8.37
CA THR B 14 -0.99 -2.85 -9.34
C THR B 14 -1.14 -1.39 -8.92
N LEU B 15 -1.10 -1.14 -7.61
CA LEU B 15 -1.22 0.20 -7.08
C LEU B 15 0.04 1.02 -7.35
N LYS B 16 1.15 0.32 -7.51
CA LYS B 16 2.44 0.97 -7.77
C LYS B 16 2.68 1.09 -9.27
N SER B 17 2.17 0.13 -10.03
CA SER B 17 2.34 0.14 -11.48
C SER B 17 1.20 0.88 -12.16
N PRO B 18 1.49 1.42 -13.35
CA PRO B 18 0.50 2.17 -14.14
C PRO B 18 -0.60 1.28 -14.70
N SER B 19 -1.04 0.32 -13.89
CA SER B 19 -2.09 -0.61 -14.29
C SER B 19 -3.32 0.16 -14.79
N SER B 20 -4.32 -0.58 -15.24
CA SER B 20 -5.55 0.02 -15.74
C SER B 20 -6.35 0.66 -14.61
N PRO B 21 -7.45 1.33 -14.97
CA PRO B 21 -8.32 2.01 -14.00
C PRO B 21 -9.09 1.02 -13.13
N GLN B 22 -9.49 -0.10 -13.74
CA GLN B 22 -10.24 -1.12 -13.01
C GLN B 22 -9.38 -1.77 -11.93
N GLN B 23 -8.12 -2.03 -12.26
CA GLN B 23 -7.19 -2.63 -11.32
C GLN B 23 -7.01 -1.75 -10.09
N GLN B 24 -6.72 -0.47 -10.31
CA GLN B 24 -6.51 0.47 -9.22
C GLN B 24 -7.68 0.43 -8.23
N GLN B 25 -8.89 0.32 -8.77
CA GLN B 25 -10.09 0.27 -7.94
C GLN B 25 -10.19 -1.06 -7.21
N GLN B 26 -9.64 -2.11 -7.82
CA GLN B 26 -9.67 -3.44 -7.22
C GLN B 26 -8.80 -3.50 -5.98
N VAL B 27 -7.52 -3.13 -6.13
CA VAL B 27 -6.58 -3.14 -5.02
C VAL B 27 -7.16 -2.42 -3.80
N LEU B 28 -7.70 -1.23 -4.02
CA LEU B 28 -8.29 -0.44 -2.94
C LEU B 28 -9.34 -1.26 -2.19
N GLN B 29 -10.10 -2.06 -2.93
CA GLN B 29 -11.14 -2.89 -2.33
C GLN B 29 -10.54 -3.90 -1.36
N ILE B 30 -9.40 -4.46 -1.72
CA ILE B 30 -8.71 -5.43 -0.89
C ILE B 30 -8.14 -4.78 0.37
N LEU B 31 -7.28 -3.79 0.16
CA LEU B 31 -6.67 -3.07 1.28
C LEU B 31 -7.72 -2.63 2.29
N LYS B 32 -8.91 -2.31 1.79
CA LYS B 32 -10.01 -1.87 2.65
C LYS B 32 -10.38 -2.95 3.66
N SER B 33 -10.38 -4.20 3.22
CA SER B 33 -10.71 -5.32 4.08
C SER B 33 -9.54 -5.68 4.99
N ASN B 34 -8.37 -5.14 4.67
CA ASN B 34 -7.17 -5.39 5.47
C ASN B 34 -6.61 -4.09 6.05
N PRO B 35 -7.13 -3.70 7.22
CA PRO B 35 -6.70 -2.47 7.91
C PRO B 35 -5.29 -2.59 8.46
N GLN B 36 -4.91 -3.80 8.86
CA GLN B 36 -3.56 -4.03 9.40
C GLN B 36 -2.53 -4.07 8.29
N LEU B 37 -2.98 -4.32 7.06
CA LEU B 37 -2.09 -4.39 5.91
C LEU B 37 -1.80 -3.00 5.37
N MET B 38 -2.86 -2.20 5.18
CA MET B 38 -2.71 -0.85 4.67
C MET B 38 -1.63 -0.09 5.43
N ALA B 39 -1.49 -0.40 6.71
CA ALA B 39 -0.49 0.25 7.55
C ALA B 39 0.89 0.20 6.89
N ALA B 40 1.14 -0.85 6.14
CA ALA B 40 2.42 -1.02 5.45
C ALA B 40 2.62 0.07 4.40
N PHE B 41 1.56 0.41 3.69
CA PHE B 41 1.62 1.44 2.66
C PHE B 41 2.08 2.76 3.25
N ILE B 42 1.47 3.17 4.35
CA ILE B 42 1.82 4.41 5.01
C ILE B 42 3.32 4.49 5.29
N LYS B 43 3.93 3.34 5.54
CA LYS B 43 5.36 3.26 5.82
C LYS B 43 6.15 4.07 4.80
N GLN B 44 5.70 4.05 3.55
CA GLN B 44 6.38 4.78 2.49
C GLN B 44 6.31 6.28 2.73
N ARG B 45 5.11 6.82 2.75
CA ARG B 45 4.91 8.25 2.97
C ARG B 45 5.50 8.68 4.32
N SER B 46 5.44 7.79 5.30
CA SER B 46 5.98 8.07 6.62
C SER B 46 7.49 8.20 6.58
N GLN B 47 8.13 7.38 5.76
CA GLN B 47 9.58 7.40 5.63
C GLN B 47 10.01 8.30 4.48
N HIS B 48 9.03 8.94 3.84
CA HIS B 48 9.31 9.83 2.72
C HIS B 48 8.45 11.10 2.80
N GLN B 49 8.25 11.59 4.03
CA GLN B 49 7.46 12.78 4.24
C GLN B 49 8.34 14.01 4.35
N GLN B 50 7.79 15.17 4.00
CA GLN B 50 8.54 16.42 4.05
C GLN B 50 7.96 17.35 5.12
N GLY A 1 5.19 -9.28 13.09
CA GLY A 1 6.63 -9.32 13.12
C GLY A 1 7.25 -9.22 11.74
N SER A 2 8.14 -10.16 11.43
CA SER A 2 8.81 -10.16 10.14
C SER A 2 7.86 -10.63 9.03
N GLU A 3 7.57 -9.73 8.10
CA GLU A 3 6.67 -10.05 6.99
C GLU A 3 6.85 -9.06 5.84
N SER A 4 8.09 -8.95 5.36
CA SER A 4 8.39 -8.03 4.27
C SER A 4 9.58 -8.55 3.44
N GLN A 5 9.72 -8.02 2.23
CA GLN A 5 10.80 -8.43 1.35
C GLN A 5 10.68 -9.89 0.97
N ASN A 6 9.61 -10.23 0.23
CA ASN A 6 9.37 -11.59 -0.20
C ASN A 6 9.92 -11.83 -1.61
N ASP A 7 9.35 -11.12 -2.58
CA ASP A 7 9.77 -11.25 -3.97
C ASP A 7 9.29 -10.07 -4.80
N GLU A 8 8.01 -10.09 -5.15
CA GLU A 8 7.42 -9.01 -5.94
C GLU A 8 7.54 -7.67 -5.22
N LYS A 9 7.25 -7.68 -3.92
CA LYS A 9 7.32 -6.46 -3.11
C LYS A 9 8.67 -5.78 -3.28
N ALA A 10 9.69 -6.57 -3.61
CA ALA A 10 11.04 -6.04 -3.80
C ALA A 10 11.03 -4.88 -4.81
N LEU A 11 10.40 -5.12 -5.95
CA LEU A 11 10.32 -4.10 -7.00
C LEU A 11 9.55 -2.88 -6.52
N LEU A 12 8.52 -3.12 -5.71
CA LEU A 12 7.70 -2.04 -5.18
C LEU A 12 8.50 -1.18 -4.20
N ASP A 13 9.26 -1.82 -3.33
CA ASP A 13 10.07 -1.12 -2.35
C ASP A 13 10.87 -0.01 -3.01
N GLN A 14 11.25 -0.21 -4.27
CA GLN A 14 12.02 0.77 -5.01
C GLN A 14 11.19 2.01 -5.31
N LEU A 15 10.06 1.81 -5.99
CA LEU A 15 9.17 2.91 -6.34
C LEU A 15 8.54 3.51 -5.09
N ASP A 16 8.55 2.76 -4.00
CA ASP A 16 7.98 3.21 -2.73
C ASP A 16 8.46 4.63 -2.40
N SER A 17 9.68 4.96 -2.84
CA SER A 17 10.25 6.27 -2.59
C SER A 17 9.30 7.38 -3.05
N LEU A 18 8.53 7.08 -4.10
CA LEU A 18 7.58 8.05 -4.64
C LEU A 18 6.60 8.51 -3.58
N LEU A 19 6.39 7.67 -2.57
CA LEU A 19 5.47 7.99 -1.48
C LEU A 19 5.69 9.43 -1.01
N SER A 20 6.92 9.91 -1.13
CA SER A 20 7.25 11.27 -0.71
C SER A 20 6.57 12.30 -1.61
N SER A 21 6.90 12.27 -2.89
CA SER A 21 6.33 13.20 -3.85
C SER A 21 5.26 12.52 -4.70
N THR A 22 4.44 11.70 -4.06
CA THR A 22 3.37 10.99 -4.75
C THR A 22 2.11 11.83 -4.83
N ASP A 23 1.22 11.46 -5.74
CA ASP A 23 -0.04 12.18 -5.91
C ASP A 23 -0.87 12.16 -4.64
N GLU A 24 -0.84 13.26 -3.90
CA GLU A 24 -1.58 13.37 -2.65
C GLU A 24 -3.05 13.04 -2.87
N MET A 25 -3.58 13.44 -4.02
CA MET A 25 -4.98 13.19 -4.35
C MET A 25 -5.19 11.72 -4.72
N GLU A 26 -4.42 11.24 -5.69
CA GLU A 26 -4.53 9.86 -6.15
C GLU A 26 -4.39 8.89 -4.98
N LEU A 27 -3.26 8.99 -4.28
CA LEU A 27 -2.99 8.12 -3.13
C LEU A 27 -4.11 8.21 -2.10
N ALA A 28 -4.42 9.44 -1.69
CA ALA A 28 -5.48 9.67 -0.71
C ALA A 28 -6.78 9.00 -1.13
N GLU A 29 -7.03 8.99 -2.44
CA GLU A 29 -8.24 8.38 -2.98
C GLU A 29 -8.37 6.93 -2.53
N ILE A 30 -7.34 6.14 -2.81
CA ILE A 30 -7.33 4.73 -2.44
C ILE A 30 -7.05 4.56 -0.95
N ASP A 31 -6.12 5.36 -0.44
CA ASP A 31 -5.76 5.29 0.98
C ASP A 31 -7.00 5.48 1.86
N ARG A 32 -7.68 6.59 1.67
CA ARG A 32 -8.89 6.91 2.44
C ARG A 32 -9.85 5.72 2.44
N ALA A 33 -9.80 4.93 1.38
CA ALA A 33 -10.67 3.77 1.25
C ALA A 33 -10.52 2.83 2.44
N LEU A 34 -9.28 2.42 2.72
CA LEU A 34 -8.99 1.52 3.83
C LEU A 34 -8.61 2.31 5.07
N GLY A 35 -8.56 3.63 4.94
CA GLY A 35 -8.21 4.47 6.06
C GLY A 35 -6.85 4.14 6.64
N ILE A 36 -5.87 3.95 5.77
CA ILE A 36 -4.52 3.61 6.20
C ILE A 36 -3.81 4.83 6.76
N ASP A 37 -4.04 5.99 6.16
CA ASP A 37 -3.43 7.23 6.60
C ASP A 37 -4.06 7.72 7.90
N LYS A 38 -5.34 7.42 8.08
CA LYS A 38 -6.06 7.83 9.28
C LYS A 38 -6.00 6.73 10.35
N LEU A 39 -5.07 5.81 10.18
CA LEU A 39 -4.91 4.71 11.12
C LEU A 39 -4.43 5.23 12.48
N VAL A 40 -3.14 5.50 12.60
CA VAL A 40 -2.57 6.00 13.84
C VAL A 40 -2.47 7.52 13.81
N SER A 41 -1.42 8.04 13.16
CA SER A 41 -1.21 9.47 13.07
C SER A 41 -1.41 10.15 14.42
N GLN A 42 -2.56 10.77 14.60
CA GLN A 42 -2.88 11.45 15.85
C GLN A 42 -1.86 12.53 16.16
N GLN A 43 -1.64 13.43 15.19
CA GLN A 43 -0.69 14.52 15.35
C GLN A 43 -1.16 15.77 14.62
N GLY A 44 -2.44 16.06 14.73
CA GLY A 44 -2.99 17.24 14.06
C GLY A 44 -4.47 17.08 13.73
N GLY A 45 -4.79 17.18 12.44
CA GLY A 45 -6.17 17.05 12.03
C GLY A 45 -6.35 17.28 10.53
N GLY B 1 1.70 -18.99 -1.76
CA GLY B 1 0.61 -19.88 -1.39
C GLY B 1 0.41 -19.93 0.11
N SER B 2 -0.86 -19.91 0.52
CA SER B 2 -1.19 -19.96 1.94
C SER B 2 -0.63 -18.75 2.68
N THR B 3 -0.67 -17.59 2.03
CA THR B 3 -0.15 -16.36 2.61
C THR B 3 -1.08 -15.20 2.33
N PRO B 4 -1.97 -14.90 3.29
CA PRO B 4 -2.93 -13.80 3.18
C PRO B 4 -2.26 -12.43 3.24
N PRO B 5 -1.09 -12.37 3.89
CA PRO B 5 -0.32 -11.13 4.03
C PRO B 5 0.28 -10.67 2.70
N GLN B 6 0.95 -11.58 2.01
CA GLN B 6 1.56 -11.26 0.73
C GLN B 6 0.51 -10.83 -0.30
N ALA B 7 -0.74 -11.15 -0.01
CA ALA B 7 -1.84 -10.80 -0.90
C ALA B 7 -1.83 -9.30 -1.21
N LEU B 8 -1.34 -8.51 -0.26
CA LEU B 8 -1.28 -7.06 -0.43
C LEU B 8 -0.16 -6.67 -1.38
N GLN B 9 0.93 -7.44 -1.35
CA GLN B 9 2.07 -7.17 -2.22
C GLN B 9 1.67 -7.25 -3.68
N GLN B 10 1.04 -8.36 -4.06
CA GLN B 10 0.61 -8.57 -5.43
C GLN B 10 -0.25 -7.40 -5.91
N LEU B 11 -1.32 -7.11 -5.19
CA LEU B 11 -2.22 -6.02 -5.55
C LEU B 11 -1.52 -4.67 -5.41
N LEU B 12 -0.63 -4.57 -4.42
CA LEU B 12 0.11 -3.34 -4.19
C LEU B 12 0.82 -2.88 -5.45
N GLN B 13 1.14 -3.83 -6.32
CA GLN B 13 1.83 -3.53 -7.57
C GLN B 13 1.03 -2.53 -8.40
N THR B 14 -0.18 -2.93 -8.78
CA THR B 14 -1.05 -2.08 -9.58
C THR B 14 -1.30 -0.75 -8.89
N LEU B 15 -1.25 -0.75 -7.56
CA LEU B 15 -1.45 0.47 -6.79
C LEU B 15 -0.28 1.43 -6.94
N LYS B 16 0.89 0.88 -7.24
CA LYS B 16 2.09 1.68 -7.41
C LYS B 16 2.28 2.06 -8.87
N SER B 17 1.75 1.23 -9.77
CA SER B 17 1.86 1.48 -11.20
C SER B 17 0.67 2.27 -11.71
N PRO B 18 0.87 3.03 -12.80
CA PRO B 18 -0.18 3.84 -13.42
C PRO B 18 -1.26 2.99 -14.08
N SER B 19 -1.59 1.87 -13.46
CA SER B 19 -2.61 0.97 -14.00
C SER B 19 -3.89 1.74 -14.34
N SER B 20 -4.86 1.03 -14.90
CA SER B 20 -6.13 1.63 -15.29
C SER B 20 -6.95 1.99 -14.05
N PRO B 21 -8.11 2.64 -14.27
CA PRO B 21 -9.01 3.04 -13.19
C PRO B 21 -9.70 1.84 -12.54
N GLN B 22 -9.98 0.82 -13.34
CA GLN B 22 -10.64 -0.38 -12.83
C GLN B 22 -9.73 -1.13 -11.86
N GLN B 23 -8.46 -1.27 -12.23
CA GLN B 23 -7.51 -1.97 -11.39
C GLN B 23 -7.38 -1.30 -10.03
N GLN B 24 -7.22 0.02 -10.03
CA GLN B 24 -7.09 0.78 -8.80
C GLN B 24 -8.21 0.43 -7.82
N GLN B 25 -9.42 0.24 -8.35
CA GLN B 25 -10.57 -0.10 -7.52
C GLN B 25 -10.44 -1.50 -6.95
N GLN B 26 -9.79 -2.39 -7.72
CA GLN B 26 -9.59 -3.77 -7.29
C GLN B 26 -8.60 -3.83 -6.12
N VAL B 27 -7.40 -3.31 -6.33
CA VAL B 27 -6.37 -3.31 -5.31
C VAL B 27 -6.92 -2.80 -3.98
N LEU B 28 -7.44 -1.58 -3.99
CA LEU B 28 -8.01 -0.98 -2.79
C LEU B 28 -9.12 -1.84 -2.21
N GLN B 29 -9.92 -2.43 -3.09
CA GLN B 29 -11.02 -3.29 -2.66
C GLN B 29 -10.52 -4.45 -1.83
N ILE B 30 -9.40 -5.04 -2.24
CA ILE B 30 -8.82 -6.17 -1.52
C ILE B 30 -8.26 -5.72 -0.18
N LEU B 31 -7.40 -4.71 -0.21
CA LEU B 31 -6.79 -4.18 1.01
C LEU B 31 -7.85 -3.93 2.09
N LYS B 32 -9.05 -3.59 1.66
CA LYS B 32 -10.15 -3.33 2.58
C LYS B 32 -10.48 -4.59 3.38
N SER B 33 -10.46 -5.74 2.72
CA SER B 33 -10.76 -7.01 3.38
C SER B 33 -9.57 -7.48 4.21
N ASN B 34 -8.42 -6.87 4.00
CA ASN B 34 -7.21 -7.23 4.74
C ASN B 34 -6.70 -6.05 5.54
N PRO B 35 -7.19 -5.93 6.79
CA PRO B 35 -6.79 -4.85 7.70
C PRO B 35 -5.35 -4.99 8.17
N GLN B 36 -4.93 -6.23 8.41
CA GLN B 36 -3.57 -6.49 8.87
C GLN B 36 -2.56 -6.26 7.75
N LEU B 37 -3.06 -6.19 6.52
CA LEU B 37 -2.19 -5.98 5.36
C LEU B 37 -1.95 -4.49 5.14
N MET B 38 -2.99 -3.69 5.34
CA MET B 38 -2.88 -2.24 5.16
C MET B 38 -1.68 -1.69 5.91
N ALA B 39 -1.37 -2.29 7.05
CA ALA B 39 -0.24 -1.85 7.86
C ALA B 39 1.03 -1.73 7.01
N ALA B 40 1.13 -2.56 5.99
CA ALA B 40 2.29 -2.54 5.09
C ALA B 40 2.38 -1.21 4.35
N PHE B 41 1.23 -0.66 3.97
CA PHE B 41 1.19 0.61 3.25
C PHE B 41 1.92 1.69 4.04
N ILE B 42 1.53 1.89 5.29
CA ILE B 42 2.14 2.89 6.13
C ILE B 42 3.64 2.64 6.30
N LYS B 43 4.01 1.36 6.28
CA LYS B 43 5.41 0.98 6.42
C LYS B 43 6.30 1.80 5.49
N GLN B 44 5.93 1.85 4.21
CA GLN B 44 6.68 2.60 3.22
C GLN B 44 6.70 4.08 3.55
N ARG B 45 5.66 4.55 4.23
CA ARG B 45 5.55 5.95 4.60
C ARG B 45 6.42 6.25 5.83
N SER B 46 6.49 5.29 6.75
CA SER B 46 7.29 5.45 7.96
C SER B 46 8.78 5.53 7.63
N GLN B 47 9.21 4.66 6.72
CA GLN B 47 10.62 4.62 6.32
C GLN B 47 10.85 5.48 5.08
N HIS B 48 9.76 5.97 4.49
CA HIS B 48 9.84 6.80 3.29
C HIS B 48 10.57 6.06 2.17
N GLN B 49 11.88 6.17 2.13
CA GLN B 49 12.68 5.51 1.12
C GLN B 49 13.96 4.92 1.72
N GLN B 50 14.87 4.48 0.85
CA GLN B 50 16.13 3.90 1.28
C GLN B 50 17.30 4.82 0.95
N GLY A 1 4.31 -8.85 1.55
CA GLY A 1 5.03 -10.09 1.32
C GLY A 1 5.75 -10.58 2.55
N SER A 2 5.13 -10.38 3.72
CA SER A 2 5.73 -10.81 4.98
C SER A 2 7.15 -10.26 5.13
N GLU A 3 7.25 -8.92 5.16
CA GLU A 3 8.55 -8.26 5.30
C GLU A 3 9.54 -8.83 4.29
N SER A 4 10.82 -8.49 4.48
CA SER A 4 11.88 -8.95 3.59
C SER A 4 11.53 -8.64 2.14
N GLN A 5 12.33 -9.19 1.22
CA GLN A 5 12.11 -8.96 -0.20
C GLN A 5 12.07 -10.28 -0.97
N ASN A 6 10.94 -10.57 -1.60
CA ASN A 6 10.77 -11.80 -2.36
C ASN A 6 11.07 -11.56 -3.84
N ASP A 7 10.25 -10.74 -4.48
CA ASP A 7 10.42 -10.43 -5.89
C ASP A 7 9.66 -9.15 -6.27
N GLU A 8 8.35 -9.27 -6.40
CA GLU A 8 7.51 -8.13 -6.77
C GLU A 8 7.63 -7.02 -5.72
N LYS A 9 7.32 -7.36 -4.47
CA LYS A 9 7.39 -6.40 -3.38
C LYS A 9 8.76 -5.72 -3.33
N ALA A 10 9.77 -6.43 -3.80
CA ALA A 10 11.13 -5.90 -3.82
C ALA A 10 11.22 -4.65 -4.69
N LEU A 11 10.89 -4.80 -5.97
CA LEU A 11 10.93 -3.68 -6.90
C LEU A 11 9.93 -2.60 -6.50
N LEU A 12 8.78 -3.01 -5.98
CA LEU A 12 7.74 -2.07 -5.56
C LEU A 12 8.21 -1.26 -4.36
N ASP A 13 8.87 -1.93 -3.42
CA ASP A 13 9.38 -1.27 -2.22
C ASP A 13 10.16 -0.01 -2.59
N GLN A 14 10.78 -0.03 -3.76
CA GLN A 14 11.57 1.12 -4.23
C GLN A 14 10.67 2.32 -4.50
N LEU A 15 9.71 2.15 -5.40
CA LEU A 15 8.78 3.22 -5.76
C LEU A 15 7.88 3.56 -4.57
N ASP A 16 7.63 2.58 -3.72
CA ASP A 16 6.78 2.78 -2.55
C ASP A 16 7.20 4.03 -1.79
N SER A 17 8.51 4.26 -1.69
CA SER A 17 9.04 5.41 -0.98
C SER A 17 8.43 6.71 -1.53
N LEU A 18 8.14 6.71 -2.83
CA LEU A 18 7.58 7.89 -3.47
C LEU A 18 6.17 8.17 -2.94
N LEU A 19 5.46 7.11 -2.58
CA LEU A 19 4.10 7.24 -2.06
C LEU A 19 4.04 8.32 -0.99
N SER A 20 5.16 8.54 -0.30
CA SER A 20 5.23 9.54 0.75
C SER A 20 4.91 10.92 0.21
N SER A 21 5.67 11.36 -0.80
CA SER A 21 5.46 12.66 -1.40
C SER A 21 4.93 12.53 -2.82
N THR A 22 4.05 11.55 -3.03
CA THR A 22 3.47 11.31 -4.34
C THR A 22 2.16 12.08 -4.51
N ASP A 23 1.41 11.75 -5.56
CA ASP A 23 0.15 12.42 -5.84
C ASP A 23 -0.74 12.43 -4.60
N GLU A 24 -0.80 13.59 -3.93
CA GLU A 24 -1.62 13.73 -2.73
C GLU A 24 -3.06 13.33 -3.00
N MET A 25 -3.58 13.73 -4.15
CA MET A 25 -4.95 13.41 -4.53
C MET A 25 -5.08 11.95 -4.94
N GLU A 26 -4.26 11.53 -5.90
CA GLU A 26 -4.29 10.16 -6.38
C GLU A 26 -4.12 9.18 -5.22
N LEU A 27 -3.37 9.59 -4.21
CA LEU A 27 -3.13 8.74 -3.03
C LEU A 27 -4.27 8.89 -2.03
N ALA A 28 -4.54 10.13 -1.63
CA ALA A 28 -5.60 10.40 -0.67
C ALA A 28 -6.92 9.76 -1.10
N GLU A 29 -7.15 9.73 -2.40
CA GLU A 29 -8.37 9.14 -2.94
C GLU A 29 -8.54 7.70 -2.47
N ILE A 30 -7.52 6.88 -2.73
CA ILE A 30 -7.56 5.48 -2.32
C ILE A 30 -7.29 5.33 -0.84
N ASP A 31 -6.34 6.09 -0.32
CA ASP A 31 -5.99 6.04 1.10
C ASP A 31 -7.22 6.32 1.96
N ARG A 32 -7.80 7.50 1.78
CA ARG A 32 -8.98 7.89 2.55
C ARG A 32 -10.09 6.84 2.42
N ALA A 33 -10.05 6.10 1.33
CA ALA A 33 -11.06 5.06 1.09
C ALA A 33 -11.13 4.08 2.25
N LEU A 34 -9.98 3.49 2.59
CA LEU A 34 -9.91 2.55 3.69
C LEU A 34 -9.57 3.24 5.01
N GLY A 35 -8.89 4.38 4.91
CA GLY A 35 -8.53 5.13 6.10
C GLY A 35 -7.24 4.63 6.73
N ILE A 36 -6.24 4.35 5.89
CA ILE A 36 -4.96 3.86 6.37
C ILE A 36 -4.12 4.99 6.96
N ASP A 37 -4.39 6.21 6.51
CA ASP A 37 -3.66 7.39 6.99
C ASP A 37 -4.09 7.74 8.42
N LYS A 38 -5.04 6.97 8.95
CA LYS A 38 -5.53 7.20 10.31
C LYS A 38 -4.64 6.53 11.34
N LEU A 39 -3.96 5.46 10.92
CA LEU A 39 -3.07 4.72 11.80
C LEU A 39 -1.83 5.56 12.15
N VAL A 40 -1.59 6.60 11.36
CA VAL A 40 -0.44 7.48 11.59
C VAL A 40 -0.82 8.93 11.33
N SER A 41 -2.02 9.32 11.72
CA SER A 41 -2.49 10.67 11.54
C SER A 41 -2.07 11.57 12.70
N GLN A 42 -2.17 11.03 13.91
CA GLN A 42 -1.79 11.78 15.11
C GLN A 42 -2.68 13.02 15.28
N GLN A 43 -3.92 12.91 14.82
CA GLN A 43 -4.86 14.02 14.92
C GLN A 43 -6.29 13.51 15.04
N GLY A 44 -6.46 12.39 15.74
CA GLY A 44 -7.77 11.81 15.92
C GLY A 44 -7.74 10.53 16.73
N GLY A 45 -8.55 9.55 16.33
CA GLY A 45 -8.59 8.29 17.03
C GLY A 45 -8.18 7.12 16.17
N GLY B 1 0.25 -22.38 6.46
CA GLY B 1 -0.21 -22.80 5.15
C GLY B 1 0.02 -21.74 4.09
N SER B 2 -0.97 -20.85 3.93
CA SER B 2 -0.88 -19.79 2.94
C SER B 2 -0.33 -18.50 3.57
N THR B 3 -0.36 -17.42 2.81
CA THR B 3 0.13 -16.13 3.29
C THR B 3 -0.84 -15.01 2.95
N PRO B 4 -1.71 -14.65 3.91
CA PRO B 4 -2.70 -13.59 3.73
C PRO B 4 -2.07 -12.20 3.66
N PRO B 5 -0.88 -12.07 4.26
CA PRO B 5 -0.14 -10.80 4.29
C PRO B 5 0.41 -10.43 2.92
N GLN B 6 1.02 -11.40 2.24
CA GLN B 6 1.59 -11.18 0.93
C GLN B 6 0.51 -10.79 -0.08
N ALA B 7 -0.74 -11.06 0.28
CA ALA B 7 -1.87 -10.74 -0.59
C ALA B 7 -1.83 -9.28 -1.03
N LEU B 8 -1.28 -8.43 -0.17
CA LEU B 8 -1.18 -7.00 -0.47
C LEU B 8 -0.13 -6.74 -1.55
N GLN B 9 0.92 -7.55 -1.53
CA GLN B 9 2.00 -7.40 -2.50
C GLN B 9 1.49 -7.63 -3.92
N GLN B 10 0.76 -8.73 -4.12
CA GLN B 10 0.21 -9.06 -5.43
C GLN B 10 -0.61 -7.90 -5.98
N LEU B 11 -1.60 -7.46 -5.20
CA LEU B 11 -2.46 -6.36 -5.62
C LEU B 11 -1.67 -5.05 -5.70
N LEU B 12 -0.74 -4.86 -4.78
CA LEU B 12 0.08 -3.66 -4.76
C LEU B 12 0.82 -3.48 -6.08
N GLN B 13 1.16 -4.60 -6.71
CA GLN B 13 1.87 -4.57 -7.99
C GLN B 13 1.06 -3.84 -9.05
N THR B 14 -0.25 -4.08 -9.04
CA THR B 14 -1.15 -3.44 -10.01
C THR B 14 -1.39 -1.98 -9.67
N LEU B 15 -1.32 -1.67 -8.37
CA LEU B 15 -1.52 -0.30 -7.91
C LEU B 15 -0.32 0.58 -8.26
N LYS B 16 0.82 -0.05 -8.44
CA LYS B 16 2.05 0.67 -8.79
C LYS B 16 2.23 0.75 -10.29
N SER B 17 1.67 -0.23 -11.00
CA SER B 17 1.77 -0.28 -12.46
C SER B 17 0.61 0.46 -13.11
N PRO B 18 0.83 0.96 -14.33
CA PRO B 18 -0.19 1.69 -15.09
C PRO B 18 -1.31 0.77 -15.57
N SER B 19 -1.66 -0.20 -14.75
CA SER B 19 -2.72 -1.14 -15.10
C SER B 19 -4.02 -0.42 -15.43
N SER B 20 -5.07 -1.18 -15.69
CA SER B 20 -6.37 -0.60 -16.03
C SER B 20 -6.94 0.18 -14.85
N PRO B 21 -8.05 0.90 -15.09
CA PRO B 21 -8.71 1.70 -14.07
C PRO B 21 -9.41 0.83 -13.02
N GLN B 22 -10.00 -0.27 -13.47
CA GLN B 22 -10.69 -1.18 -12.58
C GLN B 22 -9.72 -1.84 -11.60
N GLN B 23 -8.54 -2.19 -12.09
CA GLN B 23 -7.52 -2.82 -11.26
C GLN B 23 -7.05 -1.87 -10.15
N GLN B 24 -6.68 -0.66 -10.55
CA GLN B 24 -6.21 0.34 -9.59
C GLN B 24 -7.21 0.52 -8.46
N GLN B 25 -8.47 0.73 -8.81
CA GLN B 25 -9.53 0.91 -7.82
C GLN B 25 -9.77 -0.37 -7.04
N GLN B 26 -9.60 -1.51 -7.70
CA GLN B 26 -9.81 -2.80 -7.08
C GLN B 26 -8.82 -3.01 -5.93
N VAL B 27 -7.61 -2.49 -6.09
CA VAL B 27 -6.58 -2.62 -5.07
C VAL B 27 -7.10 -2.19 -3.70
N LEU B 28 -7.61 -0.97 -3.62
CA LEU B 28 -8.15 -0.44 -2.37
C LEU B 28 -9.20 -1.38 -1.80
N GLN B 29 -9.97 -2.02 -2.68
CA GLN B 29 -11.01 -2.94 -2.26
C GLN B 29 -10.44 -4.07 -1.41
N ILE B 30 -9.37 -4.69 -1.90
CA ILE B 30 -8.72 -5.78 -1.19
C ILE B 30 -8.05 -5.28 0.09
N LEU B 31 -7.18 -4.29 -0.06
CA LEU B 31 -6.47 -3.73 1.08
C LEU B 31 -7.44 -3.38 2.21
N LYS B 32 -8.67 -3.04 1.84
CA LYS B 32 -9.69 -2.69 2.81
C LYS B 32 -9.98 -3.86 3.74
N SER B 33 -10.02 -5.06 3.18
CA SER B 33 -10.30 -6.27 3.96
C SER B 33 -9.06 -6.67 4.76
N ASN B 34 -7.92 -6.11 4.40
CA ASN B 34 -6.66 -6.43 5.09
C ASN B 34 -6.09 -5.18 5.76
N PRO B 35 -6.57 -4.91 6.98
CA PRO B 35 -6.11 -3.75 7.76
C PRO B 35 -4.68 -3.90 8.25
N GLN B 36 -4.27 -5.14 8.51
CA GLN B 36 -2.93 -5.42 8.98
C GLN B 36 -1.92 -5.33 7.84
N LEU B 37 -2.42 -5.48 6.61
CA LEU B 37 -1.57 -5.42 5.43
C LEU B 37 -1.33 -3.98 5.00
N MET B 38 -2.41 -3.21 4.91
CA MET B 38 -2.32 -1.81 4.51
C MET B 38 -1.24 -1.09 5.30
N ALA B 39 -1.09 -1.46 6.57
CA ALA B 39 -0.08 -0.85 7.42
C ALA B 39 1.29 -0.86 6.77
N ALA B 40 1.58 -1.92 6.01
CA ALA B 40 2.86 -2.04 5.33
C ALA B 40 3.01 -0.98 4.25
N PHE B 41 1.93 -0.69 3.54
CA PHE B 41 1.94 0.30 2.48
C PHE B 41 2.40 1.65 3.02
N ILE B 42 1.70 2.17 4.02
CA ILE B 42 2.03 3.45 4.62
C ILE B 42 3.40 3.39 5.31
N LYS B 43 3.74 2.22 5.83
CA LYS B 43 5.02 2.04 6.50
C LYS B 43 6.16 2.61 5.68
N GLN B 44 6.02 2.55 4.36
CA GLN B 44 7.04 3.07 3.46
C GLN B 44 7.18 4.58 3.60
N ARG B 45 6.04 5.28 3.63
CA ARG B 45 6.05 6.72 3.76
C ARG B 45 6.31 7.14 5.21
N SER B 46 5.81 6.35 6.14
CA SER B 46 5.99 6.63 7.56
C SER B 46 7.45 6.44 7.98
N GLN B 47 8.03 5.32 7.56
CA GLN B 47 9.42 5.01 7.89
C GLN B 47 10.36 5.49 6.78
N HIS B 48 9.79 6.10 5.75
CA HIS B 48 10.57 6.62 4.63
C HIS B 48 11.27 5.47 3.91
N GLN B 49 12.43 5.07 4.42
CA GLN B 49 13.20 4.00 3.81
C GLN B 49 12.99 2.69 4.56
N GLN B 50 13.26 1.57 3.88
CA GLN B 50 13.09 0.26 4.49
C GLN B 50 14.34 -0.59 4.32
N GLY A 1 16.11 -1.22 5.54
CA GLY A 1 15.24 -0.52 4.62
C GLY A 1 14.51 -1.46 3.68
N SER A 2 14.15 -2.64 4.19
CA SER A 2 13.45 -3.64 3.39
C SER A 2 13.02 -4.82 4.25
N GLU A 3 11.76 -4.82 4.67
CA GLU A 3 11.23 -5.89 5.50
C GLU A 3 10.98 -7.15 4.67
N SER A 4 9.91 -7.13 3.88
CA SER A 4 9.56 -8.25 3.04
C SER A 4 10.30 -8.20 1.71
N GLN A 5 10.30 -9.32 0.98
CA GLN A 5 10.96 -9.39 -0.31
C GLN A 5 10.74 -10.75 -0.96
N ASN A 6 9.57 -11.33 -0.72
CA ASN A 6 9.23 -12.63 -1.28
C ASN A 6 9.44 -12.64 -2.79
N ASP A 7 8.71 -11.80 -3.50
CA ASP A 7 8.82 -11.70 -4.95
C ASP A 7 8.24 -10.38 -5.45
N GLU A 8 6.92 -10.31 -5.53
CA GLU A 8 6.24 -9.11 -6.00
C GLU A 8 6.61 -7.90 -5.14
N LYS A 9 6.39 -8.03 -3.84
CA LYS A 9 6.71 -6.94 -2.90
C LYS A 9 8.15 -6.48 -3.07
N ALA A 10 9.02 -7.41 -3.43
CA ALA A 10 10.44 -7.10 -3.62
C ALA A 10 10.62 -6.07 -4.74
N LEU A 11 10.09 -6.37 -5.92
CA LEU A 11 10.19 -5.48 -7.06
C LEU A 11 9.49 -4.16 -6.78
N LEU A 12 8.42 -4.22 -6.00
CA LEU A 12 7.65 -3.03 -5.66
C LEU A 12 8.43 -2.14 -4.69
N ASP A 13 9.04 -2.76 -3.69
CA ASP A 13 9.81 -2.03 -2.70
C ASP A 13 10.78 -1.05 -3.38
N GLN A 14 11.24 -1.42 -4.57
CA GLN A 14 12.17 -0.57 -5.33
C GLN A 14 11.47 0.69 -5.80
N LEU A 15 10.41 0.53 -6.58
CA LEU A 15 9.67 1.66 -7.11
C LEU A 15 8.96 2.43 -5.98
N ASP A 16 8.80 1.76 -4.84
CA ASP A 16 8.15 2.38 -3.70
C ASP A 16 8.72 3.78 -3.43
N SER A 17 9.97 3.98 -3.82
CA SER A 17 10.64 5.26 -3.61
C SER A 17 9.79 6.40 -4.16
N LEU A 18 8.98 6.10 -5.18
CA LEU A 18 8.12 7.11 -5.79
C LEU A 18 7.20 7.75 -4.76
N LEU A 19 6.91 7.00 -3.69
CA LEU A 19 6.05 7.50 -2.63
C LEU A 19 6.43 8.92 -2.24
N SER A 20 7.70 9.25 -2.41
CA SER A 20 8.21 10.58 -2.08
C SER A 20 7.65 11.63 -3.03
N SER A 21 7.76 11.37 -4.32
CA SER A 21 7.27 12.29 -5.34
C SER A 21 6.01 11.74 -6.00
N THR A 22 5.16 11.09 -5.21
CA THR A 22 3.93 10.52 -5.71
C THR A 22 2.77 11.50 -5.56
N ASP A 23 1.70 11.27 -6.32
CA ASP A 23 0.52 12.14 -6.26
C ASP A 23 -0.12 12.09 -4.87
N GLU A 24 0.14 13.11 -4.07
CA GLU A 24 -0.41 13.19 -2.73
C GLU A 24 -1.92 12.94 -2.75
N MET A 25 -2.59 13.50 -3.74
CA MET A 25 -4.04 13.34 -3.88
C MET A 25 -4.40 11.92 -4.30
N GLU A 26 -3.69 11.42 -5.31
CA GLU A 26 -3.94 10.07 -5.81
C GLU A 26 -3.86 9.05 -4.68
N LEU A 27 -2.72 9.01 -3.99
CA LEU A 27 -2.52 8.08 -2.88
C LEU A 27 -3.53 8.35 -1.77
N ALA A 28 -3.60 9.60 -1.33
CA ALA A 28 -4.52 9.99 -0.27
C ALA A 28 -5.94 9.57 -0.59
N GLU A 29 -6.27 9.53 -1.88
CA GLU A 29 -7.60 9.16 -2.33
C GLU A 29 -7.92 7.71 -1.91
N ILE A 30 -7.05 6.79 -2.29
CA ILE A 30 -7.25 5.38 -1.96
C ILE A 30 -6.88 5.11 -0.51
N ASP A 31 -5.80 5.74 -0.04
CA ASP A 31 -5.35 5.57 1.33
C ASP A 31 -6.46 5.89 2.32
N ARG A 32 -6.95 7.13 2.25
CA ARG A 32 -8.02 7.57 3.15
C ARG A 32 -9.22 6.63 3.07
N ALA A 33 -9.35 5.95 1.93
CA ALA A 33 -10.45 5.02 1.73
C ALA A 33 -10.47 3.94 2.81
N LEU A 34 -9.33 3.32 3.03
CA LEU A 34 -9.21 2.27 4.04
C LEU A 34 -8.82 2.85 5.39
N GLY A 35 -8.17 4.01 5.38
CA GLY A 35 -7.76 4.66 6.61
C GLY A 35 -6.33 4.32 6.98
N ILE A 36 -5.42 4.39 6.02
CA ILE A 36 -4.02 4.09 6.26
C ILE A 36 -3.33 5.24 6.98
N ASP A 37 -3.67 6.46 6.59
CA ASP A 37 -3.07 7.65 7.19
C ASP A 37 -3.51 7.78 8.66
N LYS A 38 -4.67 7.22 8.98
CA LYS A 38 -5.19 7.27 10.34
C LYS A 38 -4.66 6.10 11.17
N LEU A 39 -4.93 4.88 10.71
CA LEU A 39 -4.49 3.68 11.41
C LEU A 39 -4.70 3.81 12.91
N VAL A 40 -4.02 2.97 13.68
CA VAL A 40 -4.14 2.99 15.13
C VAL A 40 -3.04 3.86 15.75
N SER A 41 -2.75 4.99 15.11
CA SER A 41 -1.72 5.89 15.60
C SER A 41 -2.31 6.87 16.62
N GLN A 42 -3.57 7.22 16.43
CA GLN A 42 -4.25 8.15 17.35
C GLN A 42 -4.99 7.39 18.44
N GLN A 43 -5.66 8.13 19.31
CA GLN A 43 -6.41 7.53 20.41
C GLN A 43 -7.86 7.28 20.01
N GLY A 44 -8.05 6.80 18.78
CA GLY A 44 -9.39 6.53 18.29
C GLY A 44 -9.38 5.92 16.90
N GLY A 45 -8.62 4.85 16.71
CA GLY A 45 -8.55 4.21 15.42
C GLY A 45 -8.22 2.73 15.53
N GLY B 1 -1.55 -22.75 4.71
CA GLY B 1 -1.98 -22.66 3.32
C GLY B 1 -1.43 -21.43 2.63
N SER B 2 -1.98 -20.27 2.98
CA SER B 2 -1.56 -19.01 2.38
C SER B 2 -1.57 -17.89 3.41
N THR B 3 -0.76 -16.86 3.17
CA THR B 3 -0.69 -15.72 4.08
C THR B 3 -1.64 -14.60 3.63
N PRO B 4 -2.53 -14.20 4.55
CA PRO B 4 -3.51 -13.15 4.29
C PRO B 4 -2.86 -11.77 4.18
N PRO B 5 -1.70 -11.61 4.84
CA PRO B 5 -0.95 -10.35 4.82
C PRO B 5 -0.34 -10.05 3.46
N GLN B 6 0.33 -11.03 2.89
CA GLN B 6 0.97 -10.87 1.59
C GLN B 6 -0.06 -10.56 0.51
N ALA B 7 -1.32 -10.84 0.82
CA ALA B 7 -2.41 -10.59 -0.12
C ALA B 7 -2.38 -9.16 -0.64
N LEU B 8 -1.88 -8.25 0.19
CA LEU B 8 -1.78 -6.85 -0.17
C LEU B 8 -0.69 -6.63 -1.22
N GLN B 9 0.39 -7.39 -1.10
CA GLN B 9 1.51 -7.27 -2.03
C GLN B 9 1.06 -7.59 -3.46
N GLN B 10 0.32 -8.68 -3.61
CA GLN B 10 -0.18 -9.09 -4.93
C GLN B 10 -0.95 -7.95 -5.60
N LEU B 11 -1.98 -7.48 -4.93
CA LEU B 11 -2.80 -6.39 -5.46
C LEU B 11 -2.00 -5.09 -5.53
N LEU B 12 -1.11 -4.90 -4.57
CA LEU B 12 -0.28 -3.70 -4.52
C LEU B 12 0.48 -3.50 -5.83
N GLN B 13 0.67 -4.60 -6.56
CA GLN B 13 1.38 -4.55 -7.84
C GLN B 13 0.66 -3.64 -8.82
N THR B 14 -0.57 -4.01 -9.18
CA THR B 14 -1.36 -3.22 -10.12
C THR B 14 -1.51 -1.78 -9.63
N LEU B 15 -1.50 -1.60 -8.31
CA LEU B 15 -1.63 -0.27 -7.72
C LEU B 15 -0.40 0.58 -8.00
N LYS B 16 0.74 -0.08 -8.16
CA LYS B 16 1.99 0.61 -8.43
C LYS B 16 2.29 0.63 -9.92
N SER B 17 1.72 -0.32 -10.65
CA SER B 17 1.92 -0.41 -12.09
C SER B 17 0.83 0.35 -12.84
N PRO B 18 1.16 0.82 -14.06
CA PRO B 18 0.23 1.56 -14.90
C PRO B 18 -0.90 0.69 -15.44
N SER B 19 -1.30 -0.31 -14.65
CA SER B 19 -2.36 -1.21 -15.06
C SER B 19 -3.61 -0.45 -15.46
N SER B 20 -4.67 -1.18 -15.78
CA SER B 20 -5.93 -0.58 -16.19
C SER B 20 -6.57 0.19 -15.03
N PRO B 21 -7.62 0.95 -15.34
CA PRO B 21 -8.35 1.74 -14.33
C PRO B 21 -9.13 0.87 -13.36
N GLN B 22 -9.72 -0.20 -13.88
CA GLN B 22 -10.50 -1.11 -13.05
C GLN B 22 -9.63 -1.80 -12.02
N GLN B 23 -8.44 -2.23 -12.44
CA GLN B 23 -7.51 -2.91 -11.56
C GLN B 23 -7.06 -1.97 -10.43
N GLN B 24 -6.61 -0.78 -10.81
CA GLN B 24 -6.14 0.20 -9.83
C GLN B 24 -7.19 0.42 -8.75
N GLN B 25 -8.44 0.64 -9.17
CA GLN B 25 -9.53 0.87 -8.23
C GLN B 25 -9.82 -0.39 -7.42
N GLN B 26 -9.62 -1.54 -8.03
CA GLN B 26 -9.86 -2.82 -7.37
C GLN B 26 -8.93 -3.00 -6.18
N VAL B 27 -7.69 -2.52 -6.33
CA VAL B 27 -6.70 -2.63 -5.27
C VAL B 27 -7.26 -2.15 -3.94
N LEU B 28 -7.74 -0.91 -3.92
CA LEU B 28 -8.31 -0.32 -2.71
C LEU B 28 -9.38 -1.23 -2.12
N GLN B 29 -10.13 -1.91 -2.99
CA GLN B 29 -11.19 -2.81 -2.55
C GLN B 29 -10.64 -3.89 -1.63
N ILE B 30 -9.57 -4.55 -2.07
CA ILE B 30 -8.95 -5.60 -1.27
C ILE B 30 -8.36 -5.04 0.03
N LEU B 31 -7.49 -4.04 -0.11
CA LEU B 31 -6.86 -3.42 1.04
C LEU B 31 -7.89 -3.01 2.09
N LYS B 32 -9.09 -2.70 1.61
CA LYS B 32 -10.18 -2.29 2.51
C LYS B 32 -10.54 -3.42 3.47
N SER B 33 -10.54 -4.64 2.96
CA SER B 33 -10.86 -5.81 3.78
C SER B 33 -9.70 -6.17 4.70
N ASN B 34 -8.52 -5.67 4.38
CA ASN B 34 -7.33 -5.93 5.18
C ASN B 34 -6.75 -4.64 5.74
N PRO B 35 -7.25 -4.22 6.91
CA PRO B 35 -6.80 -3.00 7.57
C PRO B 35 -5.38 -3.13 8.12
N GLN B 36 -5.05 -4.32 8.61
CA GLN B 36 -3.73 -4.58 9.16
C GLN B 36 -2.68 -4.66 8.05
N LEU B 37 -3.15 -4.82 6.82
CA LEU B 37 -2.25 -4.93 5.68
C LEU B 37 -1.89 -3.55 5.14
N MET B 38 -2.89 -2.67 5.05
CA MET B 38 -2.67 -1.31 4.56
C MET B 38 -1.49 -0.67 5.27
N ALA B 39 -1.30 -0.99 6.55
CA ALA B 39 -0.20 -0.45 7.33
C ALA B 39 1.13 -0.63 6.61
N ALA B 40 1.23 -1.71 5.85
CA ALA B 40 2.46 -2.01 5.10
C ALA B 40 2.73 -0.94 4.05
N PHE B 41 1.66 -0.46 3.43
CA PHE B 41 1.78 0.57 2.39
C PHE B 41 2.55 1.78 2.91
N ILE B 42 2.06 2.36 3.99
CA ILE B 42 2.70 3.53 4.59
C ILE B 42 4.09 3.18 5.12
N LYS B 43 4.24 1.94 5.58
CA LYS B 43 5.53 1.49 6.11
C LYS B 43 6.67 1.85 5.17
N GLN B 44 6.39 1.85 3.87
CA GLN B 44 7.39 2.17 2.86
C GLN B 44 7.84 3.63 3.01
N ARG B 45 6.88 4.52 3.23
CA ARG B 45 7.18 5.94 3.38
C ARG B 45 7.66 6.25 4.79
N SER B 46 7.18 5.47 5.76
CA SER B 46 7.57 5.67 7.15
C SER B 46 9.03 5.28 7.37
N GLN B 47 9.48 4.25 6.65
CA GLN B 47 10.85 3.78 6.76
C GLN B 47 11.76 4.52 5.78
N HIS B 48 11.19 5.48 5.05
CA HIS B 48 11.96 6.24 4.08
C HIS B 48 11.58 7.72 4.15
N GLN B 49 10.52 8.10 3.44
CA GLN B 49 10.05 9.48 3.41
C GLN B 49 8.53 9.54 3.41
N GLN B 50 7.97 10.02 4.52
CA GLN B 50 6.52 10.14 4.64
C GLN B 50 6.09 11.61 4.74
N GLY A 1 10.39 -1.26 7.21
CA GLY A 1 11.62 -0.73 6.67
C GLY A 1 11.87 -1.18 5.25
N SER A 2 13.10 -1.03 4.78
CA SER A 2 13.48 -1.42 3.43
C SER A 2 14.74 -2.28 3.43
N GLU A 3 15.12 -2.76 2.26
CA GLU A 3 16.31 -3.60 2.13
C GLU A 3 16.76 -3.69 0.67
N SER A 4 16.02 -4.47 -0.12
CA SER A 4 16.34 -4.65 -1.53
C SER A 4 15.09 -4.97 -2.34
N GLN A 5 15.29 -5.36 -3.59
CA GLN A 5 14.17 -5.71 -4.46
C GLN A 5 14.41 -7.05 -5.14
N ASN A 6 14.68 -8.07 -4.34
CA ASN A 6 14.92 -9.41 -4.86
C ASN A 6 13.61 -10.10 -5.23
N ASP A 7 12.76 -10.33 -4.23
CA ASP A 7 11.47 -10.97 -4.44
C ASP A 7 10.45 -9.97 -4.97
N GLU A 8 9.27 -10.48 -5.32
CA GLU A 8 8.21 -9.63 -5.84
C GLU A 8 7.83 -8.55 -4.83
N LYS A 9 7.46 -8.96 -3.62
CA LYS A 9 7.07 -8.04 -2.57
C LYS A 9 8.16 -6.97 -2.37
N ALA A 10 9.41 -7.39 -2.43
CA ALA A 10 10.52 -6.48 -2.26
C ALA A 10 10.52 -5.39 -3.33
N LEU A 11 10.09 -5.76 -4.53
CA LEU A 11 10.04 -4.81 -5.64
C LEU A 11 9.09 -3.66 -5.34
N LEU A 12 8.03 -3.96 -4.60
CA LEU A 12 7.04 -2.93 -4.22
C LEU A 12 7.68 -1.87 -3.33
N ASP A 13 8.48 -2.31 -2.37
CA ASP A 13 9.14 -1.39 -1.46
C ASP A 13 9.84 -0.26 -2.22
N GLN A 14 10.28 -0.57 -3.44
CA GLN A 14 10.96 0.42 -4.27
C GLN A 14 10.01 1.54 -4.67
N LEU A 15 8.89 1.16 -5.30
CA LEU A 15 7.90 2.14 -5.74
C LEU A 15 7.26 2.84 -4.54
N ASP A 16 7.17 2.13 -3.42
CA ASP A 16 6.58 2.68 -2.22
C ASP A 16 7.19 4.04 -1.89
N SER A 17 8.42 4.26 -2.34
CA SER A 17 9.11 5.52 -2.09
C SER A 17 8.27 6.70 -2.56
N LEU A 18 7.46 6.48 -3.58
CA LEU A 18 6.60 7.52 -4.12
C LEU A 18 5.70 8.11 -3.03
N LEU A 19 5.39 7.30 -2.03
CA LEU A 19 4.55 7.75 -0.92
C LEU A 19 5.02 9.09 -0.38
N SER A 20 6.33 9.34 -0.47
CA SER A 20 6.90 10.58 0.02
C SER A 20 6.49 11.75 -0.87
N SER A 21 6.47 11.51 -2.19
CA SER A 21 6.10 12.55 -3.14
C SER A 21 4.82 12.17 -3.87
N THR A 22 3.89 11.55 -3.16
CA THR A 22 2.62 11.13 -3.74
C THR A 22 1.56 12.21 -3.56
N ASP A 23 0.62 12.25 -4.49
CA ASP A 23 -0.46 13.24 -4.45
C ASP A 23 -1.31 13.05 -3.19
N GLU A 24 -1.26 14.04 -2.30
CA GLU A 24 -2.01 13.98 -1.05
C GLU A 24 -3.49 13.68 -1.33
N MET A 25 -4.00 14.23 -2.43
CA MET A 25 -5.39 14.03 -2.81
C MET A 25 -5.61 12.60 -3.29
N GLU A 26 -4.83 12.18 -4.28
CA GLU A 26 -4.94 10.84 -4.84
C GLU A 26 -4.80 9.79 -3.74
N LEU A 27 -3.67 9.81 -3.05
CA LEU A 27 -3.40 8.86 -1.98
C LEU A 27 -4.54 8.84 -0.97
N ALA A 28 -4.83 10.01 -0.41
CA ALA A 28 -5.90 10.14 0.57
C ALA A 28 -7.21 9.56 0.04
N GLU A 29 -7.41 9.67 -1.27
CA GLU A 29 -8.62 9.16 -1.90
C GLU A 29 -8.78 7.67 -1.64
N ILE A 30 -7.74 6.91 -1.97
CA ILE A 30 -7.77 5.46 -1.78
C ILE A 30 -7.54 5.10 -0.31
N ASP A 31 -6.68 5.85 0.35
CA ASP A 31 -6.37 5.61 1.76
C ASP A 31 -7.65 5.58 2.59
N ARG A 32 -8.40 6.68 2.57
CA ARG A 32 -9.64 6.78 3.32
C ARG A 32 -10.56 5.60 3.00
N ALA A 33 -10.41 5.05 1.80
CA ALA A 33 -11.22 3.92 1.36
C ALA A 33 -10.99 2.69 2.24
N LEU A 34 -9.72 2.48 2.62
CA LEU A 34 -9.37 1.35 3.47
C LEU A 34 -9.36 1.74 4.94
N GLY A 35 -9.16 3.03 5.20
CA GLY A 35 -9.14 3.51 6.57
C GLY A 35 -7.80 3.30 7.24
N ILE A 36 -6.72 3.58 6.51
CA ILE A 36 -5.37 3.41 7.05
C ILE A 36 -4.99 4.59 7.94
N ASP A 37 -5.48 5.77 7.60
CA ASP A 37 -5.19 6.97 8.38
C ASP A 37 -5.95 6.96 9.70
N LYS A 38 -6.73 5.91 9.92
CA LYS A 38 -7.50 5.77 11.15
C LYS A 38 -6.65 5.20 12.27
N LEU A 39 -5.77 4.27 11.93
CA LEU A 39 -4.89 3.64 12.90
C LEU A 39 -3.86 4.64 13.43
N VAL A 40 -2.81 4.12 14.04
CA VAL A 40 -1.75 4.96 14.59
C VAL A 40 -0.73 5.34 13.52
N SER A 41 -1.07 6.35 12.73
CA SER A 41 -0.19 6.80 11.65
C SER A 41 -0.49 8.26 11.29
N GLN A 42 -1.76 8.63 11.36
CA GLN A 42 -2.17 9.99 11.04
C GLN A 42 -1.93 10.30 9.56
N GLN A 43 -2.71 9.66 8.69
CA GLN A 43 -2.58 9.86 7.26
C GLN A 43 -1.18 9.51 6.78
N GLY A 44 -0.88 9.86 5.54
CA GLY A 44 0.43 9.58 4.99
C GLY A 44 0.85 10.60 3.95
N GLY A 45 2.15 10.89 3.91
CA GLY A 45 2.66 11.87 2.95
C GLY A 45 4.07 11.54 2.51
N GLY B 1 -4.36 -18.67 -1.79
CA GLY B 1 -3.83 -17.52 -1.09
C GLY B 1 -3.04 -17.91 0.14
N SER B 2 -3.54 -18.91 0.87
CA SER B 2 -2.88 -19.38 2.09
C SER B 2 -2.95 -18.32 3.18
N THR B 3 -2.10 -17.31 3.07
CA THR B 3 -2.05 -16.23 4.05
C THR B 3 -2.91 -15.06 3.61
N PRO B 4 -3.86 -14.66 4.48
CA PRO B 4 -4.77 -13.55 4.20
C PRO B 4 -4.05 -12.19 4.21
N PRO B 5 -2.93 -12.12 4.95
CA PRO B 5 -2.14 -10.90 5.07
C PRO B 5 -1.41 -10.56 3.77
N GLN B 6 -0.75 -11.56 3.19
CA GLN B 6 -0.01 -11.36 1.94
C GLN B 6 -0.95 -10.96 0.81
N ALA B 7 -2.25 -11.18 1.02
CA ALA B 7 -3.25 -10.84 0.02
C ALA B 7 -3.10 -9.39 -0.43
N LEU B 8 -2.63 -8.54 0.47
CA LEU B 8 -2.44 -7.12 0.17
C LEU B 8 -1.27 -6.93 -0.78
N GLN B 9 -0.24 -7.75 -0.62
CA GLN B 9 0.95 -7.67 -1.47
C GLN B 9 0.59 -7.88 -2.94
N GLN B 10 -0.18 -8.93 -3.20
CA GLN B 10 -0.59 -9.25 -4.57
C GLN B 10 -1.26 -8.05 -5.23
N LEU B 11 -2.31 -7.55 -4.61
CA LEU B 11 -3.04 -6.40 -5.13
C LEU B 11 -2.18 -5.14 -5.09
N LEU B 12 -1.34 -5.04 -4.06
CA LEU B 12 -0.46 -3.89 -3.90
C LEU B 12 0.39 -3.68 -5.15
N GLN B 13 0.61 -4.76 -5.90
CA GLN B 13 1.40 -4.69 -7.12
C GLN B 13 0.79 -3.72 -8.12
N THR B 14 -0.43 -4.02 -8.57
CA THR B 14 -1.13 -3.17 -9.52
C THR B 14 -1.27 -1.75 -9.00
N LEU B 15 -1.33 -1.61 -7.68
CA LEU B 15 -1.46 -0.31 -7.04
C LEU B 15 -0.18 0.50 -7.19
N LYS B 16 0.94 -0.19 -7.29
CA LYS B 16 2.24 0.46 -7.44
C LYS B 16 2.65 0.54 -8.91
N SER B 17 2.12 -0.38 -9.72
CA SER B 17 2.43 -0.42 -11.13
C SER B 17 1.41 0.39 -11.93
N PRO B 18 1.84 0.87 -13.11
CA PRO B 18 0.98 1.67 -14.00
C PRO B 18 -0.14 0.84 -14.62
N SER B 19 -0.63 -0.14 -13.87
CA SER B 19 -1.70 -1.01 -14.35
C SER B 19 -2.88 -0.18 -14.85
N SER B 20 -3.94 -0.88 -15.28
CA SER B 20 -5.13 -0.21 -15.79
C SER B 20 -5.86 0.54 -14.67
N PRO B 21 -6.86 1.35 -15.05
CA PRO B 21 -7.64 2.14 -14.10
C PRO B 21 -8.54 1.26 -13.22
N GLN B 22 -9.11 0.23 -13.82
CA GLN B 22 -9.99 -0.68 -13.10
C GLN B 22 -9.23 -1.42 -12.01
N GLN B 23 -8.02 -1.86 -12.34
CA GLN B 23 -7.19 -2.59 -11.39
C GLN B 23 -6.83 -1.71 -10.19
N GLN B 24 -6.33 -0.51 -10.47
CA GLN B 24 -5.95 0.42 -9.41
C GLN B 24 -7.09 0.62 -8.42
N GLN B 25 -8.29 0.85 -8.95
CA GLN B 25 -9.47 1.05 -8.11
C GLN B 25 -9.82 -0.22 -7.35
N GLN B 26 -9.56 -1.36 -7.97
CA GLN B 26 -9.85 -2.65 -7.35
C GLN B 26 -9.00 -2.86 -6.10
N VAL B 27 -7.76 -2.40 -6.16
CA VAL B 27 -6.84 -2.55 -5.04
C VAL B 27 -7.47 -2.03 -3.75
N LEU B 28 -7.86 -0.76 -3.75
CA LEU B 28 -8.48 -0.16 -2.59
C LEU B 28 -9.65 -1.00 -2.08
N GLN B 29 -10.36 -1.62 -3.00
CA GLN B 29 -11.51 -2.46 -2.65
C GLN B 29 -11.06 -3.62 -1.75
N ILE B 30 -9.98 -4.28 -2.13
CA ILE B 30 -9.46 -5.41 -1.37
C ILE B 30 -8.94 -4.94 -0.01
N LEU B 31 -7.98 -4.01 -0.03
CA LEU B 31 -7.39 -3.49 1.18
C LEU B 31 -8.47 -3.06 2.17
N LYS B 32 -9.60 -2.62 1.64
CA LYS B 32 -10.72 -2.18 2.47
C LYS B 32 -11.23 -3.32 3.34
N SER B 33 -11.27 -4.53 2.78
CA SER B 33 -11.75 -5.70 3.50
C SER B 33 -10.68 -6.21 4.47
N ASN B 34 -9.45 -5.75 4.27
CA ASN B 34 -8.33 -6.16 5.13
C ASN B 34 -7.75 -4.95 5.86
N PRO B 35 -8.32 -4.64 7.03
CA PRO B 35 -7.87 -3.51 7.85
C PRO B 35 -6.49 -3.77 8.47
N GLN B 36 -6.23 -5.02 8.82
CA GLN B 36 -4.95 -5.39 9.42
C GLN B 36 -3.85 -5.43 8.37
N LEU B 37 -4.24 -5.45 7.11
CA LEU B 37 -3.27 -5.50 6.01
C LEU B 37 -2.85 -4.09 5.60
N MET B 38 -3.84 -3.21 5.45
CA MET B 38 -3.56 -1.82 5.07
C MET B 38 -2.46 -1.22 5.94
N ALA B 39 -2.43 -1.61 7.20
CA ALA B 39 -1.42 -1.12 8.14
C ALA B 39 -0.02 -1.28 7.57
N ALA B 40 0.19 -2.34 6.79
CA ALA B 40 1.48 -2.60 6.18
C ALA B 40 1.83 -1.53 5.15
N PHE B 41 0.82 -1.04 4.44
CA PHE B 41 1.01 -0.02 3.43
C PHE B 41 1.70 1.21 4.02
N ILE B 42 1.09 1.78 5.06
CA ILE B 42 1.65 2.96 5.71
C ILE B 42 3.04 2.67 6.28
N LYS B 43 3.27 1.42 6.68
CA LYS B 43 4.55 1.03 7.23
C LYS B 43 5.70 1.51 6.34
N GLN B 44 5.45 1.58 5.05
CA GLN B 44 6.45 2.03 4.10
C GLN B 44 6.81 3.50 4.34
N ARG B 45 5.79 4.32 4.56
CA ARG B 45 6.00 5.74 4.80
C ARG B 45 6.42 5.99 6.24
N SER B 46 5.90 5.18 7.16
CA SER B 46 6.23 5.31 8.57
C SER B 46 7.67 4.91 8.84
N GLN B 47 8.08 3.78 8.30
CA GLN B 47 9.44 3.29 8.48
C GLN B 47 10.35 3.73 7.33
N HIS B 48 9.76 4.47 6.39
CA HIS B 48 10.51 4.96 5.24
C HIS B 48 11.06 3.79 4.42
N GLN B 49 11.60 4.12 3.23
CA GLN B 49 12.16 3.10 2.35
C GLN B 49 13.67 3.05 2.48
N GLN B 50 14.17 3.19 3.71
CA GLN B 50 15.60 3.16 3.96
C GLN B 50 15.94 2.20 5.08
N GLY A 1 18.18 -12.12 6.94
CA GLY A 1 18.50 -10.70 6.93
C GLY A 1 18.43 -10.09 5.54
N SER A 2 17.50 -10.60 4.73
CA SER A 2 17.34 -10.12 3.37
C SER A 2 15.91 -10.35 2.87
N GLU A 3 15.64 -9.94 1.65
CA GLU A 3 14.31 -10.11 1.06
C GLU A 3 14.08 -11.57 0.66
N SER A 4 15.14 -12.24 0.22
CA SER A 4 15.05 -13.63 -0.19
C SER A 4 14.20 -13.77 -1.45
N GLN A 5 14.59 -14.68 -2.33
CA GLN A 5 13.87 -14.91 -3.57
C GLN A 5 13.64 -13.61 -4.32
N ASN A 6 12.82 -13.66 -5.37
CA ASN A 6 12.52 -12.49 -6.17
C ASN A 6 11.24 -11.81 -5.69
N ASP A 7 10.16 -12.58 -5.65
CA ASP A 7 8.87 -12.05 -5.22
C ASP A 7 8.54 -10.74 -5.92
N GLU A 8 7.91 -10.84 -7.08
CA GLU A 8 7.55 -9.65 -7.86
C GLU A 8 6.80 -8.64 -6.98
N LYS A 9 5.71 -9.09 -6.36
CA LYS A 9 4.91 -8.22 -5.50
C LYS A 9 5.77 -7.58 -4.43
N ALA A 10 6.74 -8.34 -3.91
CA ALA A 10 7.63 -7.84 -2.88
C ALA A 10 8.41 -6.63 -3.37
N LEU A 11 8.59 -6.53 -4.69
CA LEU A 11 9.31 -5.41 -5.28
C LEU A 11 8.59 -4.09 -5.04
N LEU A 12 7.26 -4.15 -5.02
CA LEU A 12 6.45 -2.96 -4.81
C LEU A 12 6.90 -2.21 -3.56
N ASP A 13 7.18 -2.97 -2.49
CA ASP A 13 7.63 -2.38 -1.24
C ASP A 13 8.79 -1.41 -1.48
N GLN A 14 9.57 -1.67 -2.51
CA GLN A 14 10.71 -0.82 -2.85
C GLN A 14 10.24 0.54 -3.32
N LEU A 15 9.45 0.57 -4.38
CA LEU A 15 8.93 1.82 -4.93
C LEU A 15 7.99 2.50 -3.94
N ASP A 16 7.31 1.70 -3.13
CA ASP A 16 6.38 2.23 -2.13
C ASP A 16 7.04 3.33 -1.31
N SER A 17 8.25 3.06 -0.84
CA SER A 17 8.99 4.03 -0.03
C SER A 17 9.07 5.38 -0.74
N LEU A 18 9.05 5.35 -2.07
CA LEU A 18 9.13 6.57 -2.86
C LEU A 18 7.94 7.47 -2.58
N LEU A 19 6.79 6.86 -2.27
CA LEU A 19 5.58 7.61 -1.98
C LEU A 19 5.84 8.69 -0.93
N SER A 20 6.79 8.42 -0.04
CA SER A 20 7.14 9.37 1.01
C SER A 20 7.70 10.65 0.42
N SER A 21 8.42 10.52 -0.69
CA SER A 21 9.02 11.68 -1.35
C SER A 21 8.21 12.07 -2.59
N THR A 22 6.90 11.85 -2.54
CA THR A 22 6.03 12.17 -3.65
C THR A 22 4.68 12.70 -3.16
N ASP A 23 3.93 13.32 -4.05
CA ASP A 23 2.62 13.87 -3.71
C ASP A 23 1.74 12.80 -3.07
N GLU A 24 1.60 12.87 -1.74
CA GLU A 24 0.79 11.92 -1.01
C GLU A 24 -0.68 12.06 -1.38
N MET A 25 -1.01 13.11 -2.13
CA MET A 25 -2.38 13.35 -2.55
C MET A 25 -2.85 12.28 -3.52
N GLU A 26 -1.93 11.80 -4.36
CA GLU A 26 -2.26 10.77 -5.34
C GLU A 26 -2.88 9.54 -4.66
N LEU A 27 -2.12 8.95 -3.74
CA LEU A 27 -2.60 7.77 -3.01
C LEU A 27 -3.73 8.14 -2.05
N ALA A 28 -3.85 9.44 -1.78
CA ALA A 28 -4.89 9.93 -0.86
C ALA A 28 -6.27 9.47 -1.31
N GLU A 29 -6.53 9.57 -2.61
CA GLU A 29 -7.83 9.17 -3.17
C GLU A 29 -8.20 7.77 -2.71
N ILE A 30 -7.29 6.82 -2.91
CA ILE A 30 -7.52 5.44 -2.52
C ILE A 30 -7.35 5.26 -1.01
N ASP A 31 -6.41 5.99 -0.43
CA ASP A 31 -6.16 5.91 1.00
C ASP A 31 -7.44 6.11 1.79
N ARG A 32 -8.18 7.17 1.45
CA ARG A 32 -9.42 7.48 2.14
C ARG A 32 -10.33 6.25 2.19
N ALA A 33 -10.29 5.46 1.12
CA ALA A 33 -11.12 4.24 1.05
C ALA A 33 -10.92 3.37 2.27
N LEU A 34 -9.67 3.25 2.72
CA LEU A 34 -9.34 2.44 3.89
C LEU A 34 -9.42 3.27 5.17
N GLY A 35 -9.20 4.57 5.03
CA GLY A 35 -9.25 5.46 6.18
C GLY A 35 -8.03 5.33 7.05
N ILE A 36 -6.85 5.34 6.43
CA ILE A 36 -5.59 5.22 7.16
C ILE A 36 -5.13 6.58 7.66
N ASP A 37 -6.06 7.54 7.74
CA ASP A 37 -5.74 8.88 8.20
C ASP A 37 -5.64 8.91 9.72
N LYS A 38 -5.87 7.78 10.36
CA LYS A 38 -5.81 7.67 11.82
C LYS A 38 -4.39 7.32 12.27
N LEU A 39 -3.65 6.64 11.41
CA LEU A 39 -2.29 6.24 11.73
C LEU A 39 -1.35 7.45 11.74
N VAL A 40 -1.01 7.91 12.94
CA VAL A 40 -0.13 9.06 13.09
C VAL A 40 -0.60 10.23 12.25
N SER A 41 -1.89 10.56 12.35
CA SER A 41 -2.46 11.66 11.59
C SER A 41 -3.72 12.19 12.27
N GLN A 42 -4.64 11.28 12.61
CA GLN A 42 -5.88 11.65 13.26
C GLN A 42 -6.31 10.58 14.26
N GLN A 43 -7.38 10.87 15.00
CA GLN A 43 -7.89 9.93 15.99
C GLN A 43 -8.97 9.05 15.40
N GLY A 44 -8.93 8.86 14.08
CA GLY A 44 -9.92 8.03 13.41
C GLY A 44 -9.95 8.26 11.92
N GLY A 45 -10.96 7.72 11.26
CA GLY A 45 -11.09 7.88 9.82
C GLY A 45 -11.76 6.69 9.16
N GLY B 1 3.66 -19.16 2.35
CA GLY B 1 2.20 -19.23 2.35
C GLY B 1 1.60 -18.83 3.68
N SER B 2 0.28 -18.73 3.73
CA SER B 2 -0.42 -18.37 4.96
C SER B 2 0.01 -16.97 5.43
N THR B 3 -0.11 -15.99 4.55
CA THR B 3 0.27 -14.62 4.88
C THR B 3 -0.81 -13.63 4.43
N PRO B 4 -1.68 -13.24 5.36
CA PRO B 4 -2.78 -12.31 5.08
C PRO B 4 -2.26 -10.88 4.84
N PRO B 5 -1.08 -10.58 5.41
CA PRO B 5 -0.47 -9.26 5.27
C PRO B 5 0.05 -9.00 3.85
N GLN B 6 0.77 -9.96 3.31
CA GLN B 6 1.31 -9.85 1.96
C GLN B 6 0.20 -9.69 0.94
N ALA B 7 -1.01 -10.07 1.33
CA ALA B 7 -2.17 -9.97 0.44
C ALA B 7 -2.28 -8.57 -0.16
N LEU B 8 -1.84 -7.57 0.59
CA LEU B 8 -1.89 -6.19 0.13
C LEU B 8 -0.83 -5.93 -0.93
N GLN B 9 0.33 -6.56 -0.76
CA GLN B 9 1.43 -6.40 -1.71
C GLN B 9 1.02 -6.85 -3.11
N GLN B 10 0.36 -8.00 -3.18
CA GLN B 10 -0.09 -8.54 -4.46
C GLN B 10 -0.94 -7.51 -5.22
N LEU B 11 -2.03 -7.07 -4.59
CA LEU B 11 -2.92 -6.10 -5.20
C LEU B 11 -2.23 -4.74 -5.34
N LEU B 12 -1.37 -4.42 -4.38
CA LEU B 12 -0.64 -3.16 -4.40
C LEU B 12 0.12 -2.98 -5.71
N GLN B 13 0.42 -4.09 -6.37
CA GLN B 13 1.14 -4.07 -7.64
C GLN B 13 0.36 -3.29 -8.69
N THR B 14 -0.85 -3.78 -9.01
CA THR B 14 -1.70 -3.14 -10.00
C THR B 14 -1.97 -1.68 -9.63
N LEU B 15 -1.95 -1.39 -8.33
CA LEU B 15 -2.20 -0.04 -7.84
C LEU B 15 -1.02 0.88 -8.17
N LYS B 16 0.17 0.29 -8.29
CA LYS B 16 1.37 1.05 -8.60
C LYS B 16 1.63 1.07 -10.10
N SER B 17 1.10 0.08 -10.80
CA SER B 17 1.28 -0.02 -12.25
C SER B 17 0.13 0.66 -12.98
N PRO B 18 0.41 1.15 -14.20
CA PRO B 18 -0.60 1.83 -15.03
C PRO B 18 -1.66 0.88 -15.55
N SER B 19 -2.02 -0.12 -14.73
CA SER B 19 -3.03 -1.10 -15.11
C SER B 19 -4.33 -0.40 -15.52
N SER B 20 -5.36 -1.21 -15.75
CA SER B 20 -6.66 -0.68 -16.14
C SER B 20 -7.34 0.05 -14.98
N PRO B 21 -8.45 0.74 -15.27
CA PRO B 21 -9.20 1.49 -14.27
C PRO B 21 -9.91 0.58 -13.27
N GLN B 22 -10.41 -0.55 -13.76
CA GLN B 22 -11.11 -1.51 -12.92
C GLN B 22 -10.17 -2.10 -11.88
N GLN B 23 -8.95 -2.43 -12.30
CA GLN B 23 -7.96 -3.00 -11.40
C GLN B 23 -7.60 -2.03 -10.28
N GLN B 24 -7.27 -0.80 -10.65
CA GLN B 24 -6.91 0.22 -9.68
C GLN B 24 -7.97 0.35 -8.60
N GLN B 25 -9.23 0.41 -9.03
CA GLN B 25 -10.36 0.54 -8.09
C GLN B 25 -10.49 -0.73 -7.25
N GLN B 26 -10.14 -1.87 -7.83
CA GLN B 26 -10.23 -3.14 -7.13
C GLN B 26 -9.25 -3.19 -5.96
N VAL B 27 -8.07 -2.63 -6.17
CA VAL B 27 -7.04 -2.59 -5.13
C VAL B 27 -7.60 -2.07 -3.82
N LEU B 28 -8.12 -0.85 -3.85
CA LEU B 28 -8.68 -0.22 -2.65
C LEU B 28 -9.73 -1.14 -2.02
N GLN B 29 -10.47 -1.85 -2.85
CA GLN B 29 -11.50 -2.76 -2.37
C GLN B 29 -10.91 -3.82 -1.45
N ILE B 30 -9.79 -4.39 -1.85
CA ILE B 30 -9.12 -5.41 -1.06
C ILE B 30 -8.58 -4.83 0.24
N LEU B 31 -7.76 -3.79 0.13
CA LEU B 31 -7.16 -3.15 1.29
C LEU B 31 -8.24 -2.80 2.33
N LYS B 32 -9.44 -2.53 1.84
CA LYS B 32 -10.56 -2.19 2.73
C LYS B 32 -10.89 -3.34 3.66
N SER B 33 -10.81 -4.56 3.14
CA SER B 33 -11.10 -5.76 3.92
C SER B 33 -9.95 -6.09 4.85
N ASN B 34 -8.78 -5.51 4.57
CA ASN B 34 -7.59 -5.74 5.38
C ASN B 34 -7.11 -4.45 6.02
N PRO B 35 -7.64 -4.14 7.22
CA PRO B 35 -7.27 -2.93 7.96
C PRO B 35 -5.85 -3.00 8.50
N GLN B 36 -5.42 -4.19 8.90
CA GLN B 36 -4.08 -4.38 9.44
C GLN B 36 -3.04 -4.31 8.34
N LEU B 37 -3.49 -4.43 7.10
CA LEU B 37 -2.59 -4.38 5.95
C LEU B 37 -2.33 -2.93 5.52
N MET B 38 -3.39 -2.13 5.50
CA MET B 38 -3.28 -0.73 5.11
C MET B 38 -2.14 -0.05 5.86
N ALA B 39 -1.93 -0.47 7.11
CA ALA B 39 -0.88 0.10 7.94
C ALA B 39 0.47 0.06 7.23
N ALA B 40 0.68 -1.00 6.45
CA ALA B 40 1.92 -1.16 5.71
C ALA B 40 2.09 -0.07 4.66
N PHE B 41 1.00 0.25 3.97
CA PHE B 41 1.03 1.27 2.93
C PHE B 41 1.59 2.58 3.48
N ILE B 42 0.95 3.10 4.53
CA ILE B 42 1.38 4.34 5.14
C ILE B 42 2.76 4.20 5.77
N LYS B 43 3.07 3.00 6.26
CA LYS B 43 4.36 2.73 6.88
C LYS B 43 5.50 3.26 6.01
N GLN B 44 5.29 3.25 4.70
CA GLN B 44 6.31 3.72 3.77
C GLN B 44 6.53 5.23 3.94
N ARG B 45 5.45 5.98 4.00
CA ARG B 45 5.54 7.42 4.16
C ARG B 45 5.87 7.80 5.60
N SER B 46 5.39 7.00 6.54
CA SER B 46 5.64 7.25 7.97
C SER B 46 7.10 6.99 8.31
N GLN B 47 7.64 5.89 7.77
CA GLN B 47 9.03 5.53 8.02
C GLN B 47 9.93 6.07 6.92
N HIS B 48 9.35 6.77 5.96
CA HIS B 48 10.11 7.34 4.86
C HIS B 48 10.86 6.26 4.09
N GLN B 49 11.72 6.67 3.17
CA GLN B 49 12.49 5.74 2.37
C GLN B 49 13.89 5.54 2.95
N GLN B 50 14.75 4.86 2.20
CA GLN B 50 16.11 4.61 2.65
C GLN B 50 16.11 3.79 3.93
N GLY A 1 2.13 -12.82 9.43
CA GLY A 1 2.68 -13.98 8.75
C GLY A 1 4.07 -13.74 8.20
N SER A 2 4.31 -14.17 6.97
CA SER A 2 5.61 -14.00 6.34
C SER A 2 6.04 -12.53 6.36
N GLU A 3 7.35 -12.31 6.39
CA GLU A 3 7.90 -10.96 6.42
C GLU A 3 7.83 -10.31 5.04
N SER A 4 8.49 -9.17 4.90
CA SER A 4 8.51 -8.45 3.62
C SER A 4 9.58 -9.02 2.70
N GLN A 5 9.66 -8.45 1.49
CA GLN A 5 10.64 -8.90 0.51
C GLN A 5 10.36 -10.33 0.07
N ASN A 6 9.17 -10.55 -0.48
CA ASN A 6 8.76 -11.87 -0.94
C ASN A 6 9.02 -12.02 -2.44
N ASP A 7 8.34 -11.21 -3.24
CA ASP A 7 8.49 -11.25 -4.68
C ASP A 7 8.01 -9.96 -5.33
N GLU A 8 6.69 -9.81 -5.42
CA GLU A 8 6.09 -8.62 -6.01
C GLU A 8 6.53 -7.37 -5.25
N LYS A 9 6.26 -7.34 -3.95
CA LYS A 9 6.62 -6.21 -3.12
C LYS A 9 8.10 -5.84 -3.30
N ALA A 10 8.90 -6.83 -3.65
CA ALA A 10 10.33 -6.62 -3.86
C ALA A 10 10.57 -5.57 -4.93
N LEU A 11 9.99 -5.77 -6.11
CA LEU A 11 10.15 -4.85 -7.22
C LEU A 11 9.56 -3.48 -6.86
N LEU A 12 8.44 -3.49 -6.16
CA LEU A 12 7.78 -2.25 -5.76
C LEU A 12 8.63 -1.47 -4.76
N ASP A 13 9.27 -2.21 -3.86
CA ASP A 13 10.12 -1.60 -2.84
C ASP A 13 11.08 -0.59 -3.47
N GLN A 14 11.46 -0.83 -4.72
CA GLN A 14 12.37 0.05 -5.43
C GLN A 14 11.70 1.39 -5.73
N LEU A 15 10.59 1.34 -6.46
CA LEU A 15 9.86 2.55 -6.81
C LEU A 15 9.26 3.21 -5.58
N ASP A 16 9.14 2.44 -4.50
CA ASP A 16 8.59 2.95 -3.25
C ASP A 16 9.22 4.28 -2.88
N SER A 17 10.46 4.50 -3.31
CA SER A 17 11.18 5.73 -3.03
C SER A 17 10.35 6.95 -3.44
N LEU A 18 9.54 6.78 -4.49
CA LEU A 18 8.70 7.85 -4.99
C LEU A 18 7.78 8.37 -3.88
N LEU A 19 7.47 7.52 -2.92
CA LEU A 19 6.60 7.90 -1.81
C LEU A 19 6.96 9.29 -1.28
N SER A 20 8.23 9.64 -1.38
CA SER A 20 8.70 10.95 -0.91
C SER A 20 7.98 12.07 -1.65
N SER A 21 8.13 12.09 -2.97
CA SER A 21 7.50 13.11 -3.80
C SER A 21 6.38 12.52 -4.64
N THR A 22 5.63 11.60 -4.05
CA THR A 22 4.52 10.95 -4.74
C THR A 22 3.23 11.75 -4.57
N ASP A 23 2.34 11.64 -5.55
CA ASP A 23 1.06 12.34 -5.52
C ASP A 23 0.25 11.93 -4.29
N GLU A 24 0.25 12.78 -3.27
CA GLU A 24 -0.48 12.50 -2.05
C GLU A 24 -1.97 12.30 -2.34
N MET A 25 -2.46 13.01 -3.35
CA MET A 25 -3.87 12.91 -3.74
C MET A 25 -4.15 11.61 -4.47
N GLU A 26 -3.33 11.32 -5.49
CA GLU A 26 -3.49 10.10 -6.27
C GLU A 26 -3.61 8.88 -5.36
N LEU A 27 -2.91 8.93 -4.24
CA LEU A 27 -2.92 7.82 -3.28
C LEU A 27 -3.99 8.04 -2.21
N ALA A 28 -4.19 9.30 -1.83
CA ALA A 28 -5.19 9.64 -0.83
C ALA A 28 -6.56 9.07 -1.19
N GLU A 29 -6.86 9.06 -2.48
CA GLU A 29 -8.14 8.54 -2.96
C GLU A 29 -8.37 7.12 -2.47
N ILE A 30 -7.41 6.24 -2.76
CA ILE A 30 -7.50 4.84 -2.35
C ILE A 30 -7.17 4.68 -0.86
N ASP A 31 -6.17 5.41 -0.40
CA ASP A 31 -5.76 5.35 0.99
C ASP A 31 -6.93 5.67 1.91
N ARG A 32 -7.53 6.84 1.72
CA ARG A 32 -8.66 7.26 2.54
C ARG A 32 -9.74 6.19 2.57
N ALA A 33 -9.80 5.38 1.51
CA ALA A 33 -10.78 4.31 1.43
C ALA A 33 -10.70 3.39 2.64
N LEU A 34 -9.49 2.92 2.94
CA LEU A 34 -9.28 2.03 4.08
C LEU A 34 -8.93 2.83 5.34
N GLY A 35 -8.33 4.00 5.15
CA GLY A 35 -7.97 4.85 6.27
C GLY A 35 -6.62 4.46 6.86
N ILE A 36 -5.64 4.20 6.00
CA ILE A 36 -4.32 3.81 6.44
C ILE A 36 -3.54 5.02 6.94
N ASP A 37 -3.76 6.16 6.31
CA ASP A 37 -3.09 7.40 6.70
C ASP A 37 -3.60 7.90 8.05
N LYS A 38 -4.67 7.30 8.53
CA LYS A 38 -5.26 7.68 9.82
C LYS A 38 -4.63 6.89 10.96
N LEU A 39 -4.32 5.63 10.69
CA LEU A 39 -3.71 4.76 11.70
C LEU A 39 -2.28 5.19 11.99
N VAL A 40 -1.94 5.27 13.27
CA VAL A 40 -0.60 5.66 13.69
C VAL A 40 -0.16 6.95 12.99
N SER A 41 -0.88 8.03 13.27
CA SER A 41 -0.58 9.32 12.67
C SER A 41 -1.16 10.46 13.51
N GLN A 42 -2.39 10.85 13.18
CA GLN A 42 -3.06 11.93 13.89
C GLN A 42 -4.57 11.72 13.90
N GLN A 43 -5.20 11.89 12.74
CA GLN A 43 -6.64 11.71 12.61
C GLN A 43 -7.01 11.23 11.21
N GLY A 44 -8.31 11.24 10.91
CA GLY A 44 -8.77 10.80 9.60
C GLY A 44 -8.04 11.48 8.47
N GLY A 45 -7.98 10.82 7.32
CA GLY A 45 -7.30 11.39 6.17
C GLY A 45 -8.03 11.09 4.87
N GLY B 1 2.49 -17.83 -2.78
CA GLY B 1 1.93 -18.95 -2.06
C GLY B 1 0.54 -18.68 -1.53
N SER B 2 0.13 -19.41 -0.51
CA SER B 2 -1.18 -19.26 0.09
C SER B 2 -1.11 -18.34 1.31
N THR B 3 -0.27 -17.31 1.23
CA THR B 3 -0.11 -16.36 2.32
C THR B 3 -1.04 -15.17 2.16
N PRO B 4 -1.87 -14.90 3.18
CA PRO B 4 -2.82 -13.80 3.18
C PRO B 4 -2.13 -12.44 3.26
N PRO B 5 -0.92 -12.43 3.85
CA PRO B 5 -0.12 -11.20 4.00
C PRO B 5 0.41 -10.68 2.66
N GLN B 6 1.00 -11.57 1.88
CA GLN B 6 1.55 -11.21 0.59
C GLN B 6 0.45 -10.70 -0.35
N ALA B 7 -0.80 -10.98 0.01
CA ALA B 7 -1.94 -10.55 -0.79
C ALA B 7 -1.89 -9.06 -1.05
N LEU B 8 -1.31 -8.32 -0.12
CA LEU B 8 -1.20 -6.87 -0.25
C LEU B 8 -0.16 -6.49 -1.29
N GLN B 9 0.92 -7.25 -1.35
CA GLN B 9 1.99 -7.00 -2.31
C GLN B 9 1.48 -7.12 -3.74
N GLN B 10 0.80 -8.23 -4.03
CA GLN B 10 0.26 -8.47 -5.37
C GLN B 10 -0.61 -7.29 -5.81
N LEU B 11 -1.62 -6.98 -5.02
CA LEU B 11 -2.53 -5.88 -5.33
C LEU B 11 -1.81 -4.54 -5.26
N LEU B 12 -0.85 -4.44 -4.34
CA LEU B 12 -0.10 -3.22 -4.16
C LEU B 12 0.50 -2.75 -5.49
N GLN B 13 0.69 -3.68 -6.41
CA GLN B 13 1.24 -3.36 -7.72
C GLN B 13 0.38 -2.33 -8.44
N THR B 14 -0.86 -2.71 -8.74
CA THR B 14 -1.78 -1.81 -9.43
C THR B 14 -1.95 -0.50 -8.66
N LEU B 15 -1.81 -0.58 -7.34
CA LEU B 15 -1.95 0.61 -6.49
C LEU B 15 -0.78 1.56 -6.69
N LYS B 16 0.37 1.01 -7.07
CA LYS B 16 1.56 1.82 -7.30
C LYS B 16 1.70 2.18 -8.78
N SER B 17 1.16 1.33 -9.64
CA SER B 17 1.22 1.55 -11.08
C SER B 17 -0.03 2.29 -11.57
N PRO B 18 0.12 3.05 -12.67
CA PRO B 18 -0.97 3.82 -13.26
C PRO B 18 -2.02 2.92 -13.92
N SER B 19 -2.29 1.78 -13.29
CA SER B 19 -3.27 0.83 -13.81
C SER B 19 -4.59 1.52 -14.10
N SER B 20 -5.57 0.74 -14.57
CA SER B 20 -6.88 1.28 -14.89
C SER B 20 -7.63 1.69 -13.62
N PRO B 21 -8.79 2.34 -13.81
CA PRO B 21 -9.62 2.79 -12.69
C PRO B 21 -10.28 1.63 -11.95
N GLN B 22 -10.63 0.58 -12.69
CA GLN B 22 -11.27 -0.59 -12.10
C GLN B 22 -10.31 -1.31 -11.17
N GLN B 23 -9.07 -1.48 -11.62
CA GLN B 23 -8.05 -2.16 -10.81
C GLN B 23 -7.82 -1.43 -9.49
N GLN B 24 -7.62 -0.13 -9.58
CA GLN B 24 -7.39 0.68 -8.39
C GLN B 24 -8.45 0.41 -7.32
N GLN B 25 -9.69 0.28 -7.76
CA GLN B 25 -10.80 0.01 -6.85
C GLN B 25 -10.71 -1.39 -6.27
N GLN B 26 -10.16 -2.31 -7.04
CA GLN B 26 -10.01 -3.70 -6.60
C GLN B 26 -8.98 -3.80 -5.49
N VAL B 27 -7.77 -3.32 -5.76
CA VAL B 27 -6.69 -3.36 -4.77
C VAL B 27 -7.16 -2.83 -3.42
N LEU B 28 -7.74 -1.63 -3.44
CA LEU B 28 -8.23 -1.00 -2.22
C LEU B 28 -9.25 -1.90 -1.52
N GLN B 29 -10.07 -2.58 -2.30
CA GLN B 29 -11.09 -3.46 -1.76
C GLN B 29 -10.45 -4.59 -0.94
N ILE B 30 -9.35 -5.13 -1.45
CA ILE B 30 -8.65 -6.21 -0.76
C ILE B 30 -7.99 -5.71 0.52
N LEU B 31 -7.13 -4.70 0.39
CA LEU B 31 -6.44 -4.13 1.54
C LEU B 31 -7.43 -3.81 2.65
N LYS B 32 -8.64 -3.43 2.28
CA LYS B 32 -9.69 -3.09 3.24
C LYS B 32 -10.02 -4.30 4.12
N SER B 33 -10.05 -5.47 3.51
CA SER B 33 -10.36 -6.71 4.24
C SER B 33 -9.15 -7.20 5.02
N ASN B 34 -7.99 -6.63 4.71
CA ASN B 34 -6.75 -7.00 5.40
C ASN B 34 -6.15 -5.82 6.14
N PRO B 35 -6.52 -5.67 7.42
CA PRO B 35 -6.04 -4.58 8.28
C PRO B 35 -4.55 -4.73 8.62
N GLN B 36 -4.12 -5.96 8.82
CA GLN B 36 -2.73 -6.24 9.15
C GLN B 36 -1.82 -6.03 7.94
N LEU B 37 -2.44 -5.98 6.75
CA LEU B 37 -1.69 -5.78 5.52
C LEU B 37 -1.44 -4.30 5.26
N MET B 38 -2.45 -3.48 5.54
CA MET B 38 -2.34 -2.04 5.35
C MET B 38 -1.05 -1.50 5.98
N ALA B 39 -0.65 -2.10 7.09
CA ALA B 39 0.56 -1.69 7.79
C ALA B 39 1.74 -1.58 6.83
N ALA B 40 1.73 -2.42 5.80
CA ALA B 40 2.80 -2.42 4.81
C ALA B 40 2.87 -1.09 4.07
N PHE B 41 1.70 -0.54 3.76
CA PHE B 41 1.62 0.73 3.04
C PHE B 41 2.38 1.82 3.78
N ILE B 42 2.03 2.03 5.04
CA ILE B 42 2.68 3.05 5.86
C ILE B 42 4.16 2.73 6.05
N LYS B 43 4.49 1.43 6.08
CA LYS B 43 5.88 1.00 6.25
C LYS B 43 6.79 1.75 5.29
N GLN B 44 6.43 1.77 4.02
CA GLN B 44 7.23 2.45 3.01
C GLN B 44 7.33 3.94 3.30
N ARG B 45 6.31 4.47 3.96
CA ARG B 45 6.29 5.89 4.31
C ARG B 45 7.17 6.17 5.51
N SER B 46 7.21 5.22 6.44
CA SER B 46 8.01 5.37 7.65
C SER B 46 9.51 5.32 7.33
N GLN B 47 9.83 4.68 6.21
CA GLN B 47 11.22 4.56 5.78
C GLN B 47 11.64 5.76 4.94
N HIS B 48 10.74 6.71 4.78
CA HIS B 48 11.01 7.91 4.00
C HIS B 48 10.51 9.15 4.71
N GLN B 49 11.16 10.29 4.45
CA GLN B 49 10.78 11.55 5.07
C GLN B 49 10.85 11.45 6.60
N GLN B 50 11.79 10.65 7.08
CA GLN B 50 11.96 10.47 8.52
C GLN B 50 13.29 11.06 8.99
N GLY A 1 11.05 -17.18 11.70
CA GLY A 1 10.97 -18.54 11.21
C GLY A 1 10.29 -18.63 9.85
N SER A 2 10.97 -18.11 8.82
CA SER A 2 10.43 -18.13 7.47
C SER A 2 11.43 -17.52 6.49
N GLU A 3 12.09 -16.45 6.90
CA GLU A 3 13.07 -15.77 6.06
C GLU A 3 12.37 -14.99 4.95
N SER A 4 11.78 -15.71 4.01
CA SER A 4 11.08 -15.09 2.89
C SER A 4 12.05 -14.29 2.03
N GLN A 5 11.52 -13.55 1.07
CA GLN A 5 12.33 -12.74 0.17
C GLN A 5 11.52 -11.58 -0.41
N ASN A 6 12.21 -10.62 -1.02
CA ASN A 6 11.55 -9.48 -1.62
C ASN A 6 11.34 -9.70 -3.12
N ASP A 7 12.43 -9.84 -3.85
CA ASP A 7 12.36 -10.05 -5.30
C ASP A 7 11.36 -9.11 -5.94
N GLU A 8 10.15 -9.61 -6.21
CA GLU A 8 9.10 -8.81 -6.83
C GLU A 8 8.75 -7.62 -5.95
N LYS A 9 8.56 -7.87 -4.66
CA LYS A 9 8.22 -6.81 -3.71
C LYS A 9 9.17 -5.63 -3.85
N ALA A 10 10.41 -5.92 -4.26
CA ALA A 10 11.41 -4.88 -4.42
C ALA A 10 10.97 -3.85 -5.45
N LEU A 11 10.46 -4.33 -6.58
CA LEU A 11 10.00 -3.45 -7.65
C LEU A 11 8.83 -2.58 -7.18
N LEU A 12 7.93 -3.18 -6.40
CA LEU A 12 6.77 -2.47 -5.88
C LEU A 12 7.20 -1.46 -4.82
N ASP A 13 8.11 -1.86 -3.94
CA ASP A 13 8.59 -0.99 -2.88
C ASP A 13 9.01 0.36 -3.44
N GLN A 14 9.51 0.37 -4.67
CA GLN A 14 9.95 1.60 -5.32
C GLN A 14 8.78 2.52 -5.57
N LEU A 15 7.78 2.04 -6.30
CA LEU A 15 6.60 2.83 -6.62
C LEU A 15 5.83 3.18 -5.34
N ASP A 16 5.67 2.19 -4.47
CA ASP A 16 4.96 2.40 -3.21
C ASP A 16 5.63 3.48 -2.37
N SER A 17 6.96 3.41 -2.28
CA SER A 17 7.72 4.38 -1.50
C SER A 17 7.41 5.80 -1.95
N LEU A 18 7.16 5.96 -3.25
CA LEU A 18 6.85 7.28 -3.81
C LEU A 18 5.71 7.94 -3.05
N LEU A 19 4.85 7.12 -2.46
CA LEU A 19 3.71 7.64 -1.71
C LEU A 19 4.14 8.75 -0.76
N SER A 20 5.40 8.70 -0.33
CA SER A 20 5.94 9.70 0.58
C SER A 20 5.96 11.08 -0.08
N SER A 21 6.46 11.12 -1.31
CA SER A 21 6.54 12.39 -2.05
C SER A 21 5.69 12.33 -3.31
N THR A 22 4.56 11.64 -3.21
CA THR A 22 3.64 11.50 -4.34
C THR A 22 2.56 12.58 -4.31
N ASP A 23 1.72 12.60 -5.34
CA ASP A 23 0.65 13.58 -5.43
C ASP A 23 -0.18 13.60 -4.15
N GLU A 24 -0.07 14.68 -3.39
CA GLU A 24 -0.81 14.82 -2.14
C GLU A 24 -2.31 14.72 -2.38
N MET A 25 -2.74 15.23 -3.53
CA MET A 25 -4.16 15.20 -3.89
C MET A 25 -4.60 13.81 -4.30
N GLU A 26 -3.90 13.24 -5.28
CA GLU A 26 -4.21 11.90 -5.77
C GLU A 26 -4.15 10.88 -4.63
N LEU A 27 -2.99 10.77 -4.01
CA LEU A 27 -2.80 9.83 -2.91
C LEU A 27 -3.88 10.00 -1.85
N ALA A 28 -4.18 11.25 -1.53
CA ALA A 28 -5.21 11.55 -0.53
C ALA A 28 -6.53 10.88 -0.88
N GLU A 29 -6.75 10.67 -2.17
CA GLU A 29 -7.99 10.05 -2.64
C GLU A 29 -8.10 8.61 -2.12
N ILE A 30 -7.07 7.81 -2.40
CA ILE A 30 -7.06 6.42 -1.96
C ILE A 30 -6.68 6.32 -0.48
N ASP A 31 -5.75 7.15 -0.06
CA ASP A 31 -5.31 7.15 1.33
C ASP A 31 -6.48 7.37 2.27
N ARG A 32 -7.20 8.48 2.08
CA ARG A 32 -8.34 8.81 2.91
C ARG A 32 -9.35 7.67 2.93
N ALA A 33 -9.32 6.85 1.88
CA ALA A 33 -10.24 5.72 1.77
C ALA A 33 -10.15 4.83 3.00
N LEU A 34 -8.93 4.41 3.33
CA LEU A 34 -8.70 3.54 4.49
C LEU A 34 -8.29 4.36 5.71
N GLY A 35 -7.72 5.53 5.46
CA GLY A 35 -7.29 6.39 6.54
C GLY A 35 -5.91 6.02 7.05
N ILE A 36 -4.99 5.76 6.14
CA ILE A 36 -3.62 5.40 6.49
C ILE A 36 -2.74 6.64 6.61
N ASP A 37 -3.37 7.77 6.89
CA ASP A 37 -2.64 9.03 7.03
C ASP A 37 -1.95 9.11 8.39
N LYS A 38 -2.72 9.04 9.45
CA LYS A 38 -2.18 9.09 10.81
C LYS A 38 -1.80 7.70 11.29
N LEU A 39 -2.50 6.69 10.82
CA LEU A 39 -2.23 5.31 11.20
C LEU A 39 -2.72 5.03 12.62
N VAL A 40 -2.79 3.75 12.97
CA VAL A 40 -3.24 3.36 14.30
C VAL A 40 -4.57 4.01 14.65
N SER A 41 -5.53 3.90 13.74
CA SER A 41 -6.85 4.49 13.94
C SER A 41 -7.91 3.73 13.16
N GLN A 42 -7.63 3.46 11.89
CA GLN A 42 -8.56 2.73 11.04
C GLN A 42 -9.90 3.47 10.93
N GLN A 43 -9.93 4.52 10.12
CA GLN A 43 -11.14 5.31 9.93
C GLN A 43 -11.23 5.84 8.50
N GLY A 44 -12.44 5.82 7.94
CA GLY A 44 -12.64 6.31 6.59
C GLY A 44 -14.07 6.68 6.31
N GLY A 45 -14.27 7.55 5.32
CA GLY A 45 -15.62 7.98 4.98
C GLY A 45 -16.11 7.36 3.69
N GLY B 1 -0.85 -21.66 0.70
CA GLY B 1 -0.46 -21.01 1.94
C GLY B 1 -1.40 -19.89 2.32
N SER B 2 -1.71 -19.80 3.60
CA SER B 2 -2.62 -18.77 4.11
C SER B 2 -1.84 -17.57 4.64
N THR B 3 -1.75 -16.52 3.83
CA THR B 3 -1.04 -15.32 4.22
C THR B 3 -1.85 -14.06 3.91
N PRO B 4 -2.57 -13.56 4.93
CA PRO B 4 -3.40 -12.37 4.80
C PRO B 4 -2.57 -11.09 4.62
N PRO B 5 -1.32 -11.12 5.11
CA PRO B 5 -0.41 -9.98 5.01
C PRO B 5 0.06 -9.74 3.58
N GLN B 6 0.51 -10.80 2.92
CA GLN B 6 0.99 -10.70 1.55
C GLN B 6 -0.12 -10.25 0.62
N ALA B 7 -1.37 -10.36 1.08
CA ALA B 7 -2.52 -9.96 0.28
C ALA B 7 -2.36 -8.53 -0.22
N LEU B 8 -1.66 -7.71 0.55
CA LEU B 8 -1.43 -6.32 0.17
C LEU B 8 -0.42 -6.21 -0.96
N GLN B 9 0.61 -7.05 -0.92
CA GLN B 9 1.64 -7.06 -1.94
C GLN B 9 1.04 -7.39 -3.31
N GLN B 10 0.31 -8.49 -3.38
CA GLN B 10 -0.31 -8.91 -4.63
C GLN B 10 -1.16 -7.80 -5.22
N LEU B 11 -2.06 -7.26 -4.41
CA LEU B 11 -2.95 -6.18 -4.85
C LEU B 11 -2.14 -4.94 -5.22
N LEU B 12 -1.26 -4.53 -4.32
CA LEU B 12 -0.43 -3.35 -4.56
C LEU B 12 0.31 -3.46 -5.89
N GLN B 13 0.50 -4.69 -6.35
CA GLN B 13 1.19 -4.93 -7.61
C GLN B 13 0.50 -4.19 -8.76
N THR B 14 -0.83 -4.18 -8.72
CA THR B 14 -1.61 -3.51 -9.76
C THR B 14 -1.59 -1.99 -9.58
N LEU B 15 -1.40 -1.55 -8.34
CA LEU B 15 -1.36 -0.13 -8.02
C LEU B 15 -0.06 0.49 -8.51
N LYS B 16 0.95 -0.35 -8.72
CA LYS B 16 2.24 0.12 -9.20
C LYS B 16 2.32 0.08 -10.71
N SER B 17 1.59 -0.86 -11.31
CA SER B 17 1.57 -1.00 -12.77
C SER B 17 0.42 -0.19 -13.38
N PRO B 18 0.58 0.16 -14.66
CA PRO B 18 -0.43 0.93 -15.39
C PRO B 18 -1.69 0.13 -15.67
N SER B 19 -2.06 -0.73 -14.72
CA SER B 19 -3.25 -1.57 -14.86
C SER B 19 -4.48 -0.72 -15.17
N SER B 20 -5.63 -1.38 -15.32
CA SER B 20 -6.87 -0.68 -15.62
C SER B 20 -7.29 0.21 -14.46
N PRO B 21 -8.34 1.02 -14.68
CA PRO B 21 -8.86 1.93 -13.67
C PRO B 21 -9.56 1.20 -12.53
N GLN B 22 -10.27 0.12 -12.87
CA GLN B 22 -10.98 -0.66 -11.88
C GLN B 22 -10.01 -1.32 -10.90
N GLN B 23 -8.89 -1.81 -11.43
CA GLN B 23 -7.87 -2.46 -10.60
C GLN B 23 -7.28 -1.48 -9.61
N GLN B 24 -6.84 -0.32 -10.10
CA GLN B 24 -6.25 0.70 -9.24
C GLN B 24 -7.16 1.01 -8.06
N GLN B 25 -8.42 1.30 -8.35
CA GLN B 25 -9.40 1.62 -7.31
C GLN B 25 -9.67 0.40 -6.43
N GLN B 26 -9.59 -0.78 -7.03
CA GLN B 26 -9.84 -2.03 -6.30
C GLN B 26 -8.80 -2.21 -5.19
N VAL B 27 -7.58 -1.76 -5.44
CA VAL B 27 -6.50 -1.88 -4.48
C VAL B 27 -6.93 -1.34 -3.11
N LEU B 28 -7.32 -0.07 -3.08
CA LEU B 28 -7.76 0.57 -1.84
C LEU B 28 -8.87 -0.24 -1.17
N GLN B 29 -9.74 -0.82 -1.99
CA GLN B 29 -10.85 -1.61 -1.49
C GLN B 29 -10.35 -2.76 -0.62
N ILE B 30 -9.33 -3.46 -1.12
CA ILE B 30 -8.77 -4.59 -0.39
C ILE B 30 -8.04 -4.12 0.86
N LEU B 31 -7.09 -3.22 0.70
CA LEU B 31 -6.32 -2.68 1.82
C LEU B 31 -7.25 -2.22 2.93
N LYS B 32 -8.44 -1.75 2.54
CA LYS B 32 -9.42 -1.27 3.52
C LYS B 32 -9.85 -2.39 4.45
N SER B 33 -10.00 -3.59 3.91
CA SER B 33 -10.41 -4.75 4.70
C SER B 33 -9.23 -5.30 5.51
N ASN B 34 -8.03 -4.87 5.16
CA ASN B 34 -6.82 -5.31 5.84
C ASN B 34 -6.11 -4.13 6.52
N PRO B 35 -6.48 -3.88 7.79
CA PRO B 35 -5.89 -2.78 8.57
C PRO B 35 -4.43 -3.05 8.93
N GLN B 36 -4.11 -4.32 9.20
CA GLN B 36 -2.76 -4.70 9.57
C GLN B 36 -1.83 -4.64 8.36
N LEU B 37 -2.43 -4.67 7.17
CA LEU B 37 -1.65 -4.62 5.93
C LEU B 37 -1.28 -3.18 5.57
N MET B 38 -2.21 -2.27 5.80
CA MET B 38 -1.98 -0.85 5.51
C MET B 38 -0.66 -0.39 6.10
N ALA B 39 -0.30 -0.95 7.26
CA ALA B 39 0.94 -0.59 7.94
C ALA B 39 2.13 -0.70 6.99
N ALA B 40 2.06 -1.66 6.07
CA ALA B 40 3.14 -1.86 5.12
C ALA B 40 3.27 -0.67 4.16
N PHE B 41 2.12 -0.15 3.73
CA PHE B 41 2.10 0.99 2.81
C PHE B 41 2.94 2.14 3.36
N ILE B 42 2.60 2.59 4.57
CA ILE B 42 3.31 3.69 5.21
C ILE B 42 4.79 3.34 5.41
N LYS B 43 5.05 2.07 5.72
CA LYS B 43 6.42 1.61 5.93
C LYS B 43 7.34 2.07 4.81
N GLN B 44 6.78 2.14 3.60
CA GLN B 44 7.56 2.57 2.43
C GLN B 44 7.96 4.03 2.57
N ARG B 45 7.04 4.87 3.03
CA ARG B 45 7.30 6.29 3.20
C ARG B 45 8.08 6.54 4.48
N SER B 46 7.91 5.66 5.46
CA SER B 46 8.60 5.80 6.74
C SER B 46 10.09 5.57 6.58
N GLN B 47 10.46 4.66 5.69
CA GLN B 47 11.87 4.35 5.44
C GLN B 47 12.41 5.20 4.29
N HIS B 48 11.56 6.05 3.74
CA HIS B 48 11.96 6.91 2.62
C HIS B 48 12.15 8.35 3.09
N GLN B 49 12.70 8.51 4.29
CA GLN B 49 12.93 9.83 4.85
C GLN B 49 14.38 10.28 4.62
N GLN B 50 14.55 11.48 4.10
CA GLN B 50 15.87 12.02 3.83
C GLN B 50 16.04 13.41 4.45
N GLY A 1 7.65 -18.94 -5.05
CA GLY A 1 8.96 -18.68 -4.48
C GLY A 1 9.62 -19.93 -3.94
N SER A 2 10.31 -19.79 -2.80
CA SER A 2 10.99 -20.92 -2.18
C SER A 2 11.62 -20.50 -0.86
N GLU A 3 12.62 -19.64 -0.92
CA GLU A 3 13.31 -19.17 0.28
C GLU A 3 12.44 -18.17 1.04
N SER A 4 11.71 -17.35 0.29
CA SER A 4 10.84 -16.34 0.89
C SER A 4 9.68 -16.00 -0.04
N GLN A 5 8.62 -15.46 0.54
CA GLN A 5 7.42 -15.09 -0.23
C GLN A 5 7.48 -13.63 -0.66
N ASN A 6 8.69 -13.08 -0.67
CA ASN A 6 8.88 -11.69 -1.08
C ASN A 6 8.38 -11.45 -2.50
N ASP A 7 9.00 -12.13 -3.45
CA ASP A 7 8.63 -11.99 -4.86
C ASP A 7 8.99 -10.60 -5.39
N GLU A 8 8.99 -10.47 -6.71
CA GLU A 8 9.32 -9.20 -7.35
C GLU A 8 8.48 -8.08 -6.78
N LYS A 9 7.21 -8.37 -6.52
CA LYS A 9 6.29 -7.38 -5.97
C LYS A 9 6.87 -6.72 -4.73
N ALA A 10 7.60 -7.50 -3.93
CA ALA A 10 8.22 -6.99 -2.71
C ALA A 10 9.05 -5.75 -3.00
N LEU A 11 9.50 -5.63 -4.24
CA LEU A 11 10.32 -4.47 -4.65
C LEU A 11 9.52 -3.18 -4.54
N LEU A 12 8.21 -3.28 -4.74
CA LEU A 12 7.34 -2.11 -4.66
C LEU A 12 7.57 -1.34 -3.37
N ASP A 13 7.71 -2.06 -2.27
CA ASP A 13 7.95 -1.45 -0.96
C ASP A 13 9.09 -0.44 -1.04
N GLN A 14 10.03 -0.70 -1.94
CA GLN A 14 11.18 0.20 -2.11
C GLN A 14 10.75 1.54 -2.68
N LEU A 15 10.12 1.50 -3.86
CA LEU A 15 9.66 2.71 -4.52
C LEU A 15 8.53 3.37 -3.72
N ASP A 16 7.80 2.56 -2.97
CA ASP A 16 6.69 3.05 -2.17
C ASP A 16 7.13 4.26 -1.33
N SER A 17 8.31 4.16 -0.74
CA SER A 17 8.84 5.24 0.09
C SER A 17 8.82 6.56 -0.66
N LEU A 18 8.92 6.49 -1.99
CA LEU A 18 8.91 7.68 -2.82
C LEU A 18 7.62 8.47 -2.63
N LEU A 19 6.53 7.76 -2.36
CA LEU A 19 5.24 8.40 -2.15
C LEU A 19 5.34 9.53 -1.13
N SER A 20 6.24 9.37 -0.18
CA SER A 20 6.44 10.38 0.86
C SER A 20 6.82 11.72 0.24
N SER A 21 7.53 11.68 -0.87
CA SER A 21 7.95 12.89 -1.56
C SER A 21 7.05 13.20 -2.74
N THR A 22 5.76 12.87 -2.59
CA THR A 22 4.79 13.10 -3.65
C THR A 22 3.45 13.54 -3.07
N ASP A 23 2.57 14.03 -3.94
CA ASP A 23 1.25 14.49 -3.52
C ASP A 23 0.46 13.35 -2.89
N GLU A 24 0.11 13.52 -1.61
CA GLU A 24 -0.64 12.51 -0.89
C GLU A 24 -2.02 12.30 -1.51
N MET A 25 -2.41 13.23 -2.38
CA MET A 25 -3.70 13.16 -3.04
C MET A 25 -3.74 12.00 -4.04
N GLU A 26 -2.61 11.78 -4.72
CA GLU A 26 -2.51 10.71 -5.70
C GLU A 26 -2.91 9.36 -5.09
N LEU A 27 -2.68 9.23 -3.79
CA LEU A 27 -3.01 8.00 -3.08
C LEU A 27 -4.27 8.17 -2.25
N ALA A 28 -4.55 9.41 -1.86
CA ALA A 28 -5.73 9.71 -1.06
C ALA A 28 -6.99 9.13 -1.69
N GLU A 29 -7.07 9.21 -3.02
CA GLU A 29 -8.22 8.69 -3.75
C GLU A 29 -8.51 7.25 -3.34
N ILE A 30 -7.50 6.39 -3.44
CA ILE A 30 -7.66 4.99 -3.09
C ILE A 30 -7.62 4.80 -1.57
N ASP A 31 -6.74 5.54 -0.92
CA ASP A 31 -6.61 5.45 0.53
C ASP A 31 -7.95 5.61 1.21
N ARG A 32 -8.74 6.59 0.76
CA ARG A 32 -10.06 6.84 1.33
C ARG A 32 -10.88 5.56 1.39
N ALA A 33 -10.71 4.69 0.40
CA ALA A 33 -11.43 3.43 0.34
C ALA A 33 -11.25 2.65 1.63
N LEU A 34 -10.03 2.66 2.17
CA LEU A 34 -9.73 1.95 3.41
C LEU A 34 -9.90 2.86 4.62
N GLY A 35 -9.72 4.16 4.40
CA GLY A 35 -9.86 5.11 5.49
C GLY A 35 -8.65 5.14 6.39
N ILE A 36 -7.46 5.16 5.79
CA ILE A 36 -6.22 5.18 6.56
C ILE A 36 -5.84 6.61 6.95
N ASP A 37 -6.83 7.50 6.96
CA ASP A 37 -6.59 8.89 7.32
C ASP A 37 -6.48 9.06 8.83
N LYS A 38 -7.04 8.09 9.57
CA LYS A 38 -7.00 8.13 11.03
C LYS A 38 -5.73 7.47 11.55
N LEU A 39 -5.31 6.41 10.88
CA LEU A 39 -4.11 5.67 11.28
C LEU A 39 -2.85 6.45 10.92
N VAL A 40 -2.05 6.78 11.94
CA VAL A 40 -0.81 7.53 11.72
C VAL A 40 -1.07 8.80 10.91
N SER A 41 -1.29 9.90 11.61
CA SER A 41 -1.55 11.18 10.96
C SER A 41 -1.10 12.35 11.84
N GLN A 42 -1.81 12.54 12.95
CA GLN A 42 -1.48 13.62 13.88
C GLN A 42 -1.71 13.17 15.33
N GLN A 43 -0.81 13.59 16.21
CA GLN A 43 -0.90 13.23 17.62
C GLN A 43 -0.82 11.72 17.80
N GLY A 44 0.27 11.12 17.33
CA GLY A 44 0.45 9.69 17.44
C GLY A 44 -0.56 8.90 16.63
N GLY A 45 -0.18 7.70 16.20
CA GLY A 45 -1.06 6.87 15.41
C GLY A 45 -0.44 5.54 15.03
N GLY B 1 3.00 -20.49 7.87
CA GLY B 1 1.56 -20.35 7.82
C GLY B 1 1.11 -19.26 6.86
N SER B 2 1.70 -19.25 5.67
CA SER B 2 1.37 -18.25 4.66
C SER B 2 1.66 -16.84 5.17
N THR B 3 1.44 -15.85 4.31
CA THR B 3 1.68 -14.45 4.68
C THR B 3 0.54 -13.56 4.20
N PRO B 4 -0.42 -13.30 5.10
CA PRO B 4 -1.59 -12.45 4.80
C PRO B 4 -1.21 -10.99 4.64
N PRO B 5 -0.09 -10.58 5.27
CA PRO B 5 0.40 -9.21 5.21
C PRO B 5 0.95 -8.86 3.83
N GLN B 6 1.80 -9.72 3.30
CA GLN B 6 2.40 -9.49 1.98
C GLN B 6 1.32 -9.42 0.90
N ALA B 7 0.14 -9.95 1.22
CA ALA B 7 -0.97 -9.94 0.27
C ALA B 7 -1.21 -8.55 -0.28
N LEU B 8 -0.92 -7.53 0.52
CA LEU B 8 -1.10 -6.15 0.11
C LEU B 8 -0.10 -5.75 -0.97
N GLN B 9 1.13 -6.28 -0.83
CA GLN B 9 2.19 -5.97 -1.79
C GLN B 9 1.81 -6.45 -3.19
N GLN B 10 1.27 -7.66 -3.27
CA GLN B 10 0.86 -8.23 -4.55
C GLN B 10 -0.09 -7.30 -5.28
N LEU B 11 -1.22 -7.00 -4.65
CA LEU B 11 -2.22 -6.12 -5.24
C LEU B 11 -1.70 -4.69 -5.35
N LEU B 12 -0.88 -4.29 -4.38
CA LEU B 12 -0.30 -2.96 -4.38
C LEU B 12 0.44 -2.67 -5.68
N GLN B 13 0.84 -3.74 -6.37
CA GLN B 13 1.56 -3.60 -7.64
C GLN B 13 0.71 -2.85 -8.66
N THR B 14 -0.44 -3.41 -9.00
CA THR B 14 -1.34 -2.80 -9.97
C THR B 14 -1.72 -1.40 -9.54
N LEU B 15 -1.75 -1.16 -8.24
CA LEU B 15 -2.09 0.15 -7.69
C LEU B 15 -0.99 1.16 -7.96
N LYS B 16 0.24 0.67 -8.08
CA LYS B 16 1.39 1.54 -8.34
C LYS B 16 1.68 1.61 -9.83
N SER B 17 1.31 0.57 -10.57
CA SER B 17 1.54 0.52 -12.01
C SER B 17 0.33 1.08 -12.76
N PRO B 18 0.58 1.56 -14.00
CA PRO B 18 -0.47 2.12 -14.85
C PRO B 18 -1.45 1.05 -15.34
N SER B 19 -1.73 0.08 -14.50
CA SER B 19 -2.64 -1.00 -14.85
C SER B 19 -3.98 -0.45 -15.34
N SER B 20 -4.91 -1.34 -15.64
CA SER B 20 -6.23 -0.94 -16.12
C SER B 20 -7.04 -0.29 -15.00
N PRO B 21 -8.19 0.27 -15.36
CA PRO B 21 -9.08 0.94 -14.40
C PRO B 21 -9.75 -0.04 -13.45
N GLN B 22 -10.12 -1.21 -13.97
CA GLN B 22 -10.76 -2.24 -13.16
C GLN B 22 -9.81 -2.74 -12.07
N GLN B 23 -8.55 -2.93 -12.43
CA GLN B 23 -7.55 -3.42 -11.50
C GLN B 23 -7.37 -2.43 -10.34
N GLN B 24 -7.17 -1.16 -10.68
CA GLN B 24 -6.97 -0.12 -9.68
C GLN B 24 -8.09 -0.15 -8.65
N GLN B 25 -9.33 -0.23 -9.13
CA GLN B 25 -10.49 -0.27 -8.25
C GLN B 25 -10.50 -1.53 -7.40
N GLN B 26 -9.94 -2.61 -7.96
CA GLN B 26 -9.89 -3.89 -7.25
C GLN B 26 -8.92 -3.81 -6.07
N VAL B 27 -7.82 -3.09 -6.25
CA VAL B 27 -6.82 -2.94 -5.19
C VAL B 27 -7.46 -2.49 -3.89
N LEU B 28 -8.10 -1.32 -3.92
CA LEU B 28 -8.75 -0.77 -2.75
C LEU B 28 -9.64 -1.81 -2.08
N GLN B 29 -10.29 -2.64 -2.90
CA GLN B 29 -11.17 -3.68 -2.39
C GLN B 29 -10.41 -4.64 -1.48
N ILE B 30 -9.24 -5.06 -1.92
CA ILE B 30 -8.41 -5.98 -1.14
C ILE B 30 -7.91 -5.31 0.13
N LEU B 31 -7.22 -4.18 -0.02
CA LEU B 31 -6.68 -3.45 1.11
C LEU B 31 -7.75 -3.24 2.18
N LYS B 32 -9.00 -3.12 1.74
CA LYS B 32 -10.12 -2.92 2.66
C LYS B 32 -10.28 -4.12 3.59
N SER B 33 -10.12 -5.31 3.04
CA SER B 33 -10.25 -6.54 3.82
C SER B 33 -9.05 -6.71 4.76
N ASN B 34 -7.97 -6.00 4.47
CA ASN B 34 -6.76 -6.08 5.28
C ASN B 34 -6.44 -4.72 5.90
N PRO B 35 -7.02 -4.46 7.08
CA PRO B 35 -6.80 -3.20 7.80
C PRO B 35 -5.39 -3.10 8.36
N GLN B 36 -4.84 -4.22 8.80
CA GLN B 36 -3.50 -4.25 9.36
C GLN B 36 -2.44 -4.11 8.27
N LEU B 37 -2.86 -4.34 7.02
CA LEU B 37 -1.95 -4.24 5.88
C LEU B 37 -1.86 -2.81 5.38
N MET B 38 -3.01 -2.13 5.33
CA MET B 38 -3.05 -0.74 4.89
C MET B 38 -2.01 0.11 5.60
N ALA B 39 -1.75 -0.23 6.86
CA ALA B 39 -0.77 0.49 7.66
C ALA B 39 0.56 0.58 6.94
N ALA B 40 0.88 -0.45 6.16
CA ALA B 40 2.13 -0.49 5.43
C ALA B 40 2.19 0.61 4.37
N PHE B 41 1.09 0.76 3.64
CA PHE B 41 1.01 1.78 2.59
C PHE B 41 1.39 3.16 3.14
N ILE B 42 0.66 3.60 4.15
CA ILE B 42 0.92 4.90 4.77
C ILE B 42 2.27 4.91 5.47
N LYS B 43 2.66 3.77 6.02
CA LYS B 43 3.93 3.65 6.73
C LYS B 43 5.06 4.25 5.90
N GLN B 44 4.94 4.17 4.58
CA GLN B 44 5.95 4.70 3.69
C GLN B 44 6.05 6.22 3.82
N ARG B 45 4.90 6.89 3.84
CA ARG B 45 4.85 8.33 3.96
C ARG B 45 5.08 8.77 5.40
N SER B 46 4.62 7.94 6.34
CA SER B 46 4.77 8.24 7.76
C SER B 46 6.23 8.13 8.19
N GLN B 47 6.89 7.07 7.75
CA GLN B 47 8.29 6.84 8.09
C GLN B 47 9.21 7.42 7.02
N HIS B 48 8.61 8.02 6.00
CA HIS B 48 9.37 8.61 4.91
C HIS B 48 10.31 7.59 4.28
N GLN B 49 11.15 8.04 3.35
CA GLN B 49 12.10 7.16 2.68
C GLN B 49 13.49 7.31 3.28
N GLN B 50 14.20 6.18 3.36
CA GLN B 50 15.56 6.19 3.92
C GLN B 50 15.54 6.65 5.38
N GLY A 1 15.39 1.08 -7.38
CA GLY A 1 14.33 0.21 -6.90
C GLY A 1 13.90 -0.82 -7.93
N SER A 2 14.43 -2.03 -7.80
CA SER A 2 14.10 -3.10 -8.73
C SER A 2 14.69 -4.43 -8.26
N GLU A 3 16.00 -4.45 -8.05
CA GLU A 3 16.70 -5.64 -7.60
C GLU A 3 16.43 -5.91 -6.12
N SER A 4 15.21 -6.33 -5.81
CA SER A 4 14.82 -6.61 -4.43
C SER A 4 15.18 -8.03 -4.05
N GLN A 5 14.48 -9.00 -4.62
CA GLN A 5 14.72 -10.40 -4.34
C GLN A 5 13.79 -11.30 -5.15
N ASN A 6 13.78 -12.59 -4.83
CA ASN A 6 12.93 -13.54 -5.52
C ASN A 6 11.47 -13.08 -5.54
N ASP A 7 11.06 -12.45 -4.45
CA ASP A 7 9.69 -11.94 -4.33
C ASP A 7 9.52 -10.64 -5.12
N GLU A 8 8.74 -10.71 -6.20
CA GLU A 8 8.50 -9.55 -7.04
C GLU A 8 7.87 -8.42 -6.23
N LYS A 9 6.76 -8.73 -5.54
CA LYS A 9 6.06 -7.75 -4.73
C LYS A 9 7.01 -7.07 -3.76
N ALA A 10 8.00 -7.81 -3.28
CA ALA A 10 8.97 -7.28 -2.34
C ALA A 10 9.62 -6.01 -2.89
N LEU A 11 9.74 -5.94 -4.21
CA LEU A 11 10.33 -4.78 -4.86
C LEU A 11 9.50 -3.52 -4.61
N LEU A 12 8.20 -3.70 -4.48
CA LEU A 12 7.29 -2.58 -4.24
C LEU A 12 7.73 -1.77 -3.02
N ASP A 13 8.18 -2.47 -1.99
CA ASP A 13 8.65 -1.81 -0.77
C ASP A 13 9.64 -0.70 -1.09
N GLN A 14 10.37 -0.86 -2.19
CA GLN A 14 11.35 0.12 -2.60
C GLN A 14 10.68 1.42 -3.03
N LEU A 15 9.80 1.33 -4.02
CA LEU A 15 9.09 2.49 -4.52
C LEU A 15 8.13 3.04 -3.47
N ASP A 16 7.63 2.16 -2.62
CA ASP A 16 6.70 2.55 -1.55
C ASP A 16 7.23 3.76 -0.80
N SER A 17 8.56 3.85 -0.68
CA SER A 17 9.19 4.95 0.03
C SER A 17 8.73 6.30 -0.54
N LEU A 18 8.51 6.32 -1.85
CA LEU A 18 8.07 7.54 -2.53
C LEU A 18 6.68 7.95 -2.07
N LEU A 19 5.85 6.96 -1.76
CA LEU A 19 4.49 7.21 -1.30
C LEU A 19 4.47 8.29 -0.21
N SER A 20 5.55 8.35 0.57
CA SER A 20 5.66 9.32 1.65
C SER A 20 5.53 10.75 1.11
N SER A 21 6.30 11.05 0.07
CA SER A 21 6.28 12.38 -0.53
C SER A 21 5.72 12.31 -1.96
N THR A 22 4.75 11.42 -2.17
CA THR A 22 4.15 11.27 -3.48
C THR A 22 2.83 12.03 -3.58
N ASP A 23 2.32 12.17 -4.79
CA ASP A 23 1.07 12.89 -5.01
C ASP A 23 -0.07 12.24 -4.25
N GLU A 24 -0.46 12.85 -3.13
CA GLU A 24 -1.54 12.33 -2.31
C GLU A 24 -2.80 12.09 -3.14
N MET A 25 -3.04 12.98 -4.10
CA MET A 25 -4.21 12.87 -4.96
C MET A 25 -4.07 11.68 -5.91
N GLU A 26 -2.83 11.35 -6.26
CA GLU A 26 -2.56 10.24 -7.15
C GLU A 26 -3.22 8.96 -6.64
N LEU A 27 -2.87 8.58 -5.42
CA LEU A 27 -3.43 7.37 -4.81
C LEU A 27 -4.57 7.71 -3.87
N ALA A 28 -4.94 8.99 -3.83
CA ALA A 28 -6.02 9.45 -2.96
C ALA A 28 -7.26 8.57 -3.12
N GLU A 29 -7.56 8.20 -4.36
CA GLU A 29 -8.73 7.37 -4.64
C GLU A 29 -8.71 6.11 -3.78
N ILE A 30 -7.57 5.40 -3.79
CA ILE A 30 -7.44 4.18 -3.00
C ILE A 30 -7.21 4.49 -1.53
N ASP A 31 -6.22 5.32 -1.25
CA ASP A 31 -5.90 5.71 0.12
C ASP A 31 -7.15 6.21 0.84
N ARG A 32 -7.72 7.29 0.33
CA ARG A 32 -8.92 7.88 0.93
C ARG A 32 -10.00 6.82 1.15
N ALA A 33 -10.05 5.84 0.24
CA ALA A 33 -11.02 4.76 0.35
C ALA A 33 -10.98 4.11 1.72
N LEU A 34 -9.78 3.70 2.14
CA LEU A 34 -9.60 3.06 3.43
C LEU A 34 -9.42 4.09 4.54
N GLY A 35 -8.92 5.27 4.17
CA GLY A 35 -8.72 6.32 5.14
C GLY A 35 -7.63 6.00 6.14
N ILE A 36 -6.49 5.53 5.64
CA ILE A 36 -5.37 5.17 6.49
C ILE A 36 -4.63 6.41 6.98
N ASP A 37 -5.11 7.58 6.56
CA ASP A 37 -4.50 8.85 6.96
C ASP A 37 -4.67 9.09 8.45
N LYS A 38 -5.70 8.47 9.03
CA LYS A 38 -5.97 8.62 10.45
C LYS A 38 -5.23 7.57 11.27
N LEU A 39 -5.53 6.31 11.01
CA LEU A 39 -4.89 5.20 11.72
C LEU A 39 -4.78 5.51 13.21
N VAL A 40 -3.88 4.79 13.88
CA VAL A 40 -3.67 4.98 15.31
C VAL A 40 -2.57 6.00 15.58
N SER A 41 -2.51 7.03 14.74
CA SER A 41 -1.50 8.07 14.88
C SER A 41 -1.96 9.15 15.87
N GLN A 42 -3.20 9.59 15.72
CA GLN A 42 -3.76 10.61 16.59
C GLN A 42 -2.96 11.91 16.49
N GLN A 43 -3.12 12.62 15.38
CA GLN A 43 -2.42 13.87 15.16
C GLN A 43 -0.91 13.66 15.18
N GLY A 44 -0.38 13.05 14.13
CA GLY A 44 1.05 12.79 14.05
C GLY A 44 1.54 11.90 15.17
N GLY A 45 2.74 12.18 15.67
CA GLY A 45 3.30 11.38 16.74
C GLY A 45 3.41 12.15 18.05
N GLY B 1 -3.17 -21.24 8.69
CA GLY B 1 -2.63 -21.58 7.38
C GLY B 1 -2.67 -20.41 6.41
N SER B 2 -1.87 -20.50 5.36
CA SER B 2 -1.81 -19.44 4.35
C SER B 2 -1.35 -18.12 4.97
N THR B 3 -1.34 -17.07 4.17
CA THR B 3 -0.92 -15.75 4.65
C THR B 3 -1.87 -14.67 4.15
N PRO B 4 -2.83 -14.29 5.00
CA PRO B 4 -3.81 -13.24 4.68
C PRO B 4 -3.19 -11.85 4.61
N PRO B 5 -2.07 -11.67 5.34
CA PRO B 5 -1.35 -10.39 5.38
C PRO B 5 -0.66 -10.07 4.05
N GLN B 6 0.05 -11.06 3.51
CA GLN B 6 0.76 -10.88 2.25
C GLN B 6 -0.21 -10.56 1.12
N ALA B 7 -1.49 -10.84 1.34
CA ALA B 7 -2.52 -10.58 0.35
C ALA B 7 -2.48 -9.13 -0.13
N LEU B 8 -2.02 -8.25 0.76
CA LEU B 8 -1.93 -6.83 0.43
C LEU B 8 -0.77 -6.57 -0.52
N GLN B 9 0.34 -7.27 -0.30
CA GLN B 9 1.52 -7.11 -1.13
C GLN B 9 1.23 -7.51 -2.57
N GLN B 10 0.65 -8.70 -2.75
CA GLN B 10 0.32 -9.20 -4.07
C GLN B 10 -0.49 -8.19 -4.86
N LEU B 11 -1.65 -7.81 -4.30
CA LEU B 11 -2.52 -6.85 -4.95
C LEU B 11 -1.88 -5.46 -4.98
N LEU B 12 -1.12 -5.14 -3.94
CA LEU B 12 -0.44 -3.85 -3.85
C LEU B 12 0.35 -3.56 -5.12
N GLN B 13 0.74 -4.62 -5.82
CA GLN B 13 1.51 -4.49 -7.05
C GLN B 13 0.75 -3.64 -8.07
N THR B 14 -0.44 -4.10 -8.44
CA THR B 14 -1.26 -3.39 -9.42
C THR B 14 -1.50 -1.95 -8.98
N LEU B 15 -1.51 -1.72 -7.67
CA LEU B 15 -1.72 -0.39 -7.12
C LEU B 15 -0.51 0.51 -7.37
N LYS B 16 0.66 -0.11 -7.50
CA LYS B 16 1.89 0.64 -7.74
C LYS B 16 2.19 0.70 -9.23
N SER B 17 1.71 -0.28 -9.98
CA SER B 17 1.92 -0.33 -11.42
C SER B 17 0.78 0.35 -12.17
N PRO B 18 1.10 0.90 -13.35
CA PRO B 18 0.12 1.59 -14.19
C PRO B 18 -0.91 0.63 -14.80
N SER B 19 -1.32 -0.35 -14.02
CA SER B 19 -2.28 -1.35 -14.49
C SER B 19 -3.55 -0.66 -15.00
N SER B 20 -4.57 -1.46 -15.29
CA SER B 20 -5.83 -0.95 -15.80
C SER B 20 -6.59 -0.21 -14.69
N PRO B 21 -7.68 0.46 -15.08
CA PRO B 21 -8.52 1.21 -14.13
C PRO B 21 -9.29 0.31 -13.18
N GLN B 22 -9.71 -0.85 -13.68
CA GLN B 22 -10.46 -1.81 -12.87
C GLN B 22 -9.59 -2.35 -11.73
N GLN B 23 -8.34 -2.65 -12.04
CA GLN B 23 -7.41 -3.17 -11.04
C GLN B 23 -7.17 -2.15 -9.94
N GLN B 24 -6.84 -0.92 -10.33
CA GLN B 24 -6.59 0.14 -9.37
C GLN B 24 -7.73 0.26 -8.37
N GLN B 25 -8.95 0.29 -8.89
CA GLN B 25 -10.13 0.41 -8.04
C GLN B 25 -10.31 -0.83 -7.17
N GLN B 26 -9.89 -1.98 -7.69
CA GLN B 26 -10.00 -3.24 -6.96
C GLN B 26 -9.12 -3.22 -5.71
N VAL B 27 -7.95 -2.59 -5.84
CA VAL B 27 -7.01 -2.49 -4.72
C VAL B 27 -7.71 -1.99 -3.46
N LEU B 28 -8.26 -0.78 -3.54
CA LEU B 28 -8.96 -0.18 -2.42
C LEU B 28 -10.02 -1.11 -1.86
N GLN B 29 -10.67 -1.86 -2.77
CA GLN B 29 -11.72 -2.79 -2.37
C GLN B 29 -11.16 -3.86 -1.43
N ILE B 30 -10.04 -4.45 -1.80
CA ILE B 30 -9.42 -5.48 -0.99
C ILE B 30 -8.87 -4.89 0.31
N LEU B 31 -8.03 -3.87 0.18
CA LEU B 31 -7.42 -3.22 1.35
C LEU B 31 -8.49 -2.90 2.39
N LYS B 32 -9.70 -2.62 1.92
CA LYS B 32 -10.80 -2.30 2.82
C LYS B 32 -11.14 -3.47 3.73
N SER B 33 -11.10 -4.67 3.16
CA SER B 33 -11.40 -5.88 3.93
C SER B 33 -10.25 -6.23 4.86
N ASN B 34 -9.08 -5.69 4.57
CA ASN B 34 -7.88 -5.94 5.38
C ASN B 34 -7.37 -4.66 6.02
N PRO B 35 -7.96 -4.29 7.17
CA PRO B 35 -7.58 -3.08 7.90
C PRO B 35 -6.21 -3.20 8.54
N GLN B 36 -5.86 -4.42 8.96
CA GLN B 36 -4.57 -4.67 9.58
C GLN B 36 -3.46 -4.71 8.54
N LEU B 37 -3.83 -4.91 7.29
CA LEU B 37 -2.87 -4.98 6.19
C LEU B 37 -2.53 -3.58 5.68
N MET B 38 -3.57 -2.79 5.42
CA MET B 38 -3.38 -1.42 4.93
C MET B 38 -2.36 -0.67 5.78
N ALA B 39 -2.35 -0.97 7.07
CA ALA B 39 -1.41 -0.31 7.99
C ALA B 39 0.02 -0.45 7.50
N ALA B 40 0.32 -1.58 6.87
CA ALA B 40 1.67 -1.83 6.36
C ALA B 40 2.01 -0.85 5.24
N PHE B 41 1.03 -0.54 4.41
CA PHE B 41 1.22 0.39 3.30
C PHE B 41 1.71 1.74 3.80
N ILE B 42 0.93 2.35 4.70
CA ILE B 42 1.28 3.65 5.26
C ILE B 42 2.56 3.57 6.09
N LYS B 43 2.78 2.40 6.70
CA LYS B 43 3.97 2.19 7.52
C LYS B 43 5.22 2.69 6.81
N GLN B 44 5.21 2.60 5.49
CA GLN B 44 6.35 3.03 4.69
C GLN B 44 6.56 4.54 4.80
N ARG B 45 5.47 5.29 4.71
CA ARG B 45 5.52 6.75 4.81
C ARG B 45 5.63 7.19 6.27
N SER B 46 4.92 6.49 7.14
CA SER B 46 4.93 6.81 8.57
C SER B 46 6.30 6.52 9.19
N GLN B 47 6.81 5.32 8.93
CA GLN B 47 8.11 4.91 9.46
C GLN B 47 9.23 5.29 8.49
N HIS B 48 8.86 5.91 7.37
CA HIS B 48 9.84 6.33 6.38
C HIS B 48 10.65 5.13 5.87
N GLN B 49 11.51 5.38 4.89
CA GLN B 49 12.34 4.32 4.33
C GLN B 49 13.74 4.33 4.95
N GLN B 50 14.61 3.47 4.44
CA GLN B 50 15.98 3.38 4.94
C GLN B 50 16.97 3.93 3.92
N GLY A 1 11.12 -9.12 4.68
CA GLY A 1 11.45 -10.52 4.60
C GLY A 1 12.48 -10.81 3.52
N SER A 2 12.01 -11.11 2.31
CA SER A 2 12.91 -11.40 1.20
C SER A 2 13.62 -12.73 1.40
N GLU A 3 14.61 -12.75 2.29
CA GLU A 3 15.36 -13.96 2.58
C GLU A 3 16.29 -14.30 1.43
N SER A 4 15.71 -14.72 0.31
CA SER A 4 16.48 -15.09 -0.86
C SER A 4 15.67 -14.89 -2.14
N GLN A 5 14.40 -15.27 -2.09
CA GLN A 5 13.51 -15.13 -3.25
C GLN A 5 13.57 -13.71 -3.81
N ASN A 6 13.02 -13.54 -5.00
CA ASN A 6 13.01 -12.23 -5.65
C ASN A 6 11.70 -11.49 -5.38
N ASP A 7 10.59 -12.20 -5.56
CA ASP A 7 9.27 -11.62 -5.33
C ASP A 7 9.13 -10.28 -6.07
N GLU A 8 8.64 -10.34 -7.30
CA GLU A 8 8.47 -9.14 -8.10
C GLU A 8 7.66 -8.09 -7.35
N LYS A 9 6.45 -8.47 -6.93
CA LYS A 9 5.58 -7.56 -6.19
C LYS A 9 6.31 -6.97 -4.99
N ALA A 10 7.10 -7.79 -4.31
CA ALA A 10 7.85 -7.35 -3.15
C ALA A 10 8.70 -6.12 -3.47
N LEU A 11 9.03 -5.97 -4.75
CA LEU A 11 9.83 -4.83 -5.19
C LEU A 11 9.10 -3.52 -4.96
N LEU A 12 7.77 -3.56 -5.01
CA LEU A 12 6.95 -2.37 -4.80
C LEU A 12 7.33 -1.67 -3.51
N ASP A 13 7.58 -2.47 -2.47
CA ASP A 13 7.96 -1.93 -1.17
C ASP A 13 9.08 -0.91 -1.30
N GLN A 14 9.93 -1.10 -2.31
CA GLN A 14 11.05 -0.21 -2.55
C GLN A 14 10.57 1.18 -2.97
N LEU A 15 9.81 1.22 -4.07
CA LEU A 15 9.28 2.49 -4.58
C LEU A 15 8.25 3.07 -3.62
N ASP A 16 7.58 2.20 -2.86
CA ASP A 16 6.57 2.61 -1.91
C ASP A 16 7.10 3.74 -1.02
N SER A 17 8.31 3.55 -0.49
CA SER A 17 8.92 4.54 0.38
C SER A 17 8.93 5.92 -0.28
N LEU A 18 8.97 5.92 -1.61
CA LEU A 18 8.99 7.17 -2.37
C LEU A 18 7.69 7.95 -2.15
N LEU A 19 6.60 7.23 -1.95
CA LEU A 19 5.30 7.85 -1.73
C LEU A 19 5.39 8.91 -0.63
N SER A 20 6.28 8.70 0.32
CA SER A 20 6.46 9.64 1.42
C SER A 20 6.85 11.02 0.91
N SER A 21 7.61 11.04 -0.19
CA SER A 21 8.05 12.30 -0.78
C SER A 21 7.16 12.68 -1.96
N THR A 22 5.87 12.35 -1.85
CA THR A 22 4.91 12.67 -2.91
C THR A 22 3.57 13.10 -2.32
N ASP A 23 2.74 13.70 -3.15
CA ASP A 23 1.42 14.15 -2.72
C ASP A 23 0.63 13.00 -2.09
N GLU A 24 0.36 13.12 -0.79
CA GLU A 24 -0.38 12.09 -0.07
C GLU A 24 -1.79 11.96 -0.62
N MET A 25 -2.21 12.94 -1.42
CA MET A 25 -3.54 12.94 -2.01
C MET A 25 -3.67 11.84 -3.05
N GLU A 26 -2.60 11.61 -3.80
CA GLU A 26 -2.59 10.58 -4.83
C GLU A 26 -3.00 9.23 -4.26
N LEU A 27 -2.70 9.02 -2.98
CA LEU A 27 -3.04 7.77 -2.31
C LEU A 27 -4.25 7.95 -1.40
N ALA A 28 -4.47 9.18 -0.94
CA ALA A 28 -5.59 9.49 -0.07
C ALA A 28 -6.90 8.98 -0.66
N GLU A 29 -7.05 9.15 -1.98
CA GLU A 29 -8.26 8.72 -2.67
C GLU A 29 -8.58 7.26 -2.34
N ILE A 30 -7.61 6.38 -2.54
CA ILE A 30 -7.79 4.97 -2.26
C ILE A 30 -7.70 4.68 -0.77
N ASP A 31 -6.77 5.37 -0.10
CA ASP A 31 -6.57 5.19 1.34
C ASP A 31 -7.90 5.30 2.08
N ARG A 32 -8.68 6.34 1.75
CA ARG A 32 -9.97 6.56 2.39
C ARG A 32 -10.80 5.28 2.40
N ALA A 33 -10.70 4.50 1.33
CA ALA A 33 -11.44 3.26 1.21
C ALA A 33 -11.17 2.34 2.41
N LEU A 34 -9.91 2.29 2.82
CA LEU A 34 -9.51 1.46 3.95
C LEU A 34 -9.61 2.23 5.25
N GLY A 35 -9.49 3.55 5.16
CA GLY A 35 -9.57 4.39 6.35
C GLY A 35 -8.31 4.30 7.20
N ILE A 36 -7.16 4.41 6.56
CA ILE A 36 -5.89 4.33 7.28
C ILE A 36 -5.50 5.70 7.85
N ASP A 37 -6.49 6.58 7.97
CA ASP A 37 -6.26 7.91 8.51
C ASP A 37 -6.17 7.89 10.03
N LYS A 38 -6.34 6.70 10.60
CA LYS A 38 -6.28 6.53 12.05
C LYS A 38 -4.84 6.37 12.53
N LEU A 39 -3.95 6.05 11.59
CA LEU A 39 -2.55 5.86 11.91
C LEU A 39 -1.89 7.19 12.27
N VAL A 40 -1.67 8.04 11.27
CA VAL A 40 -1.05 9.34 11.48
C VAL A 40 -1.71 10.41 10.59
N SER A 41 -2.91 10.84 10.98
CA SER A 41 -3.63 11.84 10.23
C SER A 41 -3.20 13.25 10.64
N GLN A 42 -3.69 13.69 11.79
CA GLN A 42 -3.36 15.02 12.30
C GLN A 42 -3.87 16.11 11.37
N GLN A 43 -4.01 17.32 11.90
CA GLN A 43 -4.49 18.44 11.11
C GLN A 43 -3.34 19.17 10.44
N GLY A 44 -3.68 20.05 9.49
CA GLY A 44 -2.65 20.80 8.79
C GLY A 44 -1.60 19.90 8.16
N GLY A 45 -2.05 18.85 7.49
CA GLY A 45 -1.13 17.92 6.85
C GLY A 45 -1.82 16.99 5.88
N GLY B 1 1.65 -19.18 -1.75
CA GLY B 1 1.77 -20.26 -0.80
C GLY B 1 0.87 -20.06 0.41
N SER B 2 1.43 -19.47 1.46
CA SER B 2 0.67 -19.24 2.69
C SER B 2 1.07 -17.90 3.33
N THR B 3 0.89 -16.82 2.57
CA THR B 3 1.23 -15.49 3.05
C THR B 3 0.11 -14.51 2.78
N PRO B 4 -0.75 -14.28 3.78
CA PRO B 4 -1.89 -13.36 3.68
C PRO B 4 -1.46 -11.91 3.61
N PRO B 5 -0.26 -11.62 4.16
CA PRO B 5 0.30 -10.26 4.18
C PRO B 5 0.72 -9.80 2.79
N GLN B 6 1.40 -10.68 2.06
CA GLN B 6 1.87 -10.36 0.72
C GLN B 6 0.69 -10.08 -0.22
N ALA B 7 -0.50 -10.48 0.21
CA ALA B 7 -1.71 -10.26 -0.58
C ALA B 7 -1.85 -8.80 -0.99
N LEU B 8 -1.38 -7.91 -0.12
CA LEU B 8 -1.46 -6.47 -0.39
C LEU B 8 -0.42 -6.06 -1.44
N GLN B 9 0.74 -6.70 -1.40
CA GLN B 9 1.81 -6.40 -2.34
C GLN B 9 1.36 -6.68 -3.77
N GLN B 10 0.81 -7.86 -3.99
CA GLN B 10 0.34 -8.26 -5.31
C GLN B 10 -0.62 -7.22 -5.89
N LEU B 11 -1.69 -6.93 -5.16
CA LEU B 11 -2.67 -5.96 -5.60
C LEU B 11 -2.07 -4.55 -5.63
N LEU B 12 -1.18 -4.28 -4.69
CA LEU B 12 -0.53 -2.98 -4.62
C LEU B 12 0.16 -2.63 -5.94
N GLN B 13 0.50 -3.67 -6.71
CA GLN B 13 1.16 -3.47 -8.00
C GLN B 13 0.29 -2.64 -8.93
N THR B 14 -0.89 -3.17 -9.26
CA THR B 14 -1.81 -2.49 -10.15
C THR B 14 -2.15 -1.09 -9.63
N LEU B 15 -2.12 -0.95 -8.31
CA LEU B 15 -2.42 0.33 -7.68
C LEU B 15 -1.31 1.34 -7.93
N LYS B 16 -0.09 0.84 -8.13
CA LYS B 16 1.06 1.70 -8.39
C LYS B 16 1.31 1.85 -9.89
N SER B 17 0.94 0.82 -10.64
CA SER B 17 1.13 0.84 -12.09
C SER B 17 -0.11 1.39 -12.79
N PRO B 18 0.09 1.92 -14.00
CA PRO B 18 -1.00 2.50 -14.80
C PRO B 18 -1.97 1.43 -15.31
N SER B 19 -2.21 0.41 -14.50
CA SER B 19 -3.11 -0.68 -14.87
C SER B 19 -4.48 -0.13 -15.26
N SER B 20 -5.41 -1.04 -15.53
CA SER B 20 -6.76 -0.66 -15.94
C SER B 20 -7.50 -0.01 -14.77
N PRO B 21 -8.67 0.58 -15.06
CA PRO B 21 -9.50 1.25 -14.06
C PRO B 21 -10.13 0.26 -13.08
N GLN B 22 -10.59 -0.87 -13.61
CA GLN B 22 -11.22 -1.90 -12.79
C GLN B 22 -10.24 -2.46 -11.77
N GLN B 23 -8.99 -2.67 -12.21
CA GLN B 23 -7.96 -3.21 -11.33
C GLN B 23 -7.65 -2.24 -10.20
N GLN B 24 -7.42 -0.98 -10.55
CA GLN B 24 -7.10 0.04 -9.56
C GLN B 24 -8.16 0.06 -8.45
N GLN B 25 -9.42 0.06 -8.84
CA GLN B 25 -10.52 0.08 -7.88
C GLN B 25 -10.55 -1.21 -7.08
N GLN B 26 -10.13 -2.31 -7.70
CA GLN B 26 -10.12 -3.61 -7.04
C GLN B 26 -9.11 -3.62 -5.89
N VAL B 27 -8.00 -2.91 -6.08
CA VAL B 27 -6.95 -2.85 -5.06
C VAL B 27 -7.54 -2.43 -3.72
N LEU B 28 -8.14 -1.25 -3.67
CA LEU B 28 -8.74 -0.73 -2.44
C LEU B 28 -9.71 -1.75 -1.84
N GLN B 29 -10.40 -2.49 -2.71
CA GLN B 29 -11.36 -3.49 -2.27
C GLN B 29 -10.68 -4.56 -1.41
N ILE B 30 -9.53 -5.02 -1.87
CA ILE B 30 -8.77 -6.04 -1.14
C ILE B 30 -8.20 -5.49 0.17
N LEU B 31 -7.44 -4.41 0.06
CA LEU B 31 -6.85 -3.77 1.22
C LEU B 31 -7.89 -3.54 2.31
N LYS B 32 -9.13 -3.31 1.89
CA LYS B 32 -10.22 -3.07 2.83
C LYS B 32 -10.45 -4.28 3.72
N SER B 33 -10.35 -5.48 3.14
CA SER B 33 -10.54 -6.71 3.88
C SER B 33 -9.33 -7.01 4.77
N ASN B 34 -8.22 -6.34 4.49
CA ASN B 34 -7.01 -6.53 5.26
C ASN B 34 -6.58 -5.23 5.93
N PRO B 35 -7.24 -4.90 7.06
CA PRO B 35 -6.96 -3.68 7.82
C PRO B 35 -5.60 -3.75 8.52
N GLN B 36 -5.20 -4.95 8.90
CA GLN B 36 -3.92 -5.14 9.59
C GLN B 36 -2.75 -5.04 8.61
N LEU B 37 -3.02 -5.36 7.35
CA LEU B 37 -1.99 -5.29 6.31
C LEU B 37 -1.88 -3.87 5.75
N MET B 38 -3.02 -3.21 5.60
CA MET B 38 -3.04 -1.85 5.07
C MET B 38 -2.04 -0.96 5.81
N ALA B 39 -1.86 -1.23 7.09
CA ALA B 39 -0.92 -0.45 7.91
C ALA B 39 0.45 -0.36 7.24
N ALA B 40 0.80 -1.40 6.49
CA ALA B 40 2.08 -1.44 5.80
C ALA B 40 2.16 -0.34 4.74
N PHE B 41 1.07 -0.15 4.01
CA PHE B 41 1.02 0.86 2.96
C PHE B 41 1.42 2.22 3.50
N ILE B 42 0.70 2.69 4.51
CA ILE B 42 0.98 3.98 5.13
C ILE B 42 2.35 3.98 5.81
N LYS B 43 2.74 2.82 6.33
CA LYS B 43 4.03 2.68 7.00
C LYS B 43 5.15 3.31 6.18
N GLN B 44 5.00 3.29 4.87
CA GLN B 44 5.99 3.86 3.97
C GLN B 44 6.08 5.38 4.15
N ARG B 45 4.93 6.03 4.17
CA ARG B 45 4.88 7.48 4.34
C ARG B 45 5.13 7.87 5.80
N SER B 46 4.66 7.03 6.72
CA SER B 46 4.83 7.29 8.14
C SER B 46 6.29 7.15 8.54
N GLN B 47 6.92 6.06 8.11
CA GLN B 47 8.32 5.81 8.42
C GLN B 47 9.23 6.36 7.33
N HIS B 48 8.64 6.98 6.32
CA HIS B 48 9.40 7.55 5.22
C HIS B 48 10.07 6.44 4.41
N GLN B 49 11.19 5.94 4.91
CA GLN B 49 11.94 4.89 4.23
C GLN B 49 12.46 3.86 5.23
N GLN B 50 11.55 3.10 5.82
CA GLN B 50 11.92 2.08 6.79
C GLN B 50 11.59 0.68 6.27
N GLY A 1 20.01 -3.61 -2.77
CA GLY A 1 20.85 -2.70 -3.52
C GLY A 1 21.82 -3.41 -4.43
N SER A 2 21.41 -4.56 -4.97
CA SER A 2 22.25 -5.34 -5.84
C SER A 2 21.48 -6.51 -6.46
N GLU A 3 20.22 -6.26 -6.79
CA GLU A 3 19.37 -7.29 -7.38
C GLU A 3 18.15 -6.67 -8.04
N SER A 4 17.53 -7.42 -8.95
CA SER A 4 16.35 -6.95 -9.67
C SER A 4 15.48 -8.11 -10.12
N GLN A 5 15.43 -9.16 -9.31
CA GLN A 5 14.64 -10.34 -9.63
C GLN A 5 14.61 -11.31 -8.45
N ASN A 6 14.12 -10.85 -7.31
CA ASN A 6 14.05 -11.68 -6.12
C ASN A 6 12.67 -12.32 -5.98
N ASP A 7 11.65 -11.50 -5.82
CA ASP A 7 10.28 -11.98 -5.69
C ASP A 7 9.28 -10.87 -6.00
N GLU A 8 8.05 -11.26 -6.32
CA GLU A 8 7.00 -10.30 -6.63
C GLU A 8 6.87 -9.26 -5.51
N LYS A 9 6.53 -9.72 -4.31
CA LYS A 9 6.37 -8.84 -3.16
C LYS A 9 7.61 -7.96 -2.98
N ALA A 10 8.78 -8.59 -3.04
CA ALA A 10 10.04 -7.87 -2.88
C ALA A 10 10.18 -6.76 -3.90
N LEU A 11 9.57 -6.96 -5.07
CA LEU A 11 9.62 -5.97 -6.15
C LEU A 11 8.90 -4.69 -5.74
N LEU A 12 7.83 -4.84 -4.97
CA LEU A 12 7.05 -3.69 -4.51
C LEU A 12 7.90 -2.76 -3.65
N ASP A 13 8.67 -3.35 -2.74
CA ASP A 13 9.54 -2.56 -1.86
C ASP A 13 10.37 -1.57 -2.67
N GLN A 14 10.69 -1.93 -3.91
CA GLN A 14 11.48 -1.08 -4.79
C GLN A 14 10.71 0.18 -5.15
N LEU A 15 9.53 0.01 -5.71
CA LEU A 15 8.68 1.14 -6.11
C LEU A 15 8.18 1.89 -4.89
N ASP A 16 8.04 1.18 -3.77
CA ASP A 16 7.57 1.79 -2.54
C ASP A 16 8.33 3.07 -2.23
N SER A 17 9.65 3.01 -2.34
CA SER A 17 10.50 4.17 -2.07
C SER A 17 10.04 5.37 -2.89
N LEU A 18 9.48 5.11 -4.06
CA LEU A 18 9.00 6.17 -4.94
C LEU A 18 7.92 7.00 -4.24
N LEU A 19 7.13 6.35 -3.40
CA LEU A 19 6.06 7.04 -2.67
C LEU A 19 6.59 8.29 -1.99
N SER A 20 7.75 8.16 -1.34
CA SER A 20 8.36 9.28 -0.64
C SER A 20 8.79 10.37 -1.62
N SER A 21 9.20 9.95 -2.81
CA SER A 21 9.65 10.87 -3.84
C SER A 21 8.46 11.59 -4.49
N THR A 22 7.35 10.86 -4.63
CA THR A 22 6.15 11.41 -5.23
C THR A 22 5.25 12.05 -4.18
N ASP A 23 4.51 13.07 -4.58
CA ASP A 23 3.61 13.77 -3.67
C ASP A 23 2.54 12.82 -3.13
N GLU A 24 2.19 13.00 -1.87
CA GLU A 24 1.19 12.15 -1.23
C GLU A 24 -0.16 12.25 -1.95
N MET A 25 -0.30 13.30 -2.77
CA MET A 25 -1.53 13.52 -3.52
C MET A 25 -1.72 12.43 -4.58
N GLU A 26 -0.61 11.93 -5.12
CA GLU A 26 -0.65 10.90 -6.14
C GLU A 26 -1.42 9.67 -5.64
N LEU A 27 -1.14 9.28 -4.40
CA LEU A 27 -1.80 8.13 -3.80
C LEU A 27 -2.90 8.57 -2.84
N ALA A 28 -3.10 9.88 -2.73
CA ALA A 28 -4.12 10.42 -1.84
C ALA A 28 -5.50 9.89 -2.21
N GLU A 29 -5.77 9.79 -3.51
CA GLU A 29 -7.05 9.30 -3.99
C GLU A 29 -7.38 7.94 -3.38
N ILE A 30 -6.45 7.00 -3.53
CA ILE A 30 -6.64 5.65 -3.00
C ILE A 30 -6.41 5.62 -1.49
N ASP A 31 -5.45 6.43 -1.03
CA ASP A 31 -5.12 6.50 0.39
C ASP A 31 -6.38 6.73 1.22
N ARG A 32 -7.09 7.82 0.92
CA ARG A 32 -8.31 8.15 1.65
C ARG A 32 -9.36 7.04 1.50
N ALA A 33 -9.19 6.22 0.47
CA ALA A 33 -10.12 5.12 0.22
C ALA A 33 -10.13 4.14 1.39
N LEU A 34 -8.95 3.76 1.86
CA LEU A 34 -8.83 2.83 2.97
C LEU A 34 -8.84 3.57 4.31
N GLY A 35 -8.45 4.84 4.27
CA GLY A 35 -8.43 5.63 5.48
C GLY A 35 -7.07 5.61 6.17
N ILE A 36 -6.01 5.81 5.39
CA ILE A 36 -4.65 5.81 5.93
C ILE A 36 -4.31 7.16 6.55
N ASP A 37 -5.28 8.07 6.57
CA ASP A 37 -5.08 9.39 7.14
C ASP A 37 -5.03 9.32 8.66
N LYS A 38 -5.97 8.59 9.25
CA LYS A 38 -6.03 8.44 10.70
C LYS A 38 -5.12 7.32 11.17
N LEU A 39 -5.12 6.21 10.43
CA LEU A 39 -4.29 5.06 10.78
C LEU A 39 -4.83 4.36 12.02
N VAL A 40 -6.08 3.88 11.92
CA VAL A 40 -6.71 3.18 13.04
C VAL A 40 -6.90 4.09 14.24
N SER A 41 -8.15 4.42 14.53
CA SER A 41 -8.48 5.30 15.65
C SER A 41 -9.88 5.02 16.17
N GLN A 42 -10.88 5.23 15.31
CA GLN A 42 -12.27 5.01 15.67
C GLN A 42 -12.71 3.59 15.30
N GLN A 43 -14.02 3.36 15.35
CA GLN A 43 -14.57 2.05 15.01
C GLN A 43 -15.96 2.19 14.40
N GLY A 44 -16.00 2.55 13.12
CA GLY A 44 -17.27 2.71 12.44
C GLY A 44 -17.56 4.15 12.08
N GLY A 45 -17.65 5.01 13.09
CA GLY A 45 -17.93 6.41 12.85
C GLY A 45 -17.14 7.32 13.77
N GLY B 1 -6.64 -17.67 3.34
CA GLY B 1 -7.09 -18.14 4.64
C GLY B 1 -5.95 -18.59 5.52
N SER B 2 -4.83 -17.90 5.44
CA SER B 2 -3.65 -18.23 6.24
C SER B 2 -2.93 -16.98 6.71
N THR B 3 -2.82 -16.00 5.82
CA THR B 3 -2.16 -14.74 6.15
C THR B 3 -2.94 -13.55 5.62
N PRO B 4 -3.77 -12.95 6.49
CA PRO B 4 -4.59 -11.80 6.14
C PRO B 4 -3.76 -10.53 5.91
N PRO B 5 -2.57 -10.49 6.55
CA PRO B 5 -1.66 -9.35 6.43
C PRO B 5 -1.04 -9.24 5.05
N GLN B 6 -0.51 -10.37 4.56
CA GLN B 6 0.12 -10.41 3.25
C GLN B 6 -0.87 -10.04 2.15
N ALA B 7 -2.16 -10.11 2.48
CA ALA B 7 -3.21 -9.80 1.52
C ALA B 7 -2.98 -8.43 0.89
N LEU B 8 -2.34 -7.53 1.64
CA LEU B 8 -2.06 -6.19 1.15
C LEU B 8 -0.96 -6.21 0.09
N GLN B 9 0.00 -7.11 0.28
CA GLN B 9 1.11 -7.24 -0.66
C GLN B 9 0.61 -7.63 -2.04
N GLN B 10 -0.20 -8.68 -2.10
CA GLN B 10 -0.74 -9.15 -3.37
C GLN B 10 -1.45 -8.02 -4.12
N LEU B 11 -2.42 -7.39 -3.46
CA LEU B 11 -3.16 -6.30 -4.06
C LEU B 11 -2.26 -5.09 -4.30
N LEU B 12 -1.31 -4.88 -3.41
CA LEU B 12 -0.37 -3.76 -3.52
C LEU B 12 0.35 -3.79 -4.87
N GLN B 13 0.48 -4.98 -5.43
CA GLN B 13 1.15 -5.15 -6.72
C GLN B 13 0.44 -4.35 -7.80
N THR B 14 -0.89 -4.37 -7.76
CA THR B 14 -1.70 -3.65 -8.74
C THR B 14 -1.69 -2.15 -8.47
N LEU B 15 -1.55 -1.78 -7.20
CA LEU B 15 -1.53 -0.39 -6.80
C LEU B 15 -0.21 0.27 -7.20
N LYS B 16 0.83 -0.54 -7.36
CA LYS B 16 2.14 -0.02 -7.75
C LYS B 16 2.30 -0.06 -9.26
N SER B 17 1.63 -1.01 -9.91
CA SER B 17 1.71 -1.14 -11.37
C SER B 17 0.60 -0.34 -12.04
N PRO B 18 0.84 0.05 -13.31
CA PRO B 18 -0.13 0.83 -14.09
C PRO B 18 -1.36 0.01 -14.47
N SER B 19 -1.83 -0.82 -13.53
CA SER B 19 -3.00 -1.65 -13.76
C SER B 19 -4.17 -0.82 -14.29
N SER B 20 -5.26 -1.50 -14.63
CA SER B 20 -6.44 -0.82 -15.16
C SER B 20 -7.15 -0.03 -14.05
N PRO B 21 -8.20 0.71 -14.43
CA PRO B 21 -8.98 1.51 -13.50
C PRO B 21 -9.80 0.66 -12.53
N GLN B 22 -10.30 -0.47 -13.03
CA GLN B 22 -11.09 -1.37 -12.21
C GLN B 22 -10.25 -1.99 -11.09
N GLN B 23 -9.03 -2.38 -11.43
CA GLN B 23 -8.12 -2.98 -10.45
C GLN B 23 -7.84 -2.01 -9.31
N GLN B 24 -7.51 -0.77 -9.65
CA GLN B 24 -7.20 0.25 -8.66
C GLN B 24 -8.31 0.32 -7.61
N GLN B 25 -9.56 0.19 -8.05
CA GLN B 25 -10.70 0.24 -7.15
C GLN B 25 -10.72 -0.98 -6.23
N GLN B 26 -10.22 -2.10 -6.73
CA GLN B 26 -10.19 -3.34 -5.96
C GLN B 26 -9.16 -3.25 -4.83
N VAL B 27 -7.91 -2.96 -5.20
CA VAL B 27 -6.84 -2.84 -4.22
C VAL B 27 -7.25 -1.93 -3.07
N LEU B 28 -7.60 -0.70 -3.39
CA LEU B 28 -8.02 0.27 -2.38
C LEU B 28 -9.20 -0.25 -1.58
N GLN B 29 -10.10 -0.97 -2.25
CA GLN B 29 -11.28 -1.52 -1.60
C GLN B 29 -10.88 -2.54 -0.53
N ILE B 30 -9.88 -3.35 -0.83
CA ILE B 30 -9.41 -4.36 0.11
C ILE B 30 -8.68 -3.71 1.30
N LEU B 31 -7.68 -2.90 0.99
CA LEU B 31 -6.92 -2.22 2.04
C LEU B 31 -7.84 -1.55 3.04
N LYS B 32 -9.00 -1.11 2.56
CA LYS B 32 -9.98 -0.45 3.43
C LYS B 32 -10.44 -1.39 4.54
N SER B 33 -10.66 -2.65 4.18
CA SER B 33 -11.11 -3.65 5.14
C SER B 33 -9.96 -4.11 6.03
N ASN B 34 -8.74 -3.76 5.64
CA ASN B 34 -7.56 -4.13 6.39
C ASN B 34 -6.83 -2.90 6.91
N PRO B 35 -7.25 -2.42 8.09
CA PRO B 35 -6.65 -1.24 8.72
C PRO B 35 -5.23 -1.50 9.23
N GLN B 36 -4.99 -2.73 9.69
CA GLN B 36 -3.69 -3.11 10.20
C GLN B 36 -2.69 -3.30 9.06
N LEU B 37 -3.21 -3.54 7.87
CA LEU B 37 -2.37 -3.75 6.70
C LEU B 37 -1.94 -2.41 6.09
N MET B 38 -2.89 -1.48 6.00
CA MET B 38 -2.62 -0.16 5.45
C MET B 38 -1.37 0.45 6.08
N ALA B 39 -1.15 0.14 7.36
CA ALA B 39 0.01 0.65 8.08
C ALA B 39 1.29 0.43 7.28
N ALA B 40 1.34 -0.66 6.54
CA ALA B 40 2.50 -0.99 5.73
C ALA B 40 2.72 0.04 4.62
N PHE B 41 1.61 0.48 4.01
CA PHE B 41 1.68 1.46 2.94
C PHE B 41 2.35 2.75 3.42
N ILE B 42 1.80 3.33 4.48
CA ILE B 42 2.34 4.56 5.04
C ILE B 42 3.82 4.39 5.42
N LYS B 43 4.17 3.20 5.88
CA LYS B 43 5.54 2.90 6.29
C LYS B 43 6.52 3.37 5.22
N GLN B 44 6.09 3.34 3.96
CA GLN B 44 6.95 3.77 2.85
C GLN B 44 7.25 5.26 2.94
N ARG B 45 6.22 6.06 3.24
CA ARG B 45 6.36 7.49 3.34
C ARG B 45 6.94 7.88 4.70
N SER B 46 6.57 7.13 5.73
CA SER B 46 7.04 7.40 7.09
C SER B 46 8.53 7.06 7.22
N GLN B 47 8.92 5.91 6.68
CA GLN B 47 10.31 5.47 6.73
C GLN B 47 11.05 5.89 5.47
N HIS B 48 10.34 6.49 4.53
CA HIS B 48 10.94 6.93 3.28
C HIS B 48 11.51 5.75 2.50
N GLN B 49 12.73 5.35 2.85
CA GLN B 49 13.39 4.24 2.19
C GLN B 49 14.12 3.36 3.19
N GLN B 50 13.37 2.64 4.02
CA GLN B 50 13.94 1.76 5.02
C GLN B 50 13.33 0.37 4.94
N GLY A 1 7.78 -7.71 9.34
CA GLY A 1 8.72 -6.61 9.25
C GLY A 1 8.92 -6.13 7.83
N SER A 2 9.85 -5.20 7.65
CA SER A 2 10.14 -4.64 6.34
C SER A 2 10.52 -5.75 5.35
N GLU A 3 11.68 -6.36 5.58
CA GLU A 3 12.15 -7.43 4.71
C GLU A 3 12.66 -6.88 3.39
N SER A 4 11.74 -6.34 2.58
CA SER A 4 12.10 -5.79 1.28
C SER A 4 12.91 -6.78 0.46
N GLN A 5 12.57 -8.06 0.59
CA GLN A 5 13.27 -9.12 -0.15
C GLN A 5 12.67 -10.48 0.16
N ASN A 6 11.36 -10.52 0.34
CA ASN A 6 10.66 -11.76 0.64
C ASN A 6 10.11 -12.40 -0.64
N ASP A 7 9.67 -11.56 -1.58
CA ASP A 7 9.13 -12.04 -2.84
C ASP A 7 9.15 -10.94 -3.89
N GLU A 8 8.53 -11.21 -5.04
CA GLU A 8 8.49 -10.24 -6.12
C GLU A 8 7.81 -8.95 -5.67
N LYS A 9 6.62 -9.09 -5.08
CA LYS A 9 5.87 -7.93 -4.60
C LYS A 9 6.74 -7.06 -3.70
N ALA A 10 7.65 -7.70 -2.97
CA ALA A 10 8.54 -6.98 -2.07
C ALA A 10 9.28 -5.86 -2.79
N LEU A 11 9.39 -5.99 -4.11
CA LEU A 11 10.07 -4.99 -4.92
C LEU A 11 9.34 -3.66 -4.88
N LEU A 12 8.02 -3.71 -4.72
CA LEU A 12 7.21 -2.50 -4.67
C LEU A 12 7.76 -1.53 -3.63
N ASP A 13 8.15 -2.05 -2.48
CA ASP A 13 8.71 -1.22 -1.41
C ASP A 13 9.79 -0.30 -1.94
N GLN A 14 10.49 -0.75 -2.98
CA GLN A 14 11.56 0.04 -3.58
C GLN A 14 10.99 1.29 -4.27
N LEU A 15 10.06 1.07 -5.18
CA LEU A 15 9.43 2.18 -5.91
C LEU A 15 8.56 3.02 -4.98
N ASP A 16 8.07 2.40 -3.91
CA ASP A 16 7.23 3.09 -2.95
C ASP A 16 7.86 4.41 -2.52
N SER A 17 9.18 4.44 -2.46
CA SER A 17 9.91 5.63 -2.06
C SER A 17 9.46 6.84 -2.88
N LEU A 18 9.02 6.58 -4.10
CA LEU A 18 8.55 7.63 -4.99
C LEU A 18 7.39 8.40 -4.36
N LEU A 19 6.55 7.69 -3.62
CA LEU A 19 5.41 8.31 -2.96
C LEU A 19 5.82 9.54 -2.17
N SER A 20 6.93 9.41 -1.44
CA SER A 20 7.44 10.52 -0.63
C SER A 20 7.87 11.68 -1.51
N SER A 21 8.33 11.36 -2.71
CA SER A 21 8.78 12.38 -3.66
C SER A 21 7.73 12.63 -4.74
N THR A 22 6.47 12.37 -4.40
CA THR A 22 5.37 12.56 -5.33
C THR A 22 4.14 13.11 -4.63
N ASP A 23 3.30 13.81 -5.38
CA ASP A 23 2.08 14.40 -4.83
C ASP A 23 1.25 13.33 -4.11
N GLU A 24 1.05 13.52 -2.82
CA GLU A 24 0.27 12.57 -2.02
C GLU A 24 -1.16 12.48 -2.51
N MET A 25 -1.55 13.44 -3.35
CA MET A 25 -2.89 13.48 -3.91
C MET A 25 -3.13 12.28 -4.84
N GLU A 26 -2.08 11.87 -5.53
CA GLU A 26 -2.18 10.74 -6.45
C GLU A 26 -2.74 9.51 -5.76
N LEU A 27 -2.42 9.37 -4.47
CA LEU A 27 -2.88 8.23 -3.68
C LEU A 27 -4.04 8.64 -2.77
N ALA A 28 -4.10 9.93 -2.45
CA ALA A 28 -5.15 10.45 -1.59
C ALA A 28 -6.53 10.03 -2.08
N GLU A 29 -6.69 10.00 -3.40
CA GLU A 29 -7.96 9.62 -4.01
C GLU A 29 -8.43 8.26 -3.48
N ILE A 30 -7.56 7.26 -3.60
CA ILE A 30 -7.89 5.91 -3.14
C ILE A 30 -7.74 5.80 -1.63
N ASP A 31 -6.72 6.44 -1.09
CA ASP A 31 -6.48 6.42 0.36
C ASP A 31 -7.74 6.82 1.13
N ARG A 32 -8.33 7.94 0.75
CA ARG A 32 -9.54 8.43 1.41
C ARG A 32 -10.61 7.33 1.44
N ALA A 33 -10.60 6.46 0.45
CA ALA A 33 -11.56 5.37 0.36
C ALA A 33 -11.51 4.50 1.61
N LEU A 34 -10.30 4.19 2.07
CA LEU A 34 -10.12 3.37 3.26
C LEU A 34 -10.08 4.23 4.51
N GLY A 35 -9.70 5.50 4.35
CA GLY A 35 -9.63 6.40 5.48
C GLY A 35 -8.38 6.19 6.32
N ILE A 36 -7.23 6.16 5.65
CA ILE A 36 -5.97 5.96 6.34
C ILE A 36 -5.41 7.29 6.85
N ASP A 37 -6.30 8.24 7.09
CA ASP A 37 -5.91 9.55 7.59
C ASP A 37 -5.51 9.48 9.06
N LYS A 38 -6.05 8.49 9.76
CA LYS A 38 -5.77 8.31 11.18
C LYS A 38 -4.47 7.53 11.38
N LEU A 39 -4.40 6.35 10.76
CA LEU A 39 -3.22 5.51 10.86
C LEU A 39 -3.15 4.84 12.23
N VAL A 40 -1.96 4.35 12.59
CA VAL A 40 -1.77 3.67 13.87
C VAL A 40 -2.63 2.41 13.97
N SER A 41 -3.90 2.59 14.31
CA SER A 41 -4.82 1.47 14.44
C SER A 41 -4.18 0.33 15.23
N GLN A 42 -3.60 -0.62 14.51
CA GLN A 42 -2.95 -1.76 15.14
C GLN A 42 -1.45 -1.52 15.29
N GLN A 43 -0.95 -1.72 16.50
CA GLN A 43 0.47 -1.53 16.79
C GLN A 43 1.25 -2.82 16.56
N GLY A 44 2.57 -2.71 16.63
CA GLY A 44 3.42 -3.88 16.44
C GLY A 44 4.78 -3.73 17.08
N GLY A 45 5.40 -4.86 17.42
CA GLY A 45 6.71 -4.82 18.05
C GLY A 45 7.75 -4.15 17.17
N GLY B 1 2.33 -20.35 5.50
CA GLY B 1 1.03 -20.59 4.87
C GLY B 1 -0.05 -19.70 5.42
N SER B 2 -0.97 -19.27 4.56
CA SER B 2 -2.06 -18.40 4.96
C SER B 2 -1.53 -17.08 5.52
N THR B 3 -1.45 -16.08 4.65
CA THR B 3 -0.96 -14.76 5.05
C THR B 3 -1.85 -13.65 4.52
N PRO B 4 -2.78 -13.19 5.38
CA PRO B 4 -3.72 -12.12 5.01
C PRO B 4 -3.04 -10.77 4.87
N PRO B 5 -1.89 -10.60 5.55
CA PRO B 5 -1.12 -9.37 5.52
C PRO B 5 -0.45 -9.14 4.17
N GLN B 6 0.23 -10.17 3.67
CA GLN B 6 0.92 -10.09 2.39
C GLN B 6 -0.08 -9.82 1.26
N ALA B 7 -1.36 -10.07 1.53
CA ALA B 7 -2.40 -9.86 0.53
C ALA B 7 -2.32 -8.45 -0.06
N LEU B 8 -1.85 -7.51 0.74
CA LEU B 8 -1.73 -6.13 0.31
C LEU B 8 -0.66 -5.99 -0.77
N GLN B 9 0.43 -6.74 -0.61
CA GLN B 9 1.53 -6.69 -1.56
C GLN B 9 1.06 -7.14 -2.95
N GLN B 10 0.40 -8.29 -3.01
CA GLN B 10 -0.10 -8.82 -4.27
C GLN B 10 -0.96 -7.78 -4.99
N LEU B 11 -1.98 -7.28 -4.31
CA LEU B 11 -2.88 -6.29 -4.89
C LEU B 11 -2.13 -4.99 -5.21
N LEU B 12 -1.38 -4.50 -4.23
CA LEU B 12 -0.61 -3.27 -4.41
C LEU B 12 0.25 -3.34 -5.66
N GLN B 13 0.56 -4.56 -6.09
CA GLN B 13 1.37 -4.76 -7.29
C GLN B 13 0.70 -4.14 -8.51
N THR B 14 -0.60 -4.34 -8.63
CA THR B 14 -1.37 -3.80 -9.75
C THR B 14 -1.61 -2.30 -9.57
N LEU B 15 -1.66 -1.86 -8.33
CA LEU B 15 -1.89 -0.45 -8.03
C LEU B 15 -0.67 0.39 -8.39
N LYS B 16 0.50 -0.24 -8.40
CA LYS B 16 1.73 0.44 -8.73
C LYS B 16 2.04 0.32 -10.22
N SER B 17 1.54 -0.74 -10.84
CA SER B 17 1.76 -0.97 -12.27
C SER B 17 0.64 -0.35 -13.10
N PRO B 18 0.97 0.01 -14.35
CA PRO B 18 0.00 0.62 -15.27
C PRO B 18 -1.07 -0.38 -15.72
N SER B 19 -1.47 -1.26 -14.82
CA SER B 19 -2.49 -2.26 -15.13
C SER B 19 -3.76 -1.61 -15.64
N SER B 20 -4.78 -2.42 -15.89
CA SER B 20 -6.06 -1.91 -16.39
C SER B 20 -6.73 -1.02 -15.36
N PRO B 21 -7.82 -0.36 -15.78
CA PRO B 21 -8.58 0.54 -14.91
C PRO B 21 -9.33 -0.21 -13.82
N GLN B 22 -9.88 -1.37 -14.17
CA GLN B 22 -10.62 -2.19 -13.20
C GLN B 22 -9.71 -2.68 -12.09
N GLN B 23 -8.49 -3.07 -12.45
CA GLN B 23 -7.52 -3.56 -11.48
C GLN B 23 -7.16 -2.48 -10.47
N GLN B 24 -6.78 -1.32 -10.98
CA GLN B 24 -6.40 -0.19 -10.13
C GLN B 24 -7.49 0.09 -9.10
N GLN B 25 -8.73 0.21 -9.57
CA GLN B 25 -9.85 0.48 -8.68
C GLN B 25 -10.10 -0.69 -7.73
N GLN B 26 -9.86 -1.91 -8.22
CA GLN B 26 -10.05 -3.10 -7.41
C GLN B 26 -9.14 -3.08 -6.18
N VAL B 27 -7.94 -2.55 -6.36
CA VAL B 27 -6.97 -2.47 -5.27
C VAL B 27 -7.59 -1.85 -4.02
N LEU B 28 -8.13 -0.65 -4.17
CA LEU B 28 -8.76 0.05 -3.05
C LEU B 28 -9.79 -0.84 -2.37
N GLN B 29 -10.48 -1.65 -3.16
CA GLN B 29 -11.50 -2.55 -2.64
C GLN B 29 -10.91 -3.51 -1.62
N ILE B 30 -9.76 -4.09 -1.96
CA ILE B 30 -9.09 -5.04 -1.07
C ILE B 30 -8.54 -4.33 0.16
N LEU B 31 -7.73 -3.30 -0.07
CA LEU B 31 -7.14 -2.55 1.04
C LEU B 31 -8.20 -2.14 2.06
N LYS B 32 -9.42 -1.93 1.57
CA LYS B 32 -10.53 -1.54 2.44
C LYS B 32 -10.82 -2.64 3.46
N SER B 33 -10.78 -3.88 3.00
CA SER B 33 -11.06 -5.02 3.88
C SER B 33 -9.88 -5.29 4.80
N ASN B 34 -8.72 -4.71 4.47
CA ASN B 34 -7.52 -4.88 5.28
C ASN B 34 -7.04 -3.54 5.84
N PRO B 35 -7.59 -3.15 7.00
CA PRO B 35 -7.22 -1.88 7.65
C PRO B 35 -5.80 -1.91 8.21
N GLN B 36 -5.37 -3.08 8.65
CA GLN B 36 -4.03 -3.24 9.21
C GLN B 36 -2.98 -3.27 8.10
N LEU B 37 -3.42 -3.58 6.89
CA LEU B 37 -2.51 -3.64 5.75
C LEU B 37 -2.33 -2.26 5.12
N MET B 38 -3.43 -1.55 4.90
CA MET B 38 -3.39 -0.22 4.32
C MET B 38 -2.37 0.66 5.04
N ALA B 39 -2.23 0.45 6.35
CA ALA B 39 -1.29 1.22 7.15
C ALA B 39 0.10 1.23 6.51
N ALA B 40 0.43 0.15 5.83
CA ALA B 40 1.73 0.03 5.17
C ALA B 40 1.86 1.04 4.04
N PHE B 41 0.78 1.22 3.28
CA PHE B 41 0.78 2.15 2.16
C PHE B 41 1.20 3.55 2.62
N ILE B 42 0.48 4.08 3.60
CA ILE B 42 0.78 5.41 4.13
C ILE B 42 2.16 5.44 4.79
N LYS B 43 2.54 4.31 5.37
CA LYS B 43 3.84 4.20 6.05
C LYS B 43 4.95 4.77 5.17
N GLN B 44 4.79 4.65 3.85
CA GLN B 44 5.78 5.16 2.92
C GLN B 44 5.88 6.67 3.00
N ARG B 45 4.73 7.35 3.05
CA ARG B 45 4.70 8.80 3.13
C ARG B 45 4.95 9.27 4.56
N SER B 46 4.47 8.49 5.52
CA SER B 46 4.63 8.85 6.94
C SER B 46 6.09 8.70 7.36
N GLN B 47 6.72 7.60 6.96
CA GLN B 47 8.11 7.35 7.30
C GLN B 47 9.04 7.84 6.18
N HIS B 48 8.45 8.39 5.13
CA HIS B 48 9.21 8.89 4.00
C HIS B 48 10.05 7.79 3.37
N GLN B 49 10.87 8.15 2.39
CA GLN B 49 11.72 7.18 1.70
C GLN B 49 13.13 7.20 2.29
N GLN B 50 13.80 6.05 2.25
CA GLN B 50 15.15 5.93 2.77
C GLN B 50 16.10 5.38 1.71
N GLY A 1 21.46 -3.24 0.40
CA GLY A 1 20.66 -4.23 -0.30
C GLY A 1 21.51 -5.26 -1.02
N SER A 2 20.87 -6.12 -1.80
CA SER A 2 21.57 -7.17 -2.55
C SER A 2 20.60 -7.95 -3.43
N GLU A 3 19.50 -8.40 -2.84
CA GLU A 3 18.50 -9.16 -3.57
C GLU A 3 17.64 -8.24 -4.45
N SER A 4 17.15 -8.78 -5.55
CA SER A 4 16.33 -8.00 -6.47
C SER A 4 15.38 -8.92 -7.25
N GLN A 5 14.66 -9.77 -6.53
CA GLN A 5 13.73 -10.70 -7.15
C GLN A 5 13.00 -11.53 -6.10
N ASN A 6 13.75 -12.34 -5.37
CA ASN A 6 13.18 -13.18 -4.32
C ASN A 6 12.31 -12.37 -3.37
N ASP A 7 12.84 -11.23 -2.93
CA ASP A 7 12.11 -10.35 -2.01
C ASP A 7 11.10 -9.49 -2.77
N GLU A 8 9.86 -9.98 -2.85
CA GLU A 8 8.81 -9.25 -3.54
C GLU A 8 8.59 -7.88 -2.93
N LYS A 9 8.41 -7.84 -1.61
CA LYS A 9 8.19 -6.59 -0.89
C LYS A 9 9.26 -5.56 -1.26
N ALA A 10 10.46 -6.05 -1.56
CA ALA A 10 11.57 -5.17 -1.92
C ALA A 10 11.24 -4.36 -3.17
N LEU A 11 10.62 -5.00 -4.15
CA LEU A 11 10.25 -4.33 -5.39
C LEU A 11 9.21 -3.24 -5.13
N LEU A 12 8.29 -3.51 -4.22
CA LEU A 12 7.25 -2.55 -3.87
C LEU A 12 7.83 -1.37 -3.10
N ASP A 13 8.74 -1.66 -2.16
CA ASP A 13 9.37 -0.63 -1.36
C ASP A 13 9.88 0.51 -2.24
N GLN A 14 10.31 0.16 -3.45
CA GLN A 14 10.83 1.15 -4.39
C GLN A 14 9.74 2.15 -4.77
N LEU A 15 8.59 1.65 -5.19
CA LEU A 15 7.47 2.49 -5.59
C LEU A 15 6.90 3.24 -4.39
N ASP A 16 6.98 2.62 -3.21
CA ASP A 16 6.48 3.23 -1.99
C ASP A 16 6.98 4.66 -1.85
N SER A 17 8.13 4.94 -2.46
CA SER A 17 8.73 6.27 -2.40
C SER A 17 7.72 7.34 -2.83
N LEU A 18 6.82 6.95 -3.73
CA LEU A 18 5.80 7.88 -4.22
C LEU A 18 5.00 8.47 -3.07
N LEU A 19 4.85 7.70 -2.00
CA LEU A 19 4.11 8.15 -0.83
C LEU A 19 4.56 9.55 -0.40
N SER A 20 5.80 9.90 -0.74
CA SER A 20 6.34 11.20 -0.38
C SER A 20 5.43 12.32 -0.85
N SER A 21 5.15 12.35 -2.15
CA SER A 21 4.29 13.38 -2.73
C SER A 21 3.01 12.75 -3.30
N THR A 22 3.18 11.98 -4.36
CA THR A 22 2.05 11.32 -5.02
C THR A 22 0.99 12.33 -5.42
N ASP A 23 0.11 11.94 -6.35
CA ASP A 23 -0.95 12.82 -6.82
C ASP A 23 -1.91 13.14 -5.69
N GLU A 24 -2.02 14.43 -5.37
CA GLU A 24 -2.92 14.88 -4.31
C GLU A 24 -4.33 14.36 -4.52
N MET A 25 -4.80 14.44 -5.76
CA MET A 25 -6.14 13.96 -6.10
C MET A 25 -6.18 12.45 -6.18
N GLU A 26 -5.30 11.87 -7.01
CA GLU A 26 -5.24 10.43 -7.17
C GLU A 26 -5.08 9.73 -5.82
N LEU A 27 -3.99 10.05 -5.12
CA LEU A 27 -3.73 9.46 -3.82
C LEU A 27 -4.93 9.60 -2.89
N ALA A 28 -5.34 10.84 -2.65
CA ALA A 28 -6.49 11.12 -1.79
C ALA A 28 -7.70 10.31 -2.22
N GLU A 29 -7.77 10.00 -3.52
CA GLU A 29 -8.89 9.23 -4.06
C GLU A 29 -8.92 7.83 -3.47
N ILE A 30 -7.79 7.13 -3.57
CA ILE A 30 -7.70 5.77 -3.05
C ILE A 30 -7.54 5.77 -1.53
N ASP A 31 -6.75 6.71 -1.03
CA ASP A 31 -6.51 6.83 0.41
C ASP A 31 -7.82 7.01 1.15
N ARG A 32 -8.58 8.04 0.79
CA ARG A 32 -9.86 8.33 1.43
C ARG A 32 -10.78 7.11 1.36
N ALA A 33 -10.53 6.24 0.39
CA ALA A 33 -11.34 5.04 0.22
C ALA A 33 -11.40 4.22 1.50
N LEU A 34 -10.23 3.88 2.03
CA LEU A 34 -10.14 3.09 3.27
C LEU A 34 -9.97 4.01 4.48
N GLY A 35 -9.42 5.20 4.25
CA GLY A 35 -9.22 6.14 5.33
C GLY A 35 -7.83 6.01 5.95
N ILE A 36 -6.81 5.86 5.11
CA ILE A 36 -5.45 5.74 5.58
C ILE A 36 -4.75 7.09 5.65
N ASP A 37 -5.56 8.15 5.80
CA ASP A 37 -5.02 9.50 5.87
C ASP A 37 -4.47 9.78 7.28
N LYS A 38 -5.36 9.77 8.26
CA LYS A 38 -4.98 10.02 9.65
C LYS A 38 -4.62 8.72 10.36
N LEU A 39 -4.61 7.62 9.61
CA LEU A 39 -4.28 6.32 10.18
C LEU A 39 -2.78 6.20 10.43
N VAL A 40 -2.42 5.67 11.59
CA VAL A 40 -1.02 5.49 11.95
C VAL A 40 -0.24 6.78 11.76
N SER A 41 -0.91 7.91 11.99
CA SER A 41 -0.27 9.21 11.84
C SER A 41 0.46 9.62 13.12
N GLN A 42 -0.31 9.93 14.15
CA GLN A 42 0.25 10.33 15.43
C GLN A 42 -0.54 9.74 16.59
N GLN A 43 -0.81 8.44 16.52
CA GLN A 43 -1.56 7.76 17.57
C GLN A 43 -1.10 6.30 17.71
N GLY A 44 -1.16 5.79 18.93
CA GLY A 44 -0.73 4.42 19.18
C GLY A 44 -1.11 3.95 20.58
N GLY A 45 -0.93 2.66 20.82
CA GLY A 45 -1.26 2.10 22.13
C GLY A 45 -0.58 2.85 23.26
N GLY B 1 -5.70 -21.93 7.27
CA GLY B 1 -4.37 -22.24 6.79
C GLY B 1 -3.96 -21.35 5.63
N SER B 2 -4.10 -20.04 5.81
CA SER B 2 -3.75 -19.07 4.78
C SER B 2 -3.12 -17.83 5.38
N THR B 3 -2.90 -16.82 4.56
CA THR B 3 -2.30 -15.56 5.01
C THR B 3 -3.08 -14.36 4.48
N PRO B 4 -3.98 -13.84 5.32
CA PRO B 4 -4.81 -12.68 4.96
C PRO B 4 -3.99 -11.39 4.87
N PRO B 5 -2.87 -11.35 5.61
CA PRO B 5 -1.98 -10.18 5.63
C PRO B 5 -1.25 -10.00 4.31
N GLN B 6 -0.65 -11.07 3.80
CA GLN B 6 0.08 -11.02 2.54
C GLN B 6 -0.83 -10.63 1.39
N ALA B 7 -2.14 -10.78 1.61
CA ALA B 7 -3.13 -10.44 0.59
C ALA B 7 -2.90 -9.03 0.05
N LEU B 8 -2.37 -8.15 0.90
CA LEU B 8 -2.10 -6.78 0.49
C LEU B 8 -0.90 -6.70 -0.43
N GLN B 9 0.09 -7.55 -0.18
CA GLN B 9 1.30 -7.58 -1.00
C GLN B 9 0.97 -7.94 -2.45
N GLN B 10 0.18 -9.00 -2.62
CA GLN B 10 -0.21 -9.43 -3.96
C GLN B 10 -0.85 -8.30 -4.74
N LEU B 11 -1.92 -7.74 -4.20
CA LEU B 11 -2.62 -6.63 -4.84
C LEU B 11 -1.73 -5.40 -4.95
N LEU B 12 -0.94 -5.15 -3.92
CA LEU B 12 -0.04 -4.01 -3.90
C LEU B 12 0.90 -4.04 -5.10
N GLN B 13 1.15 -5.23 -5.62
CA GLN B 13 2.02 -5.40 -6.78
C GLN B 13 1.50 -4.61 -7.98
N THR B 14 0.18 -4.66 -8.18
CA THR B 14 -0.44 -3.94 -9.29
C THR B 14 -0.50 -2.44 -9.02
N LEU B 15 -0.55 -2.08 -7.75
CA LEU B 15 -0.61 -0.67 -7.36
C LEU B 15 0.73 0.02 -7.61
N LYS B 16 1.79 -0.77 -7.65
CA LYS B 16 3.14 -0.24 -7.89
C LYS B 16 3.47 -0.27 -9.37
N SER B 17 2.87 -1.20 -10.10
CA SER B 17 3.11 -1.34 -11.53
C SER B 17 2.10 -0.52 -12.33
N PRO B 18 2.50 -0.11 -13.54
CA PRO B 18 1.64 0.69 -14.43
C PRO B 18 0.48 -0.12 -14.99
N SER B 19 -0.08 -0.99 -14.15
CA SER B 19 -1.20 -1.83 -14.56
C SER B 19 -2.33 -0.98 -15.13
N SER B 20 -3.41 -1.64 -15.54
CA SER B 20 -4.57 -0.95 -16.11
C SER B 20 -5.26 -0.09 -15.06
N PRO B 21 -6.26 0.69 -15.49
CA PRO B 21 -7.02 1.57 -14.61
C PRO B 21 -7.91 0.79 -13.64
N GLN B 22 -8.50 -0.29 -14.13
CA GLN B 22 -9.38 -1.12 -13.32
C GLN B 22 -8.61 -1.77 -12.18
N GLN B 23 -7.39 -2.23 -12.48
CA GLN B 23 -6.55 -2.87 -11.47
C GLN B 23 -6.21 -1.90 -10.34
N GLN B 24 -5.73 -0.72 -10.70
CA GLN B 24 -5.36 0.29 -9.72
C GLN B 24 -6.50 0.53 -8.75
N GLN B 25 -7.70 0.75 -9.29
CA GLN B 25 -8.88 0.99 -8.46
C GLN B 25 -9.25 -0.25 -7.66
N GLN B 26 -8.99 -1.41 -8.22
CA GLN B 26 -9.30 -2.67 -7.56
C GLN B 26 -8.47 -2.84 -6.30
N VAL B 27 -7.24 -2.34 -6.33
CA VAL B 27 -6.34 -2.44 -5.19
C VAL B 27 -7.03 -1.97 -3.90
N LEU B 28 -7.47 -0.71 -3.91
CA LEU B 28 -8.16 -0.14 -2.76
C LEU B 28 -9.35 -0.99 -2.34
N GLN B 29 -10.01 -1.59 -3.33
CA GLN B 29 -11.17 -2.44 -3.07
C GLN B 29 -10.85 -3.49 -2.02
N ILE B 30 -9.77 -4.24 -2.25
CA ILE B 30 -9.36 -5.29 -1.32
C ILE B 30 -8.87 -4.69 -0.01
N LEU B 31 -7.89 -3.78 -0.11
CA LEU B 31 -7.33 -3.13 1.08
C LEU B 31 -8.44 -2.60 1.98
N LYS B 32 -9.56 -2.21 1.38
CA LYS B 32 -10.70 -1.69 2.14
C LYS B 32 -11.25 -2.75 3.08
N SER B 33 -11.32 -3.99 2.61
CA SER B 33 -11.84 -5.09 3.41
C SER B 33 -10.78 -5.58 4.41
N ASN B 34 -9.55 -5.12 4.21
CA ASN B 34 -8.45 -5.51 5.09
C ASN B 34 -7.87 -4.29 5.80
N PRO B 35 -8.45 -3.97 6.98
CA PRO B 35 -7.99 -2.83 7.79
C PRO B 35 -6.62 -3.05 8.40
N GLN B 36 -6.32 -4.31 8.74
CA GLN B 36 -5.03 -4.65 9.34
C GLN B 36 -3.94 -4.68 8.27
N LEU B 37 -4.34 -4.75 7.02
CA LEU B 37 -3.39 -4.78 5.91
C LEU B 37 -2.98 -3.37 5.50
N MET B 38 -3.97 -2.49 5.34
CA MET B 38 -3.71 -1.12 4.96
C MET B 38 -2.62 -0.51 5.83
N ALA B 39 -2.58 -0.91 7.09
CA ALA B 39 -1.59 -0.41 8.03
C ALA B 39 -0.18 -0.56 7.46
N ALA B 40 0.04 -1.60 6.68
CA ALA B 40 1.34 -1.85 6.07
C ALA B 40 1.71 -0.75 5.09
N PHE B 41 0.72 -0.31 4.32
CA PHE B 41 0.95 0.74 3.33
C PHE B 41 1.56 1.99 3.98
N ILE B 42 0.86 2.52 4.99
CA ILE B 42 1.32 3.70 5.70
C ILE B 42 2.66 3.44 6.39
N LYS B 43 2.87 2.20 6.80
CA LYS B 43 4.11 1.81 7.47
C LYS B 43 5.33 2.31 6.70
N GLN B 44 5.20 2.36 5.37
CA GLN B 44 6.29 2.81 4.51
C GLN B 44 6.59 4.28 4.74
N ARG B 45 5.54 5.08 4.93
CA ARG B 45 5.69 6.51 5.17
C ARG B 45 5.99 6.79 6.63
N SER B 46 5.45 5.95 7.52
CA SER B 46 5.64 6.11 8.95
C SER B 46 7.06 5.72 9.35
N GLN B 47 7.52 4.58 8.83
CA GLN B 47 8.86 4.10 9.13
C GLN B 47 9.86 4.55 8.07
N HIS B 48 9.35 5.21 7.03
CA HIS B 48 10.19 5.70 5.94
C HIS B 48 10.88 4.54 5.22
N GLN B 49 11.99 4.07 5.78
CA GLN B 49 12.73 2.97 5.18
C GLN B 49 12.38 1.65 5.86
N GLN B 50 12.65 0.55 5.17
CA GLN B 50 12.36 -0.78 5.69
C GLN B 50 13.64 -1.53 6.04
N GLY A 1 5.34 -7.29 6.56
CA GLY A 1 6.15 -8.03 5.62
C GLY A 1 7.26 -8.81 6.30
N SER A 2 7.07 -10.13 6.39
CA SER A 2 8.06 -10.99 7.03
C SER A 2 7.87 -12.45 6.60
N GLU A 3 8.97 -13.16 6.44
CA GLU A 3 8.92 -14.56 6.02
C GLU A 3 7.91 -14.77 4.89
N SER A 4 8.21 -14.18 3.74
CA SER A 4 7.33 -14.28 2.58
C SER A 4 8.12 -14.14 1.28
N GLN A 5 7.66 -14.82 0.24
CA GLN A 5 8.31 -14.76 -1.06
C GLN A 5 8.32 -13.34 -1.60
N ASN A 6 9.43 -12.64 -1.39
CA ASN A 6 9.56 -11.26 -1.86
C ASN A 6 9.17 -11.16 -3.34
N ASP A 7 9.93 -11.83 -4.20
CA ASP A 7 9.66 -11.81 -5.63
C ASP A 7 9.50 -10.38 -6.13
N GLU A 8 9.03 -10.24 -7.37
CA GLU A 8 8.84 -8.93 -7.97
C GLU A 8 7.98 -8.04 -7.07
N LYS A 9 7.03 -8.65 -6.37
CA LYS A 9 6.16 -7.92 -5.47
C LYS A 9 6.97 -7.08 -4.49
N ALA A 10 8.06 -7.64 -3.98
CA ALA A 10 8.93 -6.95 -3.04
C ALA A 10 9.49 -5.67 -3.65
N LEU A 11 9.60 -5.65 -4.97
CA LEU A 11 10.13 -4.49 -5.68
C LEU A 11 9.22 -3.28 -5.49
N LEU A 12 7.92 -3.53 -5.39
CA LEU A 12 6.94 -2.46 -5.20
C LEU A 12 7.36 -1.55 -4.04
N ASP A 13 7.80 -2.16 -2.94
CA ASP A 13 8.22 -1.41 -1.77
C ASP A 13 9.21 -0.31 -2.15
N GLN A 14 9.96 -0.55 -3.22
CA GLN A 14 10.96 0.41 -3.70
C GLN A 14 10.27 1.68 -4.21
N LEU A 15 9.37 1.51 -5.17
CA LEU A 15 8.65 2.64 -5.75
C LEU A 15 7.75 3.30 -4.70
N ASP A 16 7.16 2.49 -3.83
CA ASP A 16 6.29 3.01 -2.78
C ASP A 16 6.96 4.15 -2.02
N SER A 17 8.21 3.94 -1.63
CA SER A 17 8.96 4.94 -0.88
C SER A 17 8.95 6.27 -1.63
N LEU A 18 8.87 6.21 -2.95
CA LEU A 18 8.85 7.40 -3.79
C LEU A 18 7.61 8.25 -3.50
N LEU A 19 6.51 7.58 -3.16
CA LEU A 19 5.26 8.26 -2.87
C LEU A 19 5.48 9.39 -1.85
N SER A 20 6.41 9.18 -0.94
CA SER A 20 6.72 10.17 0.09
C SER A 20 7.17 11.48 -0.55
N SER A 21 7.86 11.37 -1.68
CA SER A 21 8.36 12.55 -2.39
C SER A 21 7.55 12.80 -3.66
N THR A 22 6.26 12.51 -3.60
CA THR A 22 5.37 12.70 -4.73
C THR A 22 4.01 13.21 -4.29
N ASP A 23 3.18 13.59 -5.26
CA ASP A 23 1.84 14.09 -4.97
C ASP A 23 1.02 13.05 -4.20
N GLU A 24 0.89 13.26 -2.89
CA GLU A 24 0.14 12.34 -2.04
C GLU A 24 -1.34 12.33 -2.43
N MET A 25 -1.73 13.30 -3.25
CA MET A 25 -3.12 13.42 -3.70
C MET A 25 -3.48 12.26 -4.64
N GLU A 26 -2.50 11.84 -5.43
CA GLU A 26 -2.71 10.75 -6.38
C GLU A 26 -3.24 9.50 -5.67
N LEU A 27 -2.47 9.01 -4.71
CA LEU A 27 -2.85 7.82 -3.95
C LEU A 27 -4.02 8.13 -3.03
N ALA A 28 -4.22 9.42 -2.73
CA ALA A 28 -5.30 9.84 -1.87
C ALA A 28 -6.64 9.27 -2.32
N GLU A 29 -6.86 9.29 -3.64
CA GLU A 29 -8.10 8.77 -4.21
C GLU A 29 -8.40 7.37 -3.70
N ILE A 30 -7.42 6.48 -3.85
CA ILE A 30 -7.57 5.10 -3.41
C ILE A 30 -7.43 4.98 -1.89
N ASP A 31 -6.47 5.73 -1.34
CA ASP A 31 -6.23 5.72 0.09
C ASP A 31 -7.53 5.98 0.86
N ARG A 32 -8.27 6.99 0.44
CA ARG A 32 -9.53 7.35 1.08
C ARG A 32 -10.41 6.12 1.26
N ALA A 33 -10.36 5.21 0.29
CA ALA A 33 -11.16 3.99 0.34
C ALA A 33 -10.93 3.25 1.64
N LEU A 34 -9.68 3.18 2.08
CA LEU A 34 -9.34 2.50 3.32
C LEU A 34 -9.39 3.46 4.51
N GLY A 35 -9.16 4.75 4.24
CA GLY A 35 -9.18 5.74 5.29
C GLY A 35 -7.94 5.69 6.17
N ILE A 36 -6.78 5.61 5.54
CA ILE A 36 -5.52 5.56 6.27
C ILE A 36 -5.04 6.95 6.66
N ASP A 37 -5.99 7.88 6.81
CA ASP A 37 -5.67 9.24 7.18
C ASP A 37 -5.18 9.31 8.63
N LYS A 38 -5.97 8.74 9.54
CA LYS A 38 -5.62 8.73 10.95
C LYS A 38 -4.69 7.57 11.28
N LEU A 39 -5.04 6.38 10.80
CA LEU A 39 -4.23 5.19 11.04
C LEU A 39 -3.64 5.21 12.45
N VAL A 40 -2.39 5.65 12.54
CA VAL A 40 -1.70 5.73 13.83
C VAL A 40 -1.55 7.17 14.29
N SER A 41 -2.66 7.78 14.71
CA SER A 41 -2.63 9.16 15.18
C SER A 41 -2.30 9.23 16.67
N GLN A 42 -3.22 8.75 17.49
CA GLN A 42 -3.02 8.76 18.94
C GLN A 42 -3.54 7.47 19.57
N GLN A 43 -2.72 6.86 20.42
CA GLN A 43 -3.09 5.62 21.09
C GLN A 43 -2.45 5.54 22.48
N GLY A 44 -3.18 4.95 23.43
CA GLY A 44 -2.67 4.82 24.78
C GLY A 44 -2.19 6.14 25.34
N GLY A 45 -3.07 7.13 25.34
CA GLY A 45 -2.71 8.43 25.88
C GLY A 45 -1.53 9.04 25.16
N GLY B 1 4.10 -21.22 5.54
CA GLY B 1 3.91 -19.98 4.80
C GLY B 1 2.74 -19.17 5.31
N SER B 2 1.77 -18.91 4.42
CA SER B 2 0.60 -18.13 4.79
C SER B 2 1.00 -16.72 5.26
N THR B 3 0.88 -15.75 4.36
CA THR B 3 1.23 -14.37 4.67
C THR B 3 0.14 -13.41 4.21
N PRO B 4 -0.75 -13.03 5.13
CA PRO B 4 -1.86 -12.11 4.84
C PRO B 4 -1.38 -10.69 4.59
N PRO B 5 -0.20 -10.36 5.16
CA PRO B 5 0.39 -9.03 5.00
C PRO B 5 0.89 -8.77 3.59
N GLN B 6 1.64 -9.73 3.05
CA GLN B 6 2.18 -9.61 1.70
C GLN B 6 1.06 -9.49 0.67
N ALA B 7 -0.14 -9.87 1.07
CA ALA B 7 -1.30 -9.81 0.19
C ALA B 7 -1.43 -8.42 -0.44
N LEU B 8 -1.01 -7.40 0.30
CA LEU B 8 -1.07 -6.03 -0.18
C LEU B 8 -0.04 -5.78 -1.27
N GLN B 9 1.12 -6.41 -1.14
CA GLN B 9 2.19 -6.26 -2.11
C GLN B 9 1.74 -6.73 -3.49
N GLN B 10 1.16 -7.92 -3.54
CA GLN B 10 0.69 -8.49 -4.80
C GLN B 10 -0.26 -7.52 -5.51
N LEU B 11 -1.33 -7.14 -4.82
CA LEU B 11 -2.31 -6.22 -5.39
C LEU B 11 -1.69 -4.86 -5.67
N LEU B 12 -0.83 -4.41 -4.76
CA LEU B 12 -0.16 -3.12 -4.92
C LEU B 12 0.59 -3.05 -6.24
N GLN B 13 0.92 -4.21 -6.79
CA GLN B 13 1.63 -4.29 -8.06
C GLN B 13 0.84 -3.60 -9.17
N THR B 14 -0.41 -4.01 -9.33
CA THR B 14 -1.28 -3.44 -10.36
C THR B 14 -1.61 -1.98 -10.05
N LEU B 15 -1.62 -1.66 -8.76
CA LEU B 15 -1.94 -0.30 -8.33
C LEU B 15 -0.80 0.66 -8.67
N LYS B 16 0.41 0.11 -8.79
CA LYS B 16 1.58 0.91 -9.12
C LYS B 16 1.83 0.93 -10.62
N SER B 17 1.38 -0.13 -11.30
CA SER B 17 1.55 -0.24 -12.74
C SER B 17 0.34 0.33 -13.48
N PRO B 18 0.57 0.78 -14.73
CA PRO B 18 -0.49 1.36 -15.57
C PRO B 18 -1.51 0.32 -16.02
N SER B 19 -1.80 -0.64 -15.14
CA SER B 19 -2.76 -1.69 -15.44
C SER B 19 -4.09 -1.10 -15.88
N SER B 20 -5.08 -1.97 -16.10
CA SER B 20 -6.40 -1.54 -16.51
C SER B 20 -7.12 -0.80 -15.39
N PRO B 21 -8.27 -0.19 -15.72
CA PRO B 21 -9.07 0.56 -14.75
C PRO B 21 -9.73 -0.35 -13.71
N GLN B 22 -10.17 -1.52 -14.15
CA GLN B 22 -10.82 -2.48 -13.27
C GLN B 22 -9.84 -2.98 -12.21
N GLN B 23 -8.61 -3.24 -12.62
CA GLN B 23 -7.59 -3.72 -11.70
C GLN B 23 -7.29 -2.69 -10.62
N GLN B 24 -7.03 -1.45 -11.04
CA GLN B 24 -6.73 -0.38 -10.11
C GLN B 24 -7.80 -0.29 -9.02
N GLN B 25 -9.05 -0.31 -9.43
CA GLN B 25 -10.17 -0.23 -8.49
C GLN B 25 -10.21 -1.46 -7.59
N GLN B 26 -9.81 -2.61 -8.14
CA GLN B 26 -9.81 -3.85 -7.39
C GLN B 26 -8.81 -3.80 -6.24
N VAL B 27 -7.67 -3.15 -6.49
CA VAL B 27 -6.63 -3.02 -5.47
C VAL B 27 -7.20 -2.48 -4.16
N LEU B 28 -7.79 -1.29 -4.24
CA LEU B 28 -8.39 -0.66 -3.06
C LEU B 28 -9.37 -1.60 -2.37
N GLN B 29 -10.07 -2.40 -3.16
CA GLN B 29 -11.05 -3.35 -2.63
C GLN B 29 -10.38 -4.32 -1.66
N ILE B 30 -9.21 -4.84 -2.05
CA ILE B 30 -8.48 -5.77 -1.22
C ILE B 30 -7.92 -5.09 0.02
N LEU B 31 -7.15 -4.02 -0.19
CA LEU B 31 -6.56 -3.29 0.92
C LEU B 31 -7.61 -2.94 1.97
N LYS B 32 -8.85 -2.75 1.52
CA LYS B 32 -9.94 -2.41 2.41
C LYS B 32 -10.18 -3.53 3.43
N SER B 33 -10.09 -4.77 2.97
CA SER B 33 -10.29 -5.93 3.84
C SER B 33 -9.08 -6.14 4.74
N ASN B 34 -7.96 -5.51 4.38
CA ASN B 34 -6.74 -5.64 5.16
C ASN B 34 -6.31 -4.29 5.73
N PRO B 35 -6.84 -3.94 6.90
CA PRO B 35 -6.52 -2.68 7.58
C PRO B 35 -5.09 -2.64 8.10
N GLN B 36 -4.60 -3.80 8.53
CA GLN B 36 -3.23 -3.90 9.06
C GLN B 36 -2.21 -3.82 7.93
N LEU B 37 -2.66 -4.05 6.70
CA LEU B 37 -1.78 -4.00 5.54
C LEU B 37 -1.62 -2.57 5.03
N MET B 38 -2.73 -1.84 4.96
CA MET B 38 -2.72 -0.46 4.51
C MET B 38 -1.64 0.34 5.22
N ALA B 39 -1.39 0.00 6.49
CA ALA B 39 -0.39 0.68 7.29
C ALA B 39 0.95 0.71 6.57
N ALA B 40 1.24 -0.36 5.82
CA ALA B 40 2.49 -0.46 5.09
C ALA B 40 2.57 0.58 3.98
N PHE B 41 1.48 0.73 3.24
CA PHE B 41 1.43 1.70 2.15
C PHE B 41 1.82 3.09 2.64
N ILE B 42 1.07 3.60 3.62
CA ILE B 42 1.34 4.91 4.19
C ILE B 42 2.68 4.95 4.90
N LYS B 43 3.06 3.83 5.49
CA LYS B 43 4.33 3.72 6.21
C LYS B 43 5.48 4.29 5.37
N GLN B 44 5.35 4.18 4.06
CA GLN B 44 6.38 4.68 3.14
C GLN B 44 6.48 6.20 3.23
N ARG B 45 5.33 6.86 3.24
CA ARG B 45 5.30 8.32 3.32
C ARG B 45 5.50 8.79 4.77
N SER B 46 4.99 8.02 5.71
CA SER B 46 5.12 8.36 7.13
C SER B 46 6.57 8.23 7.59
N GLN B 47 7.21 7.12 7.20
CA GLN B 47 8.60 6.87 7.58
C GLN B 47 9.55 7.37 6.50
N HIS B 48 8.99 7.96 5.45
CA HIS B 48 9.79 8.48 4.34
C HIS B 48 10.63 7.38 3.71
N GLN B 49 11.34 7.71 2.64
CA GLN B 49 12.18 6.76 1.94
C GLN B 49 13.63 6.87 2.39
N GLN B 50 14.50 6.07 1.78
CA GLN B 50 15.92 6.09 2.13
C GLN B 50 16.13 5.71 3.59
N GLY A 1 4.75 -15.17 4.40
CA GLY A 1 4.61 -15.73 5.73
C GLY A 1 4.35 -14.67 6.77
N SER A 2 5.31 -13.77 6.97
CA SER A 2 5.18 -12.70 7.95
C SER A 2 6.23 -11.62 7.72
N GLU A 3 5.81 -10.51 7.12
CA GLU A 3 6.70 -9.40 6.84
C GLU A 3 8.03 -9.91 6.29
N SER A 4 8.05 -10.19 4.98
CA SER A 4 9.25 -10.68 4.33
C SER A 4 9.26 -10.29 2.86
N GLN A 5 10.46 -10.16 2.29
CA GLN A 5 10.60 -9.79 0.89
C GLN A 5 11.54 -10.76 0.16
N ASN A 6 11.07 -11.31 -0.95
CA ASN A 6 11.87 -12.25 -1.73
C ASN A 6 12.61 -11.53 -2.86
N ASP A 7 11.86 -10.93 -3.77
CA ASP A 7 12.43 -10.20 -4.89
C ASP A 7 11.43 -9.22 -5.48
N GLU A 8 10.20 -9.68 -5.65
CA GLU A 8 9.14 -8.83 -6.21
C GLU A 8 8.93 -7.58 -5.35
N LYS A 9 8.86 -7.78 -4.04
CA LYS A 9 8.65 -6.68 -3.11
C LYS A 9 9.66 -5.56 -3.37
N ALA A 10 10.86 -5.95 -3.79
CA ALA A 10 11.92 -4.98 -4.07
C ALA A 10 11.49 -4.01 -5.17
N LEU A 11 10.83 -4.53 -6.19
CA LEU A 11 10.37 -3.70 -7.30
C LEU A 11 9.36 -2.66 -6.82
N LEU A 12 8.50 -3.06 -5.88
CA LEU A 12 7.49 -2.16 -5.34
C LEU A 12 8.12 -1.08 -4.48
N ASP A 13 9.11 -1.46 -3.69
CA ASP A 13 9.80 -0.52 -2.82
C ASP A 13 10.18 0.75 -3.58
N GLN A 14 10.51 0.59 -4.87
CA GLN A 14 10.88 1.72 -5.71
C GLN A 14 9.71 2.67 -5.90
N LEU A 15 8.55 2.12 -6.19
CA LEU A 15 7.35 2.92 -6.39
C LEU A 15 6.91 3.58 -5.09
N ASP A 16 7.17 2.91 -3.98
CA ASP A 16 6.81 3.43 -2.66
C ASP A 16 7.22 4.89 -2.52
N SER A 17 8.26 5.28 -3.27
CA SER A 17 8.77 6.65 -3.21
C SER A 17 7.65 7.66 -3.45
N LEU A 18 6.65 7.24 -4.24
CA LEU A 18 5.52 8.11 -4.53
C LEU A 18 4.80 8.54 -3.26
N LEU A 19 4.81 7.65 -2.26
CA LEU A 19 4.17 7.95 -0.99
C LEU A 19 4.57 9.32 -0.47
N SER A 20 5.75 9.77 -0.87
CA SER A 20 6.26 11.08 -0.44
C SER A 20 5.24 12.17 -0.74
N SER A 21 4.91 12.34 -2.01
CA SER A 21 3.96 13.35 -2.44
C SER A 21 2.70 12.71 -3.02
N THR A 22 2.85 12.06 -4.18
CA THR A 22 1.74 11.41 -4.84
C THR A 22 0.59 12.39 -5.09
N ASP A 23 -0.26 12.07 -6.06
CA ASP A 23 -1.38 12.92 -6.40
C ASP A 23 -2.35 13.03 -5.22
N GLU A 24 -2.38 14.20 -4.59
CA GLU A 24 -3.26 14.44 -3.45
C GLU A 24 -4.69 14.00 -3.76
N MET A 25 -5.06 14.12 -5.04
CA MET A 25 -6.41 13.75 -5.47
C MET A 25 -6.54 12.24 -5.57
N GLU A 26 -5.64 11.63 -6.35
CA GLU A 26 -5.65 10.17 -6.54
C GLU A 26 -5.35 9.46 -5.23
N LEU A 27 -4.19 9.75 -4.65
CA LEU A 27 -3.78 9.13 -3.39
C LEU A 27 -4.91 9.17 -2.37
N ALA A 28 -5.31 10.38 -2.00
CA ALA A 28 -6.39 10.56 -1.02
C ALA A 28 -7.62 9.76 -1.42
N GLU A 29 -7.81 9.55 -2.72
CA GLU A 29 -8.94 8.81 -3.24
C GLU A 29 -8.91 7.36 -2.76
N ILE A 30 -7.78 6.69 -3.00
CA ILE A 30 -7.61 5.30 -2.60
C ILE A 30 -7.31 5.19 -1.11
N ASP A 31 -6.49 6.10 -0.60
CA ASP A 31 -6.14 6.12 0.82
C ASP A 31 -7.38 6.22 1.68
N ARG A 32 -8.18 7.26 1.46
CA ARG A 32 -9.40 7.47 2.23
C ARG A 32 -10.31 6.26 2.15
N ALA A 33 -10.13 5.46 1.10
CA ALA A 33 -10.94 4.26 0.91
C ALA A 33 -10.87 3.36 2.15
N LEU A 34 -9.66 3.01 2.55
CA LEU A 34 -9.45 2.15 3.71
C LEU A 34 -9.17 2.97 4.96
N GLY A 35 -8.65 4.18 4.76
CA GLY A 35 -8.33 5.04 5.87
C GLY A 35 -6.90 4.89 6.34
N ILE A 36 -5.97 4.79 5.40
CA ILE A 36 -4.56 4.63 5.73
C ILE A 36 -3.86 5.99 5.81
N ASP A 37 -4.63 7.03 6.12
CA ASP A 37 -4.08 8.38 6.23
C ASP A 37 -3.28 8.54 7.51
N LYS A 38 -3.94 8.37 8.64
CA LYS A 38 -3.27 8.50 9.94
C LYS A 38 -2.79 7.14 10.43
N LEU A 39 -3.56 6.09 10.14
CA LEU A 39 -3.20 4.74 10.55
C LEU A 39 -3.08 4.64 12.07
N VAL A 40 -1.87 4.92 12.57
CA VAL A 40 -1.61 4.88 14.01
C VAL A 40 -1.64 6.27 14.62
N SER A 41 -1.02 7.23 13.92
CA SER A 41 -0.96 8.60 14.39
C SER A 41 -0.54 8.66 15.86
N GLN A 42 -1.53 8.73 16.74
CA GLN A 42 -1.26 8.79 18.17
C GLN A 42 -0.41 10.01 18.52
N GLN A 43 -1.02 11.19 18.45
CA GLN A 43 -0.33 12.43 18.76
C GLN A 43 -1.27 13.45 19.39
N GLY A 44 -0.75 14.63 19.70
CA GLY A 44 -1.55 15.67 20.29
C GLY A 44 -2.29 15.19 21.53
N GLY A 45 -1.54 14.78 22.54
CA GLY A 45 -2.16 14.30 23.78
C GLY A 45 -2.33 12.80 23.78
N GLY B 1 -6.74 -18.66 1.99
CA GLY B 1 -5.39 -18.78 1.46
C GLY B 1 -4.39 -19.21 2.52
N SER B 2 -3.12 -19.30 2.13
CA SER B 2 -2.07 -19.70 3.05
C SER B 2 -1.39 -18.49 3.67
N THR B 3 -1.27 -17.41 2.88
CA THR B 3 -0.65 -16.19 3.36
C THR B 3 -1.51 -14.98 3.03
N PRO B 4 -2.32 -14.53 4.01
CA PRO B 4 -3.20 -13.38 3.85
C PRO B 4 -2.42 -12.07 3.77
N PRO B 5 -1.22 -12.05 4.35
CA PRO B 5 -0.36 -10.86 4.35
C PRO B 5 0.20 -10.55 2.97
N GLN B 6 0.76 -11.56 2.31
CA GLN B 6 1.32 -11.40 0.98
C GLN B 6 0.25 -10.97 -0.02
N ALA B 7 -1.00 -11.19 0.34
CA ALA B 7 -2.13 -10.82 -0.52
C ALA B 7 -2.01 -9.37 -0.97
N LEU B 8 -1.42 -8.53 -0.13
CA LEU B 8 -1.25 -7.11 -0.44
C LEU B 8 -0.18 -6.92 -1.50
N GLN B 9 0.85 -7.75 -1.45
CA GLN B 9 1.96 -7.67 -2.41
C GLN B 9 1.46 -7.91 -3.83
N GLN B 10 0.66 -8.96 -4.01
CA GLN B 10 0.11 -9.29 -5.32
C GLN B 10 -0.63 -8.11 -5.92
N LEU B 11 -1.58 -7.56 -5.17
CA LEU B 11 -2.36 -6.42 -5.63
C LEU B 11 -1.48 -5.18 -5.78
N LEU B 12 -0.68 -4.91 -4.75
CA LEU B 12 0.21 -3.76 -4.75
C LEU B 12 1.05 -3.72 -6.02
N GLN B 13 1.32 -4.90 -6.57
CA GLN B 13 2.12 -5.01 -7.79
C GLN B 13 1.44 -4.30 -8.96
N THR B 14 0.12 -4.43 -9.03
CA THR B 14 -0.66 -3.80 -10.09
C THR B 14 -0.82 -2.30 -9.84
N LEU B 15 -0.83 -1.92 -8.57
CA LEU B 15 -0.97 -0.52 -8.19
C LEU B 15 0.31 0.26 -8.48
N LYS B 16 1.42 -0.46 -8.58
CA LYS B 16 2.71 0.15 -8.85
C LYS B 16 2.99 0.20 -10.35
N SER B 17 2.42 -0.76 -11.08
CA SER B 17 2.61 -0.83 -12.52
C SER B 17 1.52 -0.04 -13.25
N PRO B 18 1.81 0.34 -14.50
CA PRO B 18 0.87 1.10 -15.33
C PRO B 18 -0.33 0.26 -15.76
N SER B 19 -0.76 -0.63 -14.89
CA SER B 19 -1.89 -1.51 -15.18
C SER B 19 -3.11 -0.68 -15.60
N SER B 20 -4.20 -1.38 -15.92
CA SER B 20 -5.42 -0.71 -16.34
C SER B 20 -6.03 0.11 -15.19
N PRO B 21 -7.08 0.88 -15.51
CA PRO B 21 -7.76 1.72 -14.52
C PRO B 21 -8.54 0.90 -13.51
N GLN B 22 -9.18 -0.17 -13.98
CA GLN B 22 -9.97 -1.04 -13.11
C GLN B 22 -9.08 -1.74 -12.09
N GLN B 23 -7.89 -2.15 -12.52
CA GLN B 23 -6.95 -2.84 -11.65
C GLN B 23 -6.51 -1.92 -10.52
N GLN B 24 -6.06 -0.73 -10.87
CA GLN B 24 -5.60 0.23 -9.87
C GLN B 24 -6.65 0.44 -8.78
N GLN B 25 -7.88 0.69 -9.20
CA GLN B 25 -8.98 0.90 -8.26
C GLN B 25 -9.30 -0.38 -7.50
N GLN B 26 -9.12 -1.52 -8.16
CA GLN B 26 -9.39 -2.81 -7.54
C GLN B 26 -8.46 -3.05 -6.35
N VAL B 27 -7.22 -2.57 -6.47
CA VAL B 27 -6.25 -2.73 -5.40
C VAL B 27 -6.82 -2.30 -4.05
N LEU B 28 -7.28 -1.05 -3.99
CA LEU B 28 -7.85 -0.52 -2.76
C LEU B 28 -8.95 -1.43 -2.22
N GLN B 29 -9.71 -2.04 -3.14
CA GLN B 29 -10.80 -2.93 -2.77
C GLN B 29 -10.28 -4.09 -1.90
N ILE B 30 -9.20 -4.71 -2.35
CA ILE B 30 -8.60 -5.82 -1.62
C ILE B 30 -8.02 -5.36 -0.29
N LEU B 31 -7.11 -4.39 -0.35
CA LEU B 31 -6.48 -3.85 0.85
C LEU B 31 -7.53 -3.48 1.90
N LYS B 32 -8.71 -3.08 1.43
CA LYS B 32 -9.79 -2.70 2.32
C LYS B 32 -10.23 -3.89 3.19
N SER B 33 -10.27 -5.07 2.58
CA SER B 33 -10.68 -6.28 3.29
C SER B 33 -9.54 -6.78 4.19
N ASN B 34 -8.34 -6.27 3.95
CA ASN B 34 -7.18 -6.67 4.73
C ASN B 34 -6.60 -5.47 5.48
N PRO B 35 -7.05 -5.28 6.74
CA PRO B 35 -6.59 -4.18 7.59
C PRO B 35 -5.15 -4.36 8.04
N GLN B 36 -4.77 -5.61 8.30
CA GLN B 36 -3.42 -5.92 8.74
C GLN B 36 -2.43 -5.77 7.61
N LEU B 37 -2.93 -5.79 6.38
CA LEU B 37 -2.08 -5.65 5.20
C LEU B 37 -1.77 -4.18 4.92
N MET B 38 -2.78 -3.33 5.07
CA MET B 38 -2.62 -1.90 4.84
C MET B 38 -1.39 -1.37 5.58
N ALA B 39 -1.12 -1.95 6.75
CA ALA B 39 0.03 -1.53 7.55
C ALA B 39 1.31 -1.52 6.72
N ALA B 40 1.39 -2.42 5.75
CA ALA B 40 2.56 -2.51 4.88
C ALA B 40 2.72 -1.24 4.06
N PHE B 41 1.61 -0.74 3.51
CA PHE B 41 1.64 0.46 2.69
C PHE B 41 2.27 1.63 3.45
N ILE B 42 1.70 1.94 4.62
CA ILE B 42 2.21 3.03 5.44
C ILE B 42 3.62 2.74 5.94
N LYS B 43 3.90 1.47 6.20
CA LYS B 43 5.22 1.05 6.67
C LYS B 43 6.32 1.66 5.82
N GLN B 44 6.04 1.85 4.53
CA GLN B 44 7.01 2.43 3.62
C GLN B 44 7.33 3.87 3.99
N ARG B 45 6.29 4.63 4.34
CA ARG B 45 6.46 6.02 4.72
C ARG B 45 6.90 6.14 6.17
N SER B 46 6.49 5.18 6.99
CA SER B 46 6.86 5.17 8.40
C SER B 46 8.35 4.90 8.58
N GLN B 47 8.89 4.04 7.73
CA GLN B 47 10.31 3.68 7.79
C GLN B 47 11.12 4.56 6.86
N HIS B 48 10.45 5.50 6.20
CA HIS B 48 11.13 6.41 5.27
C HIS B 48 10.80 7.86 5.61
N GLN B 49 11.81 8.61 6.02
CA GLN B 49 11.63 10.02 6.37
C GLN B 49 12.04 10.92 5.21
N GLN B 50 11.12 11.12 4.27
CA GLN B 50 11.38 11.96 3.11
C GLN B 50 10.31 13.04 2.97
N GLY A 1 5.55 -21.23 -0.77
CA GLY A 1 7.00 -21.30 -0.61
C GLY A 1 7.72 -20.26 -1.45
N SER A 2 8.87 -20.65 -1.99
CA SER A 2 9.66 -19.75 -2.82
C SER A 2 9.33 -19.94 -4.30
N GLU A 3 8.05 -20.09 -4.60
CA GLU A 3 7.60 -20.28 -5.97
C GLU A 3 7.62 -18.96 -6.73
N SER A 4 8.61 -18.80 -7.60
CA SER A 4 8.75 -17.58 -8.39
C SER A 4 9.03 -16.38 -7.49
N GLN A 5 10.23 -15.83 -7.61
CA GLN A 5 10.63 -14.68 -6.80
C GLN A 5 9.70 -13.49 -7.06
N ASN A 6 9.57 -12.61 -6.08
CA ASN A 6 8.72 -11.44 -6.20
C ASN A 6 9.18 -10.56 -7.35
N ASP A 7 10.39 -10.03 -7.25
CA ASP A 7 10.95 -9.16 -8.27
C ASP A 7 10.18 -7.85 -8.36
N GLU A 8 9.04 -7.88 -9.05
CA GLU A 8 8.21 -6.69 -9.20
C GLU A 8 7.74 -6.17 -7.85
N LYS A 9 7.16 -7.06 -7.05
CA LYS A 9 6.68 -6.69 -5.72
C LYS A 9 7.77 -5.99 -4.91
N ALA A 10 8.99 -6.51 -5.02
CA ALA A 10 10.12 -5.94 -4.31
C ALA A 10 10.37 -4.49 -4.71
N LEU A 11 9.99 -4.15 -5.93
CA LEU A 11 10.16 -2.80 -6.45
C LEU A 11 9.32 -1.80 -5.65
N LEU A 12 8.17 -2.26 -5.19
CA LEU A 12 7.26 -1.41 -4.41
C LEU A 12 7.98 -0.84 -3.19
N ASP A 13 8.76 -1.68 -2.52
CA ASP A 13 9.50 -1.26 -1.34
C ASP A 13 10.26 0.03 -1.60
N GLN A 14 10.65 0.24 -2.86
CA GLN A 14 11.38 1.44 -3.24
C GLN A 14 10.50 2.67 -3.14
N LEU A 15 9.40 2.67 -3.89
CA LEU A 15 8.47 3.79 -3.89
C LEU A 15 7.78 3.92 -2.53
N ASP A 16 7.76 2.84 -1.78
CA ASP A 16 7.13 2.83 -0.46
C ASP A 16 7.57 4.04 0.36
N SER A 17 8.88 4.30 0.37
CA SER A 17 9.44 5.42 1.11
C SER A 17 8.88 6.74 0.59
N LEU A 18 8.69 6.82 -0.72
CA LEU A 18 8.16 8.03 -1.34
C LEU A 18 6.79 8.38 -0.79
N LEU A 19 6.05 7.36 -0.37
CA LEU A 19 4.72 7.56 0.20
C LEU A 19 4.71 8.74 1.17
N SER A 20 5.81 8.92 1.87
CA SER A 20 5.92 10.01 2.84
C SER A 20 5.66 11.35 2.16
N SER A 21 6.38 11.63 1.09
CA SER A 21 6.22 12.88 0.36
C SER A 21 5.64 12.64 -1.03
N THR A 22 4.72 11.68 -1.12
CA THR A 22 4.09 11.34 -2.39
C THR A 22 2.77 12.08 -2.56
N ASP A 23 2.35 12.25 -3.81
CA ASP A 23 1.10 12.95 -4.11
C ASP A 23 -0.08 12.23 -3.48
N GLU A 24 -0.58 12.78 -2.38
CA GLU A 24 -1.72 12.19 -1.68
C GLU A 24 -2.89 11.94 -2.64
N MET A 25 -3.05 12.86 -3.59
CA MET A 25 -4.13 12.75 -4.57
C MET A 25 -3.86 11.60 -5.54
N GLU A 26 -2.58 11.29 -5.75
CA GLU A 26 -2.20 10.22 -6.67
C GLU A 26 -2.91 8.92 -6.31
N LEU A 27 -2.72 8.48 -5.06
CA LEU A 27 -3.35 7.25 -4.59
C LEU A 27 -4.55 7.55 -3.70
N ALA A 28 -4.92 8.83 -3.63
CA ALA A 28 -6.05 9.25 -2.82
C ALA A 28 -7.27 8.37 -3.07
N GLU A 29 -7.45 7.95 -4.32
CA GLU A 29 -8.58 7.11 -4.70
C GLU A 29 -8.65 5.87 -3.80
N ILE A 30 -7.54 5.13 -3.74
CA ILE A 30 -7.47 3.93 -2.92
C ILE A 30 -7.27 4.27 -1.45
N ASP A 31 -6.27 5.10 -1.18
CA ASP A 31 -5.96 5.50 0.18
C ASP A 31 -7.21 6.05 0.88
N ARG A 32 -7.76 7.13 0.34
CA ARG A 32 -8.94 7.74 0.92
C ARG A 32 -10.07 6.73 1.04
N ALA A 33 -10.10 5.75 0.14
CA ALA A 33 -11.12 4.71 0.15
C ALA A 33 -11.20 4.05 1.52
N LEU A 34 -10.07 3.57 2.01
CA LEU A 34 -10.02 2.90 3.31
C LEU A 34 -9.79 3.92 4.43
N GLY A 35 -9.16 5.03 4.08
CA GLY A 35 -8.89 6.06 5.07
C GLY A 35 -7.74 5.70 5.99
N ILE A 36 -6.68 5.15 5.41
CA ILE A 36 -5.51 4.74 6.19
C ILE A 36 -4.64 5.95 6.54
N ASP A 37 -4.79 7.02 5.78
CA ASP A 37 -4.02 8.24 6.00
C ASP A 37 -4.51 8.96 7.25
N LYS A 38 -5.57 8.43 7.86
CA LYS A 38 -6.13 9.03 9.07
C LYS A 38 -5.37 8.58 10.31
N LEU A 39 -4.86 7.35 10.27
CA LEU A 39 -4.11 6.80 11.39
C LEU A 39 -2.75 7.48 11.53
N VAL A 40 -2.40 7.87 12.75
CA VAL A 40 -1.13 8.53 13.01
C VAL A 40 -0.94 9.73 12.10
N SER A 41 -1.82 10.73 12.25
CA SER A 41 -1.75 11.93 11.44
C SER A 41 -2.44 13.10 12.14
N GLN A 42 -3.76 13.07 12.15
CA GLN A 42 -4.55 14.12 12.79
C GLN A 42 -4.39 15.45 12.05
N GLN A 43 -3.27 16.11 12.27
CA GLN A 43 -2.99 17.39 11.62
C GLN A 43 -1.51 17.55 11.34
N GLY A 44 -0.85 16.45 10.99
CA GLY A 44 0.58 16.50 10.70
C GLY A 44 0.86 16.63 9.21
N GLY A 45 0.24 17.63 8.58
CA GLY A 45 0.45 17.84 7.17
C GLY A 45 -0.75 17.41 6.33
N GLY B 1 2.83 -17.71 0.46
CA GLY B 1 3.61 -18.67 1.22
C GLY B 1 3.32 -18.61 2.70
N SER B 2 2.07 -18.81 3.07
CA SER B 2 1.66 -18.77 4.47
C SER B 2 1.94 -17.40 5.07
N THR B 3 1.70 -16.35 4.29
CA THR B 3 1.93 -14.98 4.74
C THR B 3 0.78 -14.07 4.34
N PRO B 4 -0.17 -13.86 5.26
CA PRO B 4 -1.35 -13.02 5.03
C PRO B 4 -0.98 -11.54 4.94
N PRO B 5 0.14 -11.16 5.57
CA PRO B 5 0.62 -9.78 5.57
C PRO B 5 1.14 -9.35 4.21
N GLN B 6 1.98 -10.18 3.61
CA GLN B 6 2.54 -9.88 2.29
C GLN B 6 1.44 -9.73 1.25
N ALA B 7 0.25 -10.25 1.56
CA ALA B 7 -0.88 -10.17 0.65
C ALA B 7 -1.11 -8.74 0.18
N LEU B 8 -0.76 -7.78 1.03
CA LEU B 8 -0.93 -6.37 0.69
C LEU B 8 0.12 -5.92 -0.33
N GLN B 9 1.33 -6.48 -0.20
CA GLN B 9 2.41 -6.14 -1.12
C GLN B 9 2.05 -6.49 -2.56
N GLN B 10 1.51 -7.68 -2.75
CA GLN B 10 1.12 -8.14 -4.08
C GLN B 10 0.17 -7.14 -4.74
N LEU B 11 -0.96 -6.88 -4.08
CA LEU B 11 -1.95 -5.95 -4.60
C LEU B 11 -1.40 -4.52 -4.63
N LEU B 12 -0.56 -4.20 -3.64
CA LEU B 12 0.04 -2.87 -3.55
C LEU B 12 0.77 -2.51 -4.84
N GLN B 13 1.19 -3.53 -5.58
CA GLN B 13 1.89 -3.33 -6.84
C GLN B 13 1.02 -2.59 -7.84
N THR B 14 -0.11 -3.20 -8.20
CA THR B 14 -1.03 -2.59 -9.15
C THR B 14 -1.49 -1.22 -8.68
N LEU B 15 -1.51 -1.03 -7.36
CA LEU B 15 -1.92 0.26 -6.78
C LEU B 15 -0.90 1.35 -7.08
N LYS B 16 0.35 0.94 -7.24
CA LYS B 16 1.43 1.89 -7.52
C LYS B 16 1.71 1.95 -9.03
N SER B 17 1.29 0.92 -9.75
CA SER B 17 1.49 0.86 -11.19
C SER B 17 0.27 1.42 -11.93
N PRO B 18 0.51 1.94 -13.14
CA PRO B 18 -0.55 2.51 -13.98
C PRO B 18 -1.50 1.45 -14.52
N SER B 19 -1.73 0.40 -13.72
CA SER B 19 -2.60 -0.68 -14.13
C SER B 19 -3.98 -0.15 -14.53
N SER B 20 -4.90 -1.07 -14.81
CA SER B 20 -6.26 -0.68 -15.21
C SER B 20 -6.99 -0.03 -14.05
N PRO B 21 -8.18 0.53 -14.34
CA PRO B 21 -9.01 1.20 -13.34
C PRO B 21 -9.60 0.22 -12.33
N GLN B 22 -10.04 -0.93 -12.82
CA GLN B 22 -10.64 -1.95 -11.96
C GLN B 22 -9.61 -2.49 -10.97
N GLN B 23 -8.38 -2.67 -11.44
CA GLN B 23 -7.31 -3.19 -10.61
C GLN B 23 -6.98 -2.21 -9.48
N GLN B 24 -6.77 -0.95 -9.83
CA GLN B 24 -6.45 0.08 -8.85
C GLN B 24 -7.48 0.10 -7.73
N GLN B 25 -8.76 0.14 -8.10
CA GLN B 25 -9.83 0.16 -7.13
C GLN B 25 -9.90 -1.15 -6.36
N GLN B 26 -9.53 -2.24 -7.02
CA GLN B 26 -9.55 -3.56 -6.41
C GLN B 26 -8.58 -3.63 -5.23
N VAL B 27 -7.44 -2.96 -5.37
CA VAL B 27 -6.43 -2.94 -4.32
C VAL B 27 -7.05 -2.58 -2.98
N LEU B 28 -7.72 -1.43 -2.92
CA LEU B 28 -8.36 -0.96 -1.69
C LEU B 28 -9.28 -2.03 -1.13
N GLN B 29 -9.92 -2.79 -2.02
CA GLN B 29 -10.85 -3.84 -1.61
C GLN B 29 -10.13 -4.87 -0.73
N ILE B 30 -8.96 -5.30 -1.17
CA ILE B 30 -8.18 -6.28 -0.42
C ILE B 30 -7.69 -5.70 0.91
N LEU B 31 -6.98 -4.59 0.83
CA LEU B 31 -6.46 -3.93 2.02
C LEU B 31 -7.56 -3.74 3.07
N LYS B 32 -8.79 -3.57 2.60
CA LYS B 32 -9.93 -3.39 3.48
C LYS B 32 -10.13 -4.61 4.38
N SER B 33 -9.95 -5.80 3.80
CA SER B 33 -10.11 -7.04 4.54
C SER B 33 -8.92 -7.27 5.47
N ASN B 34 -7.83 -6.57 5.22
CA ASN B 34 -6.62 -6.70 6.02
C ASN B 34 -6.27 -5.37 6.69
N PRO B 35 -6.84 -5.14 7.88
CA PRO B 35 -6.59 -3.92 8.65
C PRO B 35 -5.17 -3.85 9.20
N GLN B 36 -4.63 -5.01 9.55
CA GLN B 36 -3.28 -5.08 10.09
C GLN B 36 -2.23 -4.91 8.98
N LEU B 37 -2.68 -5.05 7.75
CA LEU B 37 -1.78 -4.92 6.59
C LEU B 37 -1.67 -3.46 6.16
N MET B 38 -2.81 -2.80 6.03
CA MET B 38 -2.83 -1.40 5.63
C MET B 38 -1.86 -0.57 6.46
N ALA B 39 -1.72 -0.92 7.73
CA ALA B 39 -0.82 -0.23 8.63
C ALA B 39 0.59 -0.18 8.06
N ALA B 40 0.98 -1.23 7.34
CA ALA B 40 2.30 -1.30 6.74
C ALA B 40 2.51 -0.17 5.73
N PHE B 41 1.47 0.13 4.96
CA PHE B 41 1.54 1.18 3.96
C PHE B 41 1.99 2.50 4.58
N ILE B 42 1.25 2.95 5.59
CA ILE B 42 1.57 4.21 6.27
C ILE B 42 2.89 4.09 7.01
N LYS B 43 3.20 2.89 7.48
CA LYS B 43 4.44 2.66 8.22
C LYS B 43 5.63 3.26 7.48
N GLN B 44 5.55 3.29 6.15
CA GLN B 44 6.62 3.85 5.34
C GLN B 44 6.78 5.34 5.59
N ARG B 45 5.65 6.04 5.65
CA ARG B 45 5.67 7.48 5.88
C ARG B 45 5.84 7.79 7.36
N SER B 46 5.26 6.94 8.21
CA SER B 46 5.35 7.12 9.65
C SER B 46 6.77 6.88 10.15
N GLN B 47 7.36 5.77 9.71
CA GLN B 47 8.72 5.42 10.10
C GLN B 47 9.73 5.95 9.11
N HIS B 48 9.25 6.60 8.06
CA HIS B 48 10.12 7.15 7.03
C HIS B 48 10.93 6.06 6.34
N GLN B 49 10.55 5.72 5.11
CA GLN B 49 11.25 4.70 4.36
C GLN B 49 11.27 3.38 5.13
N GLN B 50 10.21 3.12 5.88
CA GLN B 50 10.12 1.89 6.67
C GLN B 50 11.23 1.83 7.71
N GLY A 1 10.07 -17.13 5.22
CA GLY A 1 11.17 -17.14 6.15
C GLY A 1 12.14 -16.00 5.92
N SER A 2 11.64 -14.77 5.99
CA SER A 2 12.46 -13.59 5.78
C SER A 2 11.65 -12.31 5.96
N GLU A 3 12.30 -11.17 5.77
CA GLU A 3 11.64 -9.88 5.92
C GLU A 3 10.72 -9.60 4.73
N SER A 4 10.08 -8.43 4.74
CA SER A 4 9.17 -8.05 3.67
C SER A 4 9.94 -7.41 2.52
N GLN A 5 10.71 -8.22 1.80
CA GLN A 5 11.50 -7.74 0.68
C GLN A 5 12.16 -8.88 -0.07
N ASN A 6 11.47 -10.03 -0.12
CA ASN A 6 11.99 -11.21 -0.80
C ASN A 6 12.45 -10.85 -2.22
N ASP A 7 11.50 -10.43 -3.05
CA ASP A 7 11.80 -10.07 -4.43
C ASP A 7 10.72 -9.16 -5.00
N GLU A 8 9.50 -9.67 -5.07
CA GLU A 8 8.38 -8.92 -5.60
C GLU A 8 8.16 -7.63 -4.80
N LYS A 9 7.85 -7.79 -3.52
CA LYS A 9 7.63 -6.65 -2.64
C LYS A 9 8.84 -5.72 -2.62
N ALA A 10 10.01 -6.29 -2.85
CA ALA A 10 11.26 -5.52 -2.87
C ALA A 10 11.19 -4.42 -3.93
N LEU A 11 11.00 -4.83 -5.18
CA LEU A 11 10.93 -3.88 -6.29
C LEU A 11 9.79 -2.88 -6.08
N LEU A 12 8.73 -3.33 -5.43
CA LEU A 12 7.58 -2.48 -5.16
C LEU A 12 7.91 -1.42 -4.10
N ASP A 13 8.61 -1.85 -3.05
CA ASP A 13 8.99 -0.95 -1.97
C ASP A 13 9.65 0.31 -2.52
N GLN A 14 10.34 0.16 -3.65
CA GLN A 14 11.02 1.28 -4.29
C GLN A 14 10.03 2.30 -4.81
N LEU A 15 9.10 1.84 -5.64
CA LEU A 15 8.08 2.72 -6.22
C LEU A 15 7.19 3.31 -5.12
N ASP A 16 6.96 2.53 -4.08
CA ASP A 16 6.12 2.97 -2.97
C ASP A 16 6.58 4.35 -2.47
N SER A 17 7.89 4.54 -2.38
CA SER A 17 8.45 5.80 -1.92
C SER A 17 7.91 6.97 -2.74
N LEU A 18 7.57 6.70 -3.98
CA LEU A 18 7.04 7.72 -4.87
C LEU A 18 5.82 8.40 -4.26
N LEU A 19 5.13 7.68 -3.38
CA LEU A 19 3.95 8.21 -2.72
C LEU A 19 4.23 9.58 -2.11
N SER A 20 5.50 9.85 -1.86
CA SER A 20 5.90 11.13 -1.28
C SER A 20 5.70 12.27 -2.26
N SER A 21 5.87 11.98 -3.55
CA SER A 21 5.70 12.98 -4.59
C SER A 21 4.55 12.60 -5.52
N THR A 22 3.52 11.99 -4.95
CA THR A 22 2.35 11.57 -5.73
C THR A 22 1.22 12.59 -5.61
N ASP A 23 0.22 12.44 -6.45
CA ASP A 23 -0.93 13.35 -6.43
C ASP A 23 -1.65 13.30 -5.09
N GLU A 24 -1.63 14.43 -4.38
CA GLU A 24 -2.28 14.51 -3.07
C GLU A 24 -3.75 14.12 -3.16
N MET A 25 -4.39 14.52 -4.25
CA MET A 25 -5.81 14.22 -4.46
C MET A 25 -6.00 12.74 -4.77
N GLU A 26 -5.28 12.25 -5.79
CA GLU A 26 -5.38 10.86 -6.18
C GLU A 26 -5.04 9.93 -5.02
N LEU A 27 -3.85 10.08 -4.47
CA LEU A 27 -3.40 9.27 -3.35
C LEU A 27 -4.43 9.28 -2.23
N ALA A 28 -4.77 10.48 -1.77
CA ALA A 28 -5.75 10.65 -0.70
C ALA A 28 -7.05 9.92 -1.03
N GLU A 29 -7.41 9.93 -2.31
CA GLU A 29 -8.64 9.28 -2.75
C GLU A 29 -8.66 7.81 -2.36
N ILE A 30 -7.60 7.09 -2.72
CA ILE A 30 -7.48 5.68 -2.40
C ILE A 30 -7.10 5.48 -0.94
N ASP A 31 -6.28 6.38 -0.42
CA ASP A 31 -5.83 6.30 0.96
C ASP A 31 -7.03 6.23 1.92
N ARG A 32 -7.89 7.24 1.85
CA ARG A 32 -9.07 7.28 2.71
C ARG A 32 -9.92 6.02 2.55
N ALA A 33 -9.79 5.38 1.39
CA ALA A 33 -10.54 4.15 1.12
C ALA A 33 -10.22 3.07 2.14
N LEU A 34 -8.95 2.93 2.47
CA LEU A 34 -8.52 1.93 3.45
C LEU A 34 -8.54 2.50 4.86
N GLY A 35 -8.42 3.83 4.96
CA GLY A 35 -8.44 4.48 6.26
C GLY A 35 -7.14 4.26 7.03
N ILE A 36 -6.01 4.42 6.35
CA ILE A 36 -4.71 4.23 6.97
C ILE A 36 -4.35 5.44 7.83
N ASP A 37 -5.11 6.51 7.69
CA ASP A 37 -4.86 7.73 8.45
C ASP A 37 -5.23 7.54 9.93
N LYS A 38 -5.72 6.35 10.26
CA LYS A 38 -6.11 6.04 11.62
C LYS A 38 -4.90 5.60 12.45
N LEU A 39 -3.90 5.05 11.76
CA LEU A 39 -2.69 4.60 12.44
C LEU A 39 -1.89 5.77 12.98
N VAL A 40 -1.51 6.69 12.09
CA VAL A 40 -0.75 7.87 12.47
C VAL A 40 -1.66 9.05 12.77
N SER A 41 -2.74 8.79 13.51
CA SER A 41 -3.70 9.83 13.86
C SER A 41 -3.25 10.58 15.11
N GLN A 42 -2.82 9.83 16.12
CA GLN A 42 -2.37 10.42 17.37
C GLN A 42 -3.51 11.13 18.08
N GLN A 43 -3.40 11.26 19.40
CA GLN A 43 -4.43 11.93 20.19
C GLN A 43 -5.77 11.23 20.04
N GLY A 44 -5.87 10.02 20.57
CA GLY A 44 -7.11 9.26 20.48
C GLY A 44 -8.23 9.89 21.28
N GLY A 45 -9.08 9.05 21.87
CA GLY A 45 -10.19 9.55 22.65
C GLY A 45 -9.76 10.54 23.71
N GLY B 1 -3.22 -22.11 6.71
CA GLY B 1 -3.97 -22.27 5.47
C GLY B 1 -3.96 -21.01 4.62
N SER B 2 -3.24 -21.06 3.50
CA SER B 2 -3.15 -19.92 2.60
C SER B 2 -2.52 -18.73 3.31
N THR B 3 -2.39 -17.61 2.58
CA THR B 3 -1.79 -16.40 3.15
C THR B 3 -2.61 -15.17 2.77
N PRO B 4 -3.52 -14.76 3.66
CA PRO B 4 -4.38 -13.60 3.44
C PRO B 4 -3.60 -12.28 3.49
N PRO B 5 -2.46 -12.30 4.21
CA PRO B 5 -1.60 -11.12 4.36
C PRO B 5 -0.89 -10.76 3.05
N GLN B 6 -0.32 -11.77 2.40
CA GLN B 6 0.39 -11.57 1.15
C GLN B 6 -0.55 -11.04 0.06
N ALA B 7 -1.85 -11.12 0.33
CA ALA B 7 -2.85 -10.65 -0.62
C ALA B 7 -2.59 -9.21 -1.03
N LEU B 8 -2.01 -8.43 -0.12
CA LEU B 8 -1.71 -7.04 -0.39
C LEU B 8 -0.59 -6.91 -1.43
N GLN B 9 0.37 -7.82 -1.36
CA GLN B 9 1.49 -7.81 -2.30
C GLN B 9 1.00 -8.00 -3.73
N GLN B 10 0.20 -9.04 -3.95
CA GLN B 10 -0.34 -9.34 -5.27
C GLN B 10 -1.06 -8.12 -5.85
N LEU B 11 -2.00 -7.58 -5.09
CA LEU B 11 -2.75 -6.41 -5.53
C LEU B 11 -1.84 -5.20 -5.70
N LEU B 12 -1.04 -4.92 -4.68
CA LEU B 12 -0.12 -3.79 -4.72
C LEU B 12 0.72 -3.82 -6.00
N GLN B 13 0.92 -5.01 -6.54
CA GLN B 13 1.71 -5.17 -7.76
C GLN B 13 1.08 -4.37 -8.90
N THR B 14 -0.24 -4.40 -9.00
CA THR B 14 -0.95 -3.68 -10.05
C THR B 14 -1.04 -2.19 -9.73
N LEU B 15 -1.04 -1.87 -8.45
CA LEU B 15 -1.11 -0.48 -8.01
C LEU B 15 0.19 0.26 -8.31
N LYS B 16 1.28 -0.49 -8.40
CA LYS B 16 2.59 0.09 -8.68
C LYS B 16 2.88 0.08 -10.18
N SER B 17 2.29 -0.88 -10.89
CA SER B 17 2.48 -0.99 -12.32
C SER B 17 1.41 -0.22 -13.08
N PRO B 18 1.75 0.22 -14.31
CA PRO B 18 0.83 0.97 -15.15
C PRO B 18 -0.32 0.12 -15.68
N SER B 19 -0.79 -0.81 -14.84
CA SER B 19 -1.88 -1.69 -15.22
C SER B 19 -3.10 -0.89 -15.66
N SER B 20 -4.20 -1.60 -15.94
CA SER B 20 -5.43 -0.95 -16.37
C SER B 20 -6.03 -0.10 -15.25
N PRO B 21 -7.06 0.68 -15.58
CA PRO B 21 -7.74 1.55 -14.62
C PRO B 21 -8.55 0.76 -13.59
N GLN B 22 -9.16 -0.33 -14.04
CA GLN B 22 -9.96 -1.17 -13.17
C GLN B 22 -9.10 -1.82 -12.09
N GLN B 23 -7.90 -2.25 -12.48
CA GLN B 23 -6.98 -2.88 -11.55
C GLN B 23 -6.55 -1.91 -10.46
N GLN B 24 -6.09 -0.73 -10.88
CA GLN B 24 -5.64 0.29 -9.94
C GLN B 24 -6.71 0.58 -8.90
N GLN B 25 -7.93 0.83 -9.37
CA GLN B 25 -9.05 1.13 -8.47
C GLN B 25 -9.42 -0.10 -7.64
N GLN B 26 -9.23 -1.27 -8.22
CA GLN B 26 -9.55 -2.52 -7.53
C GLN B 26 -8.65 -2.71 -6.31
N VAL B 27 -7.41 -2.24 -6.42
CA VAL B 27 -6.46 -2.35 -5.32
C VAL B 27 -7.04 -1.82 -4.02
N LEU B 28 -7.47 -0.56 -4.05
CA LEU B 28 -8.05 0.07 -2.87
C LEU B 28 -9.18 -0.78 -2.29
N GLN B 29 -9.94 -1.42 -3.17
CA GLN B 29 -11.05 -2.27 -2.74
C GLN B 29 -10.56 -3.41 -1.86
N ILE B 30 -9.47 -4.06 -2.29
CA ILE B 30 -8.89 -5.16 -1.53
C ILE B 30 -8.29 -4.67 -0.21
N LEU B 31 -7.35 -3.73 -0.32
CA LEU B 31 -6.70 -3.18 0.86
C LEU B 31 -7.71 -2.74 1.90
N LYS B 32 -8.89 -2.33 1.45
CA LYS B 32 -9.96 -1.90 2.33
C LYS B 32 -10.38 -3.02 3.27
N SER B 33 -10.44 -4.24 2.73
CA SER B 33 -10.84 -5.41 3.52
C SER B 33 -9.71 -5.84 4.44
N ASN B 34 -8.50 -5.38 4.15
CA ASN B 34 -7.33 -5.71 4.95
C ASN B 34 -6.73 -4.48 5.60
N PRO B 35 -7.26 -4.09 6.76
CA PRO B 35 -6.80 -2.92 7.50
C PRO B 35 -5.40 -3.13 8.10
N GLN B 36 -5.10 -4.36 8.46
CA GLN B 36 -3.81 -4.70 9.04
C GLN B 36 -2.71 -4.67 7.98
N LEU B 37 -3.11 -4.81 6.72
CA LEU B 37 -2.17 -4.80 5.61
C LEU B 37 -1.89 -3.38 5.14
N MET B 38 -2.94 -2.57 5.08
CA MET B 38 -2.81 -1.19 4.64
C MET B 38 -1.68 -0.48 5.38
N ALA B 39 -1.49 -0.86 6.65
CA ALA B 39 -0.44 -0.27 7.47
C ALA B 39 0.92 -0.37 6.79
N ALA B 40 1.13 -1.47 6.06
CA ALA B 40 2.38 -1.70 5.35
C ALA B 40 2.60 -0.66 4.26
N PHE B 41 1.52 -0.32 3.56
CA PHE B 41 1.59 0.66 2.48
C PHE B 41 2.15 1.99 2.98
N ILE B 42 1.51 2.55 4.00
CA ILE B 42 1.95 3.81 4.57
C ILE B 42 3.33 3.68 5.21
N LYS B 43 3.62 2.48 5.71
CA LYS B 43 4.92 2.22 6.35
C LYS B 43 6.06 2.74 5.49
N GLN B 44 5.87 2.72 4.18
CA GLN B 44 6.89 3.20 3.24
C GLN B 44 7.14 4.69 3.43
N ARG B 45 6.05 5.46 3.55
CA ARG B 45 6.16 6.90 3.73
C ARG B 45 6.47 7.25 5.18
N SER B 46 5.92 6.46 6.11
CA SER B 46 6.13 6.69 7.53
C SER B 46 7.57 6.38 7.93
N GLN B 47 8.07 5.24 7.47
CA GLN B 47 9.44 4.84 7.77
C GLN B 47 10.39 5.26 6.67
N HIS B 48 9.85 5.93 5.66
CA HIS B 48 10.66 6.40 4.53
C HIS B 48 11.31 5.22 3.81
N GLN B 49 12.01 5.52 2.72
CA GLN B 49 12.68 4.50 1.94
C GLN B 49 14.16 4.41 2.32
N GLN B 50 14.90 3.56 1.61
CA GLN B 50 16.32 3.38 1.87
C GLN B 50 17.16 3.99 0.76
N GLY A 1 7.77 -20.34 2.86
CA GLY A 1 8.80 -20.03 3.85
C GLY A 1 10.19 -20.01 3.25
N SER A 2 11.18 -19.63 4.05
CA SER A 2 12.56 -19.57 3.60
C SER A 2 12.69 -18.67 2.37
N GLU A 3 12.70 -17.36 2.60
CA GLU A 3 12.81 -16.39 1.51
C GLU A 3 14.25 -16.33 1.00
N SER A 4 14.39 -16.16 -0.31
CA SER A 4 15.71 -16.08 -0.93
C SER A 4 15.66 -15.27 -2.23
N GLN A 5 15.29 -14.01 -2.11
CA GLN A 5 15.20 -13.13 -3.28
C GLN A 5 14.77 -11.73 -2.87
N ASN A 6 14.79 -10.81 -3.83
CA ASN A 6 14.40 -9.43 -3.57
C ASN A 6 12.94 -9.34 -3.11
N ASP A 7 12.11 -10.20 -3.66
CA ASP A 7 10.69 -10.23 -3.30
C ASP A 7 9.95 -9.05 -3.90
N GLU A 8 8.63 -9.11 -3.88
CA GLU A 8 7.80 -8.04 -4.42
C GLU A 8 8.05 -6.73 -3.69
N LYS A 9 8.18 -6.80 -2.37
CA LYS A 9 8.43 -5.62 -1.55
C LYS A 9 9.62 -4.83 -2.09
N ALA A 10 10.62 -5.53 -2.58
CA ALA A 10 11.81 -4.89 -3.13
C ALA A 10 11.46 -4.03 -4.33
N LEU A 11 10.85 -4.64 -5.33
CA LEU A 11 10.46 -3.93 -6.55
C LEU A 11 9.47 -2.82 -6.24
N LEU A 12 8.50 -3.12 -5.38
CA LEU A 12 7.49 -2.14 -4.99
C LEU A 12 8.13 -0.98 -4.23
N ASP A 13 9.04 -1.30 -3.33
CA ASP A 13 9.72 -0.28 -2.53
C ASP A 13 10.22 0.86 -3.41
N GLN A 14 10.61 0.52 -4.64
CA GLN A 14 11.10 1.52 -5.58
C GLN A 14 10.00 2.53 -5.93
N LEU A 15 8.87 2.01 -6.39
CA LEU A 15 7.74 2.85 -6.77
C LEU A 15 7.17 3.57 -5.55
N ASP A 16 7.26 2.92 -4.39
CA ASP A 16 6.75 3.49 -3.15
C ASP A 16 7.24 4.92 -2.98
N SER A 17 8.37 5.24 -3.59
CA SER A 17 8.95 6.57 -3.49
C SER A 17 7.91 7.63 -3.87
N LEU A 18 6.98 7.27 -4.73
CA LEU A 18 5.94 8.19 -5.17
C LEU A 18 5.19 8.77 -3.97
N LEU A 19 5.12 8.00 -2.89
CA LEU A 19 4.45 8.45 -1.68
C LEU A 19 4.87 9.86 -1.30
N SER A 20 6.08 10.24 -1.70
CA SER A 20 6.61 11.56 -1.39
C SER A 20 5.65 12.64 -1.88
N SER A 21 5.35 12.64 -3.16
CA SER A 21 4.44 13.62 -3.74
C SER A 21 3.16 12.95 -4.25
N THR A 22 3.30 12.13 -5.27
CA THR A 22 2.16 11.43 -5.86
C THR A 22 1.07 12.41 -6.28
N ASP A 23 0.22 11.98 -7.19
CA ASP A 23 -0.87 12.82 -7.69
C ASP A 23 -1.85 13.15 -6.57
N GLU A 24 -1.80 14.39 -6.10
CA GLU A 24 -2.68 14.84 -5.03
C GLU A 24 -4.13 14.49 -5.33
N MET A 25 -4.46 14.42 -6.62
CA MET A 25 -5.82 14.10 -7.05
C MET A 25 -6.09 12.61 -6.90
N GLU A 26 -5.23 11.79 -7.50
CA GLU A 26 -5.37 10.34 -7.44
C GLU A 26 -5.07 9.82 -6.05
N LEU A 27 -3.87 10.11 -5.56
CA LEU A 27 -3.46 9.67 -4.23
C LEU A 27 -4.54 9.97 -3.20
N ALA A 28 -4.85 11.24 -3.01
CA ALA A 28 -5.88 11.64 -2.06
C ALA A 28 -7.18 10.89 -2.30
N GLU A 29 -7.41 10.50 -3.54
CA GLU A 29 -8.62 9.77 -3.89
C GLU A 29 -8.67 8.41 -3.19
N ILE A 30 -7.61 7.63 -3.37
CA ILE A 30 -7.52 6.31 -2.75
C ILE A 30 -7.16 6.42 -1.27
N ASP A 31 -6.24 7.32 -0.97
CA ASP A 31 -5.80 7.53 0.41
C ASP A 31 -6.98 7.86 1.31
N ARG A 32 -7.69 8.94 0.98
CA ARG A 32 -8.84 9.38 1.76
C ARG A 32 -9.87 8.25 1.88
N ALA A 33 -9.81 7.31 0.94
CA ALA A 33 -10.73 6.18 0.94
C ALA A 33 -10.71 5.43 2.28
N LEU A 34 -9.52 5.01 2.69
CA LEU A 34 -9.36 4.29 3.94
C LEU A 34 -8.88 5.24 5.04
N GLY A 35 -8.20 6.31 4.65
CA GLY A 35 -7.71 7.27 5.63
C GLY A 35 -6.36 6.88 6.19
N ILE A 36 -5.45 6.45 5.31
CA ILE A 36 -4.11 6.05 5.72
C ILE A 36 -3.16 7.24 5.76
N ASP A 37 -3.72 8.43 5.93
CA ASP A 37 -2.94 9.65 5.99
C ASP A 37 -2.27 9.81 7.35
N LYS A 38 -3.09 9.91 8.39
CA LYS A 38 -2.58 10.07 9.75
C LYS A 38 -2.39 8.71 10.42
N LEU A 39 -3.20 7.74 10.02
CA LEU A 39 -3.12 6.39 10.59
C LEU A 39 -3.70 6.34 11.99
N VAL A 40 -3.90 5.13 12.50
CA VAL A 40 -4.46 4.95 13.84
C VAL A 40 -5.73 5.77 14.03
N SER A 41 -6.65 5.64 13.09
CA SER A 41 -7.91 6.37 13.15
C SER A 41 -8.91 5.66 14.06
N GLN A 42 -9.47 4.56 13.56
CA GLN A 42 -10.45 3.79 14.33
C GLN A 42 -9.78 2.60 15.02
N GLN A 43 -9.56 2.73 16.32
CA GLN A 43 -8.92 1.66 17.09
C GLN A 43 -9.97 0.69 17.65
N GLY A 44 -9.50 -0.40 18.24
CA GLY A 44 -10.40 -1.39 18.79
C GLY A 44 -9.77 -2.76 18.88
N GLY A 45 -10.49 -3.77 18.42
CA GLY A 45 -9.98 -5.13 18.46
C GLY A 45 -11.03 -6.14 18.90
N GLY B 1 -1.77 -19.96 1.85
CA GLY B 1 -0.66 -19.20 2.41
C GLY B 1 -0.87 -18.88 3.88
N SER B 2 -2.11 -18.61 4.26
CA SER B 2 -2.44 -18.29 5.65
C SER B 2 -1.70 -17.04 6.09
N THR B 3 -1.64 -16.05 5.21
CA THR B 3 -0.95 -14.80 5.52
C THR B 3 -1.80 -13.59 5.09
N PRO B 4 -2.54 -13.03 6.05
CA PRO B 4 -3.40 -11.87 5.80
C PRO B 4 -2.60 -10.59 5.52
N PRO B 5 -1.37 -10.55 6.05
CA PRO B 5 -0.47 -9.41 5.88
C PRO B 5 0.03 -9.26 4.44
N GLN B 6 0.52 -10.37 3.89
CA GLN B 6 1.04 -10.37 2.52
C GLN B 6 -0.07 -10.02 1.53
N ALA B 7 -1.32 -10.15 1.97
CA ALA B 7 -2.47 -9.85 1.12
C ALA B 7 -2.33 -8.46 0.49
N LEU B 8 -1.68 -7.55 1.21
CA LEU B 8 -1.48 -6.19 0.73
C LEU B 8 -0.43 -6.15 -0.38
N GLN B 9 0.59 -7.00 -0.25
CA GLN B 9 1.66 -7.07 -1.24
C GLN B 9 1.12 -7.46 -2.61
N GLN B 10 0.24 -8.46 -2.62
CA GLN B 10 -0.35 -8.94 -3.87
C GLN B 10 -1.06 -7.81 -4.60
N LEU B 11 -2.03 -7.18 -3.93
CA LEU B 11 -2.79 -6.09 -4.52
C LEU B 11 -1.88 -4.88 -4.78
N LEU B 12 -0.98 -4.62 -3.85
CA LEU B 12 -0.05 -3.49 -3.98
C LEU B 12 0.75 -3.60 -5.26
N GLN B 13 0.90 -4.82 -5.76
CA GLN B 13 1.64 -5.05 -7.00
C GLN B 13 1.04 -4.28 -8.17
N THR B 14 -0.28 -4.10 -8.12
CA THR B 14 -0.98 -3.38 -9.17
C THR B 14 -0.88 -1.88 -8.96
N LEU B 15 -0.76 -1.46 -7.71
CA LEU B 15 -0.65 -0.04 -7.39
C LEU B 15 0.71 0.51 -7.82
N LYS B 16 1.70 -0.37 -7.91
CA LYS B 16 3.05 0.02 -8.31
C LYS B 16 3.23 -0.11 -9.81
N SER B 17 2.51 -1.06 -10.42
CA SER B 17 2.59 -1.30 -11.85
C SER B 17 1.58 -0.43 -12.60
N PRO B 18 1.89 -0.14 -13.87
CA PRO B 18 1.03 0.68 -14.73
C PRO B 18 -0.27 -0.04 -15.10
N SER B 19 -0.75 -0.89 -14.20
CA SER B 19 -1.97 -1.65 -14.45
C SER B 19 -3.13 -0.71 -14.78
N SER B 20 -4.31 -1.29 -14.97
CA SER B 20 -5.50 -0.51 -15.29
C SER B 20 -5.88 0.41 -14.15
N PRO B 21 -6.80 1.35 -14.42
CA PRO B 21 -7.26 2.32 -13.42
C PRO B 21 -8.12 1.66 -12.34
N GLN B 22 -8.92 0.68 -12.74
CA GLN B 22 -9.79 -0.03 -11.79
C GLN B 22 -8.96 -0.87 -10.83
N GLN B 23 -7.88 -1.47 -11.33
CA GLN B 23 -7.02 -2.30 -10.52
C GLN B 23 -6.33 -1.47 -9.43
N GLN B 24 -5.65 -0.41 -9.85
CA GLN B 24 -4.94 0.47 -8.92
C GLN B 24 -5.88 0.95 -7.81
N GLN B 25 -7.06 1.42 -8.21
CA GLN B 25 -8.05 1.91 -7.26
C GLN B 25 -8.66 0.76 -6.47
N GLN B 26 -8.76 -0.41 -7.10
CA GLN B 26 -9.33 -1.58 -6.45
C GLN B 26 -8.58 -1.91 -5.17
N VAL B 27 -7.27 -1.73 -5.20
CA VAL B 27 -6.43 -2.02 -4.02
C VAL B 27 -7.03 -1.38 -2.77
N LEU B 28 -7.58 -0.18 -2.92
CA LEU B 28 -8.18 0.53 -1.81
C LEU B 28 -9.29 -0.29 -1.17
N GLN B 29 -10.07 -0.97 -1.99
CA GLN B 29 -11.16 -1.79 -1.51
C GLN B 29 -10.65 -2.87 -0.55
N ILE B 30 -9.64 -3.61 -1.00
CA ILE B 30 -9.06 -4.67 -0.19
C ILE B 30 -8.37 -4.11 1.05
N LEU B 31 -7.44 -3.19 0.83
CA LEU B 31 -6.69 -2.57 1.91
C LEU B 31 -7.65 -2.07 3.00
N LYS B 32 -8.86 -1.69 2.60
CA LYS B 32 -9.86 -1.20 3.53
C LYS B 32 -10.23 -2.28 4.54
N SER B 33 -10.36 -3.51 4.07
CA SER B 33 -10.72 -4.63 4.94
C SER B 33 -9.53 -5.05 5.79
N ASN B 34 -8.34 -4.60 5.40
CA ASN B 34 -7.12 -4.93 6.13
C ASN B 34 -6.46 -3.68 6.70
N PRO B 35 -6.83 -3.34 7.94
CA PRO B 35 -6.28 -2.15 8.61
C PRO B 35 -4.81 -2.33 9.00
N GLN B 36 -4.45 -3.55 9.38
CA GLN B 36 -3.07 -3.85 9.77
C GLN B 36 -2.16 -3.87 8.55
N LEU B 37 -2.76 -4.00 7.37
CA LEU B 37 -1.99 -4.03 6.13
C LEU B 37 -1.66 -2.62 5.65
N MET B 38 -2.61 -1.71 5.79
CA MET B 38 -2.42 -0.33 5.37
C MET B 38 -1.11 0.23 5.94
N ALA B 39 -0.74 -0.23 7.13
CA ALA B 39 0.49 0.21 7.77
C ALA B 39 1.68 0.11 6.81
N ALA B 40 1.63 -0.86 5.91
CA ALA B 40 2.69 -1.06 4.94
C ALA B 40 2.85 0.16 4.03
N PHE B 41 1.72 0.72 3.60
CA PHE B 41 1.73 1.89 2.73
C PHE B 41 2.52 3.03 3.37
N ILE B 42 2.11 3.43 4.57
CA ILE B 42 2.78 4.51 5.28
C ILE B 42 4.21 4.14 5.62
N LYS B 43 4.44 2.86 5.91
CA LYS B 43 5.77 2.38 6.25
C LYS B 43 6.81 2.89 5.25
N GLN B 44 6.38 3.06 4.00
CA GLN B 44 7.28 3.55 2.95
C GLN B 44 7.74 4.97 3.24
N ARG B 45 6.79 5.81 3.67
CA ARG B 45 7.09 7.21 3.97
C ARG B 45 7.70 7.33 5.36
N SER B 46 7.29 6.45 6.27
CA SER B 46 7.79 6.47 7.63
C SER B 46 9.25 6.00 7.69
N GLN B 47 9.53 4.91 6.98
CA GLN B 47 10.89 4.37 6.94
C GLN B 47 11.66 4.89 5.75
N HIS B 48 10.97 5.64 4.87
CA HIS B 48 11.60 6.20 3.69
C HIS B 48 12.02 5.10 2.73
N GLN B 49 13.14 4.45 3.03
CA GLN B 49 13.66 3.39 2.19
C GLN B 49 14.18 2.22 3.03
N GLN B 50 13.26 1.49 3.65
CA GLN B 50 13.62 0.36 4.50
C GLN B 50 12.91 -0.91 4.03
N GLY A 1 6.17 -3.95 2.04
CA GLY A 1 7.24 -4.60 2.79
C GLY A 1 7.49 -6.01 2.32
N SER A 2 8.75 -6.30 1.95
CA SER A 2 9.11 -7.63 1.48
C SER A 2 10.63 -7.75 1.32
N GLU A 3 11.24 -6.72 0.75
CA GLU A 3 12.68 -6.71 0.55
C GLU A 3 13.17 -8.05 0.02
N SER A 4 12.83 -8.34 -1.24
CA SER A 4 13.22 -9.59 -1.87
C SER A 4 13.33 -9.42 -3.39
N GLN A 5 14.11 -10.29 -4.02
CA GLN A 5 14.30 -10.24 -5.46
C GLN A 5 13.59 -11.40 -6.14
N ASN A 6 13.57 -12.55 -5.48
CA ASN A 6 12.92 -13.73 -6.03
C ASN A 6 11.42 -13.51 -6.17
N ASP A 7 10.81 -12.90 -5.16
CA ASP A 7 9.38 -12.62 -5.17
C ASP A 7 9.07 -11.42 -6.05
N GLU A 8 8.10 -11.58 -6.95
CA GLU A 8 7.70 -10.52 -7.85
C GLU A 8 7.26 -9.28 -7.07
N LYS A 9 6.24 -9.45 -6.25
CA LYS A 9 5.72 -8.34 -5.44
C LYS A 9 6.83 -7.68 -4.64
N ALA A 10 7.82 -8.48 -4.23
CA ALA A 10 8.95 -7.95 -3.47
C ALA A 10 9.59 -6.77 -4.17
N LEU A 11 9.48 -6.74 -5.50
CA LEU A 11 10.07 -5.67 -6.29
C LEU A 11 9.42 -4.33 -5.95
N LEU A 12 8.15 -4.37 -5.55
CA LEU A 12 7.42 -3.17 -5.20
C LEU A 12 8.20 -2.34 -4.17
N ASP A 13 8.83 -3.02 -3.23
CA ASP A 13 9.62 -2.36 -2.19
C ASP A 13 10.58 -1.35 -2.82
N GLN A 14 10.99 -1.61 -4.06
CA GLN A 14 11.91 -0.73 -4.76
C GLN A 14 11.24 0.59 -5.11
N LEU A 15 10.16 0.51 -5.88
CA LEU A 15 9.42 1.71 -6.29
C LEU A 15 8.74 2.35 -5.10
N ASP A 16 8.52 1.58 -4.05
CA ASP A 16 7.88 2.08 -2.84
C ASP A 16 8.49 3.39 -2.39
N SER A 17 9.78 3.57 -2.70
CA SER A 17 10.49 4.79 -2.33
C SER A 17 9.75 6.03 -2.82
N LEU A 18 9.05 5.88 -3.94
CA LEU A 18 8.30 6.98 -4.52
C LEU A 18 7.19 7.44 -3.57
N LEU A 19 6.69 6.51 -2.76
CA LEU A 19 5.63 6.83 -1.81
C LEU A 19 5.95 8.10 -1.04
N SER A 20 7.23 8.42 -0.92
CA SER A 20 7.65 9.61 -0.21
C SER A 20 7.23 10.87 -0.94
N SER A 21 7.67 10.99 -2.20
CA SER A 21 7.33 12.15 -3.02
C SER A 21 6.27 11.79 -4.06
N THR A 22 5.31 10.97 -3.66
CA THR A 22 4.24 10.55 -4.55
C THR A 22 3.09 11.55 -4.54
N ASP A 23 2.07 11.28 -5.36
CA ASP A 23 0.90 12.14 -5.43
C ASP A 23 0.18 12.22 -4.09
N GLU A 24 0.40 13.31 -3.36
CA GLU A 24 -0.23 13.48 -2.05
C GLU A 24 -1.75 13.42 -2.17
N MET A 25 -2.28 13.92 -3.28
CA MET A 25 -3.72 13.92 -3.51
C MET A 25 -4.21 12.52 -3.87
N GLU A 26 -3.61 11.93 -4.91
CA GLU A 26 -3.99 10.60 -5.35
C GLU A 26 -3.83 9.58 -4.23
N LEU A 27 -2.61 9.48 -3.69
CA LEU A 27 -2.33 8.55 -2.60
C LEU A 27 -3.33 8.72 -1.47
N ALA A 28 -3.43 9.94 -0.95
CA ALA A 28 -4.35 10.24 0.14
C ALA A 28 -5.76 9.76 -0.19
N GLU A 29 -6.12 9.85 -1.47
CA GLU A 29 -7.44 9.43 -1.92
C GLU A 29 -7.71 7.97 -1.55
N ILE A 30 -6.81 7.09 -1.96
CA ILE A 30 -6.95 5.67 -1.67
C ILE A 30 -6.58 5.36 -0.22
N ASP A 31 -5.58 6.06 0.29
CA ASP A 31 -5.14 5.87 1.67
C ASP A 31 -6.31 5.96 2.64
N ARG A 32 -7.01 7.09 2.61
CA ARG A 32 -8.15 7.30 3.48
C ARG A 32 -9.13 6.13 3.40
N ALA A 33 -9.16 5.48 2.24
CA ALA A 33 -10.05 4.35 2.03
C ALA A 33 -9.69 3.19 2.95
N LEU A 34 -8.40 3.00 3.18
CA LEU A 34 -7.92 1.94 4.05
C LEU A 34 -7.75 2.43 5.48
N GLY A 35 -7.58 3.73 5.64
CA GLY A 35 -7.42 4.31 6.96
C GLY A 35 -5.98 4.21 7.46
N ILE A 36 -5.03 4.51 6.58
CA ILE A 36 -3.62 4.44 6.93
C ILE A 36 -3.17 5.72 7.63
N ASP A 37 -3.74 6.85 7.22
CA ASP A 37 -3.41 8.13 7.82
C ASP A 37 -3.87 8.20 9.28
N LYS A 38 -4.86 7.38 9.61
CA LYS A 38 -5.39 7.34 10.97
C LYS A 38 -4.57 6.41 11.85
N LEU A 39 -4.53 5.13 11.48
CA LEU A 39 -3.77 4.14 12.24
C LEU A 39 -3.90 4.38 13.74
N VAL A 40 -2.89 5.02 14.32
CA VAL A 40 -2.89 5.32 15.74
C VAL A 40 -3.36 6.75 16.01
N SER A 41 -4.57 7.06 15.53
CA SER A 41 -5.13 8.39 15.71
C SER A 41 -6.65 8.36 15.57
N GLN A 42 -7.25 9.54 15.41
CA GLN A 42 -8.69 9.65 15.27
C GLN A 42 -9.07 10.74 14.28
N GLN A 43 -10.21 10.57 13.62
CA GLN A 43 -10.67 11.54 12.64
C GLN A 43 -12.19 11.63 12.64
N GLY A 44 -12.84 10.48 12.45
CA GLY A 44 -14.30 10.45 12.43
C GLY A 44 -14.83 9.18 11.79
N GLY A 45 -14.53 8.03 12.39
CA GLY A 45 -14.99 6.77 11.85
C GLY A 45 -14.46 5.58 12.62
N GLY B 1 -1.07 -22.77 1.92
CA GLY B 1 -0.72 -21.55 1.22
C GLY B 1 -1.70 -20.43 1.47
N SER B 2 -1.66 -19.86 2.67
CA SER B 2 -2.57 -18.76 3.03
C SER B 2 -1.86 -17.75 3.91
N THR B 3 -1.66 -16.54 3.38
CA THR B 3 -1.00 -15.48 4.11
C THR B 3 -1.74 -14.16 3.96
N PRO B 4 -2.27 -13.63 5.07
CA PRO B 4 -3.01 -12.37 5.08
C PRO B 4 -2.10 -11.16 4.83
N PRO B 5 -0.82 -11.31 5.16
CA PRO B 5 0.17 -10.25 4.97
C PRO B 5 0.48 -9.99 3.50
N GLN B 6 0.75 -11.06 2.76
CA GLN B 6 1.06 -10.94 1.34
C GLN B 6 -0.16 -10.46 0.55
N ALA B 7 -1.34 -10.59 1.16
CA ALA B 7 -2.57 -10.16 0.52
C ALA B 7 -2.45 -8.74 0.00
N LEU B 8 -1.75 -7.89 0.73
CA LEU B 8 -1.56 -6.50 0.34
C LEU B 8 -0.56 -6.38 -0.80
N GLN B 9 0.44 -7.26 -0.79
CA GLN B 9 1.48 -7.25 -1.83
C GLN B 9 0.86 -7.54 -3.20
N GLN B 10 0.01 -8.55 -3.26
CA GLN B 10 -0.63 -8.93 -4.51
C GLN B 10 -1.36 -7.74 -5.13
N LEU B 11 -2.27 -7.14 -4.37
CA LEU B 11 -3.04 -5.99 -4.85
C LEU B 11 -2.13 -4.79 -5.06
N LEU B 12 -1.19 -4.59 -4.13
CA LEU B 12 -0.25 -3.49 -4.21
C LEU B 12 0.47 -3.48 -5.55
N GLN B 13 0.57 -4.65 -6.18
CA GLN B 13 1.24 -4.77 -7.47
C GLN B 13 0.53 -3.93 -8.53
N THR B 14 -0.76 -4.19 -8.72
CA THR B 14 -1.56 -3.46 -9.70
C THR B 14 -1.65 -1.98 -9.33
N LEU B 15 -1.61 -1.69 -8.04
CA LEU B 15 -1.70 -0.32 -7.55
C LEU B 15 -0.43 0.46 -7.90
N LYS B 16 0.68 -0.26 -8.03
CA LYS B 16 1.95 0.36 -8.35
C LYS B 16 2.19 0.37 -9.86
N SER B 17 1.57 -0.58 -10.56
CA SER B 17 1.72 -0.69 -12.00
C SER B 17 0.62 0.10 -12.71
N PRO B 18 0.92 0.53 -13.95
CA PRO B 18 -0.03 1.30 -14.76
C PRO B 18 -1.20 0.46 -15.24
N SER B 19 -1.63 -0.48 -14.40
CA SER B 19 -2.75 -1.35 -14.75
C SER B 19 -3.98 -0.55 -15.14
N SER B 20 -5.08 -1.24 -15.36
CA SER B 20 -6.33 -0.58 -15.75
C SER B 20 -6.91 0.21 -14.59
N PRO B 21 -7.96 1.00 -14.87
CA PRO B 21 -8.63 1.82 -13.87
C PRO B 21 -9.41 0.98 -12.86
N GLN B 22 -10.03 -0.09 -13.34
CA GLN B 22 -10.82 -0.97 -12.49
C GLN B 22 -9.93 -1.65 -11.44
N GLN B 23 -8.75 -2.09 -11.88
CA GLN B 23 -7.81 -2.75 -10.98
C GLN B 23 -7.36 -1.81 -9.87
N GLN B 24 -6.91 -0.62 -10.25
CA GLN B 24 -6.46 0.38 -9.29
C GLN B 24 -7.50 0.59 -8.19
N GLN B 25 -8.75 0.77 -8.59
CA GLN B 25 -9.83 0.98 -7.65
C GLN B 25 -10.06 -0.26 -6.79
N GLN B 26 -9.83 -1.42 -7.38
CA GLN B 26 -10.01 -2.68 -6.66
C GLN B 26 -9.01 -2.82 -5.52
N VAL B 27 -7.79 -2.33 -5.75
CA VAL B 27 -6.74 -2.40 -4.75
C VAL B 27 -7.21 -1.83 -3.42
N LEU B 28 -7.63 -0.56 -3.43
CA LEU B 28 -8.10 0.11 -2.23
C LEU B 28 -9.22 -0.69 -1.57
N GLN B 29 -10.04 -1.34 -2.39
CA GLN B 29 -11.15 -2.15 -1.89
C GLN B 29 -10.65 -3.25 -0.96
N ILE B 30 -9.59 -3.94 -1.40
CA ILE B 30 -9.02 -5.03 -0.61
C ILE B 30 -8.34 -4.49 0.64
N LEU B 31 -7.39 -3.57 0.46
CA LEU B 31 -6.67 -2.98 1.58
C LEU B 31 -7.64 -2.48 2.65
N LYS B 32 -8.82 -2.05 2.21
CA LYS B 32 -9.84 -1.55 3.12
C LYS B 32 -10.26 -2.64 4.11
N SER B 33 -10.41 -3.87 3.61
CA SER B 33 -10.80 -4.99 4.45
C SER B 33 -9.66 -5.45 5.33
N ASN B 34 -8.45 -5.02 4.99
CA ASN B 34 -7.26 -5.39 5.76
C ASN B 34 -6.59 -4.16 6.34
N PRO B 35 -7.02 -3.76 7.54
CA PRO B 35 -6.48 -2.59 8.24
C PRO B 35 -5.05 -2.82 8.72
N GLN B 36 -4.74 -4.07 9.09
CA GLN B 36 -3.41 -4.41 9.57
C GLN B 36 -2.41 -4.42 8.43
N LEU B 37 -2.90 -4.46 7.20
CA LEU B 37 -2.05 -4.47 6.02
C LEU B 37 -1.65 -3.05 5.63
N MET B 38 -2.60 -2.12 5.73
CA MET B 38 -2.35 -0.73 5.38
C MET B 38 -1.07 -0.23 6.07
N ALA B 39 -0.82 -0.73 7.27
CA ALA B 39 0.36 -0.33 8.03
C ALA B 39 1.63 -0.51 7.20
N ALA B 40 1.65 -1.53 6.36
CA ALA B 40 2.79 -1.81 5.51
C ALA B 40 3.01 -0.70 4.50
N PHE B 41 1.92 -0.17 3.96
CA PHE B 41 1.99 0.91 2.98
C PHE B 41 2.80 2.09 3.52
N ILE B 42 2.36 2.63 4.65
CA ILE B 42 3.04 3.75 5.28
C ILE B 42 4.46 3.37 5.70
N LYS B 43 4.63 2.12 6.08
CA LYS B 43 5.94 1.62 6.51
C LYS B 43 7.03 2.05 5.53
N GLN B 44 6.68 2.14 4.25
CA GLN B 44 7.62 2.54 3.22
C GLN B 44 8.09 3.97 3.43
N ARG B 45 7.14 4.86 3.75
CA ARG B 45 7.45 6.26 3.97
C ARG B 45 8.00 6.47 5.38
N SER B 46 7.57 5.64 6.31
CA SER B 46 8.02 5.73 7.70
C SER B 46 9.49 5.35 7.83
N GLN B 47 9.90 4.36 7.03
CA GLN B 47 11.28 3.89 7.05
C GLN B 47 12.11 4.60 5.99
N HIS B 48 11.49 5.52 5.27
CA HIS B 48 12.17 6.27 4.22
C HIS B 48 12.00 7.77 4.43
N GLN B 49 13.11 8.46 4.67
CA GLN B 49 13.08 9.90 4.89
C GLN B 49 12.23 10.25 6.10
N GLN B 50 12.26 11.53 6.49
CA GLN B 50 11.49 11.99 7.63
C GLN B 50 11.94 11.29 8.91
#